data_7CQT
#
_entry.id   7CQT
#
_cell.length_a   66.61
_cell.length_b   121.61
_cell.length_c   118.61
_cell.angle_alpha   90
_cell.angle_beta   91.71
_cell.angle_gamma   90
#
_symmetry.space_group_name_H-M   'P 1 21 1'
#
loop_
_entity.id
_entity.type
_entity.pdbx_description
1 polymer '3-hydroxy-3-methylglutaryl coenzyme A synthase'
2 non-polymer 'ACETYL COENZYME *A'
3 non-polymer "ADENOSINE-3'-5'-DIPHOSPHATE"
#
_entity_poly.entity_id   1
_entity_poly.type   'polypeptide(L)'
_entity_poly.pdbx_seq_one_letter_code
;MAKNVGILAMDIYFPPTCVQQEALEAHDGASKGKYTIGLGQDCLAFCTELEDVISMSFNAVTSLLEKYKIDPKQIGRLEV
GSETVIDKSKSIKTFLMQLFEKCGNTDVEGVDSTNACYGGTAALLNCVNWVESNSWDGRYGLVICTDSAVYAEGPARPTG
GAAAIAMLIGPDAPIVFESKLRGSHMAHVYDFYKPNLASEYPVVDGKLSQTCYLMALDSCYKHLCNKFEKLEGKEFSIND
ADYFVFHSPYNKLVQKSFARLLYNDFLRNASSIDEAAKEKFTPYSSLSLDESYQSRDLEKVSQQLAKTYYDAKVQPTTLV
PKQVGNMYTASLYAAFASLVHNKHSDLAGKRVVMFSYGAGSTATMFSLRLCENQSPFSLSNIASVMDVGGKLKARHEYAP
EKFVETMKLMEHRYGAKEFVTSKEGILDLLAPGTYYLKEVDSLYRRFYGKKGDDGSITNGH
;
_entity_poly.pdbx_strand_id   A,B,C,D
#
loop_
_chem_comp.id
_chem_comp.type
_chem_comp.name
_chem_comp.formula
A3P RNA linking ADENOSINE-3'-5'-DIPHOSPHATE 'C10 H15 N5 O10 P2'
ACO non-polymer 'ACETYL COENZYME *A' 'C23 H38 N7 O17 P3 S'
#
# COMPACT_ATOMS: atom_id res chain seq x y z
N ALA A 2 -28.28 -6.83 -7.92
CA ALA A 2 -28.32 -8.15 -7.30
C ALA A 2 -28.00 -8.05 -5.84
N LYS A 3 -28.72 -8.77 -5.01
CA LYS A 3 -28.79 -8.30 -3.65
C LYS A 3 -28.73 -9.52 -2.73
N ASN A 4 -28.06 -9.36 -1.58
CA ASN A 4 -27.91 -10.44 -0.61
C ASN A 4 -27.51 -11.74 -1.30
N VAL A 5 -26.54 -11.66 -2.21
CA VAL A 5 -26.23 -12.82 -3.04
C VAL A 5 -25.36 -13.80 -2.27
N GLY A 6 -25.62 -15.09 -2.50
CA GLY A 6 -24.96 -16.16 -1.79
C GLY A 6 -25.50 -17.50 -2.21
N ILE A 7 -25.38 -18.50 -1.35
CA ILE A 7 -25.81 -19.86 -1.68
C ILE A 7 -27.31 -19.97 -1.47
N LEU A 8 -28.03 -20.39 -2.53
CA LEU A 8 -29.46 -20.63 -2.44
C LEU A 8 -29.81 -22.10 -2.20
N ALA A 9 -28.99 -23.02 -2.67
CA ALA A 9 -29.31 -24.44 -2.59
C ALA A 9 -28.02 -25.24 -2.63
N MET A 10 -28.06 -26.43 -2.03
CA MET A 10 -26.95 -27.37 -2.10
C MET A 10 -27.46 -28.78 -2.25
N ASP A 11 -26.64 -29.63 -2.86
CA ASP A 11 -26.81 -31.06 -2.77
C ASP A 11 -25.44 -31.71 -2.87
N ILE A 12 -25.33 -32.89 -2.28
CA ILE A 12 -24.06 -33.56 -2.09
C ILE A 12 -24.20 -35.00 -2.52
N TYR A 13 -23.18 -35.52 -3.20
CA TYR A 13 -23.10 -36.93 -3.52
C TYR A 13 -21.71 -37.47 -3.20
N PHE A 14 -21.68 -38.66 -2.61
CA PHE A 14 -20.48 -39.41 -2.37
C PHE A 14 -20.78 -40.87 -2.66
N PRO A 15 -19.77 -41.65 -3.01
CA PRO A 15 -20.01 -43.07 -3.33
C PRO A 15 -20.59 -43.81 -2.15
N PRO A 16 -21.51 -44.76 -2.40
CA PRO A 16 -22.01 -45.60 -1.31
C PRO A 16 -21.03 -46.67 -0.87
N THR A 17 -19.99 -46.94 -1.65
CA THR A 17 -18.98 -47.92 -1.24
C THR A 17 -17.94 -47.26 -0.35
N CYS A 18 -17.71 -47.87 0.81
CA CYS A 18 -16.86 -47.24 1.82
C CYS A 18 -16.17 -48.32 2.64
N VAL A 19 -15.18 -47.87 3.41
CA VAL A 19 -14.49 -48.67 4.40
C VAL A 19 -14.60 -47.96 5.73
N GLN A 20 -14.61 -48.75 6.80
CA GLN A 20 -14.61 -48.20 8.14
C GLN A 20 -13.18 -48.21 8.64
N GLN A 21 -12.82 -47.17 9.37
CA GLN A 21 -11.39 -46.96 9.60
C GLN A 21 -10.92 -47.87 10.72
N GLU A 22 -11.80 -48.17 11.68
CA GLU A 22 -11.52 -49.21 12.65
C GLU A 22 -11.13 -50.51 11.96
N ALA A 23 -11.94 -50.96 10.99
CA ALA A 23 -11.64 -52.17 10.26
C ALA A 23 -10.31 -52.06 9.52
N LEU A 24 -9.95 -50.86 9.07
CA LEU A 24 -8.72 -50.64 8.33
C LEU A 24 -7.50 -50.42 9.22
N GLU A 25 -7.69 -49.96 10.46
CA GLU A 25 -6.59 -49.97 11.42
C GLU A 25 -6.06 -51.39 11.60
N ALA A 26 -6.97 -52.33 11.86
CA ALA A 26 -6.57 -53.73 12.00
C ALA A 26 -5.89 -54.22 10.73
N HIS A 27 -6.47 -53.92 9.57
CA HIS A 27 -5.92 -54.44 8.32
C HIS A 27 -4.55 -53.84 8.02
N ASP A 28 -4.40 -52.52 8.14
CA ASP A 28 -3.10 -51.93 7.79
C ASP A 28 -2.03 -52.15 8.84
N GLY A 29 -2.33 -52.81 9.94
CA GLY A 29 -1.33 -53.05 10.97
C GLY A 29 -0.99 -51.80 11.74
N ALA A 30 -2.02 -51.08 12.18
CA ALA A 30 -1.90 -49.79 12.83
C ALA A 30 -2.22 -49.95 14.31
N SER A 31 -1.60 -49.12 15.15
CA SER A 31 -2.00 -49.00 16.55
C SER A 31 -3.51 -48.80 16.64
N LYS A 32 -4.14 -49.38 17.67
CA LYS A 32 -5.54 -49.10 17.90
C LYS A 32 -5.74 -47.61 18.09
N GLY A 33 -6.75 -47.06 17.40
CA GLY A 33 -7.08 -45.66 17.54
C GLY A 33 -6.32 -44.73 16.64
N LYS A 34 -5.35 -45.21 15.87
CA LYS A 34 -4.50 -44.31 15.09
C LYS A 34 -5.27 -43.67 13.95
N TYR A 35 -6.33 -44.31 13.46
CA TYR A 35 -7.18 -43.70 12.44
C TYR A 35 -8.44 -43.08 13.02
N THR A 36 -9.12 -43.76 13.95
CA THR A 36 -10.35 -43.22 14.51
C THR A 36 -10.09 -42.01 15.39
N ILE A 37 -9.04 -42.07 16.20
CA ILE A 37 -8.70 -41.00 17.13
C ILE A 37 -7.50 -40.20 16.67
N GLY A 38 -6.48 -40.86 16.14
CA GLY A 38 -5.32 -40.13 15.64
C GLY A 38 -5.66 -39.17 14.52
N LEU A 39 -6.31 -39.68 13.47
CA LEU A 39 -6.76 -38.83 12.39
C LEU A 39 -8.20 -38.36 12.55
N GLY A 40 -8.94 -38.94 13.50
CA GLY A 40 -10.30 -38.50 13.74
C GLY A 40 -11.31 -38.94 12.72
N GLN A 41 -11.00 -39.96 11.91
CA GLN A 41 -11.90 -40.36 10.84
C GLN A 41 -12.59 -41.67 11.19
N ASP A 42 -13.83 -41.82 10.71
CA ASP A 42 -14.66 -42.99 11.01
C ASP A 42 -14.92 -43.88 9.81
N CYS A 43 -15.14 -43.29 8.63
CA CYS A 43 -15.45 -44.10 7.46
C CYS A 43 -14.89 -43.41 6.22
N LEU A 44 -14.36 -44.19 5.30
CA LEU A 44 -13.67 -43.66 4.12
C LEU A 44 -14.43 -44.09 2.87
N ALA A 45 -15.03 -43.12 2.19
CA ALA A 45 -15.71 -43.36 0.92
C ALA A 45 -14.72 -43.30 -0.24
N PHE A 46 -15.02 -44.07 -1.28
CA PHE A 46 -14.12 -44.13 -2.42
C PHE A 46 -14.89 -44.53 -3.66
N CYS A 47 -14.37 -44.12 -4.81
CA CYS A 47 -15.00 -44.42 -6.08
C CYS A 47 -14.64 -45.83 -6.53
N THR A 48 -15.63 -46.58 -6.97
CA THR A 48 -15.35 -47.83 -7.65
C THR A 48 -15.00 -47.53 -9.11
N GLU A 49 -14.82 -48.60 -9.88
CA GLU A 49 -14.47 -48.45 -11.29
C GLU A 49 -15.57 -47.73 -12.07
N LEU A 50 -16.79 -47.71 -11.54
CA LEU A 50 -17.93 -47.12 -12.21
C LEU A 50 -18.08 -45.62 -11.95
N GLU A 51 -17.48 -45.09 -10.88
CA GLU A 51 -17.66 -43.70 -10.49
C GLU A 51 -16.36 -42.91 -10.63
N ASP A 52 -16.52 -41.62 -10.88
CA ASP A 52 -15.41 -40.68 -11.02
C ASP A 52 -15.98 -39.27 -10.82
N VAL A 53 -15.16 -38.25 -11.08
CA VAL A 53 -15.59 -36.89 -10.80
C VAL A 53 -16.66 -36.43 -11.78
N ILE A 54 -16.64 -36.95 -13.02
CA ILE A 54 -17.71 -36.67 -13.95
C ILE A 54 -19.01 -37.28 -13.45
N SER A 55 -18.99 -38.58 -13.16
CA SER A 55 -20.15 -39.29 -12.61
C SER A 55 -20.71 -38.56 -11.40
N MET A 56 -19.87 -38.32 -10.39
CA MET A 56 -20.33 -37.65 -9.18
C MET A 56 -20.89 -36.27 -9.48
N SER A 57 -20.29 -35.56 -10.46
CA SER A 57 -20.81 -34.25 -10.84
C SER A 57 -22.23 -34.38 -11.39
N PHE A 58 -22.45 -35.34 -12.29
CA PHE A 58 -23.78 -35.57 -12.81
C PHE A 58 -24.78 -35.80 -11.69
N ASN A 59 -24.46 -36.68 -10.74
CA ASN A 59 -25.40 -36.97 -9.66
C ASN A 59 -25.74 -35.71 -8.87
N ALA A 60 -24.73 -34.90 -8.54
CA ALA A 60 -24.98 -33.72 -7.72
C ALA A 60 -25.77 -32.66 -8.47
N VAL A 61 -25.44 -32.43 -9.75
CA VAL A 61 -26.16 -31.45 -10.54
C VAL A 61 -27.62 -31.84 -10.69
N THR A 62 -27.88 -33.02 -11.28
CA THR A 62 -29.26 -33.45 -11.52
C THR A 62 -30.07 -33.44 -10.23
N SER A 63 -29.53 -34.05 -9.18
CA SER A 63 -30.26 -34.16 -7.91
C SER A 63 -30.57 -32.79 -7.32
N LEU A 64 -29.77 -31.78 -7.65
CA LEU A 64 -30.06 -30.44 -7.15
C LEU A 64 -31.18 -29.79 -7.94
N LEU A 65 -31.19 -29.95 -9.27
CA LEU A 65 -32.21 -29.31 -10.09
C LEU A 65 -33.58 -29.97 -9.91
N GLU A 66 -33.62 -31.29 -9.87
CA GLU A 66 -34.87 -32.00 -9.66
C GLU A 66 -35.43 -31.72 -8.27
N LYS A 67 -34.69 -32.08 -7.22
CA LYS A 67 -35.23 -31.98 -5.86
C LYS A 67 -35.59 -30.55 -5.48
N TYR A 68 -34.94 -29.55 -6.07
CA TYR A 68 -35.34 -28.17 -5.83
C TYR A 68 -36.28 -27.64 -6.91
N LYS A 69 -36.60 -28.46 -7.92
CA LYS A 69 -37.46 -28.09 -9.05
C LYS A 69 -37.03 -26.74 -9.63
N ILE A 70 -35.85 -26.76 -10.26
CA ILE A 70 -35.28 -25.57 -10.88
C ILE A 70 -35.06 -25.85 -12.37
N ASP A 71 -35.44 -24.88 -13.20
CA ASP A 71 -35.42 -25.05 -14.65
C ASP A 71 -33.99 -24.92 -15.19
N PRO A 72 -33.45 -25.93 -15.90
CA PRO A 72 -32.07 -25.86 -16.43
C PRO A 72 -31.80 -24.62 -17.29
N LYS A 73 -32.85 -24.00 -17.78
CA LYS A 73 -32.72 -22.77 -18.55
C LYS A 73 -32.73 -21.51 -17.71
N GLN A 74 -32.68 -21.64 -16.39
CA GLN A 74 -32.36 -20.52 -15.52
C GLN A 74 -30.99 -20.72 -14.88
N ILE A 75 -30.09 -21.41 -15.58
CA ILE A 75 -28.66 -21.47 -15.26
C ILE A 75 -27.89 -20.56 -16.20
N GLY A 76 -27.27 -19.51 -15.65
CA GLY A 76 -26.48 -18.61 -16.47
C GLY A 76 -24.99 -18.86 -16.41
N ARG A 77 -24.52 -19.54 -15.37
CA ARG A 77 -23.08 -19.79 -15.24
C ARG A 77 -22.84 -21.10 -14.49
N LEU A 78 -21.92 -21.91 -15.02
CA LEU A 78 -21.58 -23.20 -14.45
C LEU A 78 -20.07 -23.26 -14.32
N GLU A 79 -19.58 -23.44 -13.10
CA GLU A 79 -18.16 -23.58 -12.81
C GLU A 79 -17.86 -24.80 -11.98
N VAL A 80 -16.73 -25.44 -12.29
CA VAL A 80 -16.31 -26.67 -11.64
C VAL A 80 -14.98 -26.40 -10.95
N GLY A 81 -14.90 -26.79 -9.69
CA GLY A 81 -13.67 -26.76 -8.93
C GLY A 81 -13.25 -28.18 -8.64
N SER A 82 -12.01 -28.50 -8.99
CA SER A 82 -11.56 -29.88 -8.88
C SER A 82 -10.05 -29.90 -9.01
N GLU A 83 -9.45 -31.00 -8.59
CA GLU A 83 -8.04 -31.23 -8.84
C GLU A 83 -7.77 -32.58 -9.50
N THR A 84 -8.77 -33.44 -9.65
CA THR A 84 -8.61 -34.68 -10.39
C THR A 84 -8.60 -34.38 -11.89
N VAL A 85 -7.47 -34.66 -12.54
CA VAL A 85 -7.31 -34.39 -13.96
C VAL A 85 -7.71 -35.64 -14.73
N ILE A 86 -8.88 -35.60 -15.38
CA ILE A 86 -9.25 -36.64 -16.33
C ILE A 86 -8.63 -36.36 -17.69
N ASP A 87 -8.80 -35.12 -18.17
CA ASP A 87 -8.20 -34.63 -19.41
C ASP A 87 -7.54 -33.29 -19.09
N LYS A 88 -6.44 -33.01 -19.80
CA LYS A 88 -5.63 -31.84 -19.53
C LYS A 88 -6.10 -30.60 -20.28
N SER A 89 -7.13 -30.71 -21.12
CA SER A 89 -7.57 -29.59 -21.94
C SER A 89 -9.08 -29.46 -21.95
N LYS A 90 -9.80 -30.57 -22.09
CA LYS A 90 -11.25 -30.57 -22.07
C LYS A 90 -11.71 -30.67 -20.62
N SER A 91 -12.42 -29.63 -20.16
CA SER A 91 -12.74 -29.47 -18.75
C SER A 91 -13.94 -30.32 -18.36
N ILE A 92 -14.08 -30.52 -17.04
CA ILE A 92 -15.26 -31.18 -16.48
C ILE A 92 -16.50 -30.37 -16.84
N LYS A 93 -16.37 -29.05 -16.92
CA LYS A 93 -17.51 -28.20 -17.20
C LYS A 93 -18.18 -28.56 -18.52
N THR A 94 -17.38 -28.82 -19.56
CA THR A 94 -17.96 -29.21 -20.85
C THR A 94 -18.69 -30.54 -20.74
N PHE A 95 -18.10 -31.50 -20.03
CA PHE A 95 -18.79 -32.76 -19.78
C PHE A 95 -20.18 -32.52 -19.19
N LEU A 96 -20.30 -31.56 -18.29
CA LEU A 96 -21.59 -31.29 -17.65
C LEU A 96 -22.60 -30.72 -18.64
N MET A 97 -22.14 -30.22 -19.78
CA MET A 97 -23.04 -29.58 -20.72
C MET A 97 -23.98 -30.55 -21.42
N GLN A 98 -23.77 -31.86 -21.28
CA GLN A 98 -24.72 -32.79 -21.85
C GLN A 98 -25.99 -32.89 -21.03
N LEU A 99 -25.99 -32.35 -19.81
CA LEU A 99 -27.22 -32.18 -19.04
C LEU A 99 -28.05 -31.02 -19.56
N PHE A 100 -27.47 -30.16 -20.36
CA PHE A 100 -28.15 -29.00 -20.87
C PHE A 100 -28.42 -29.09 -22.37
N GLU A 101 -28.12 -30.22 -23.03
CA GLU A 101 -28.46 -30.16 -24.43
C GLU A 101 -29.91 -30.43 -24.70
N LYS A 102 -30.57 -31.26 -23.87
CA LYS A 102 -31.96 -31.57 -24.18
C LYS A 102 -32.79 -30.34 -23.83
N CYS A 103 -32.11 -29.29 -23.36
CA CYS A 103 -32.73 -28.03 -23.04
C CYS A 103 -32.43 -26.90 -24.01
N GLY A 104 -31.48 -27.06 -24.93
CA GLY A 104 -31.08 -25.94 -25.76
C GLY A 104 -30.36 -24.83 -25.04
N ASN A 105 -30.16 -24.93 -23.72
CA ASN A 105 -29.49 -23.86 -22.98
C ASN A 105 -28.00 -24.06 -23.14
N THR A 106 -27.38 -23.28 -24.01
CA THR A 106 -25.94 -23.34 -24.21
C THR A 106 -25.26 -22.02 -23.90
N ASP A 107 -26.02 -21.01 -23.47
CA ASP A 107 -25.49 -19.70 -23.15
C ASP A 107 -25.16 -19.60 -21.65
N VAL A 108 -24.21 -20.43 -21.26
CA VAL A 108 -23.73 -20.55 -19.88
C VAL A 108 -22.26 -20.12 -19.87
N GLU A 109 -21.88 -19.30 -18.89
CA GLU A 109 -20.47 -18.98 -18.74
C GLU A 109 -19.82 -19.94 -17.74
N GLY A 110 -18.49 -19.91 -17.68
CA GLY A 110 -17.76 -20.66 -16.68
C GLY A 110 -16.97 -21.81 -17.28
N VAL A 111 -15.87 -22.19 -16.60
CA VAL A 111 -14.97 -23.27 -16.99
C VAL A 111 -14.45 -23.91 -15.70
N ASP A 112 -13.40 -24.72 -15.76
CA ASP A 112 -12.84 -25.26 -14.52
C ASP A 112 -11.86 -24.27 -13.88
N SER A 113 -11.92 -24.19 -12.55
CA SER A 113 -10.92 -23.49 -11.74
C SER A 113 -10.11 -24.53 -10.97
N THR A 114 -8.79 -24.35 -10.93
CA THR A 114 -7.93 -25.38 -10.37
C THR A 114 -6.80 -24.80 -9.53
N ASN A 115 -6.71 -25.28 -8.28
CA ASN A 115 -5.50 -25.28 -7.46
C ASN A 115 -5.75 -26.09 -6.19
N ALA A 116 -5.28 -27.34 -6.20
CA ALA A 116 -5.39 -28.28 -5.09
C ALA A 116 -6.83 -28.25 -4.55
N CYS A 117 -7.02 -28.18 -3.24
CA CYS A 117 -8.34 -28.24 -2.61
C CYS A 117 -9.02 -26.89 -2.53
N TYR A 118 -8.58 -25.91 -3.34
CA TYR A 118 -9.13 -24.56 -3.31
C TYR A 118 -9.97 -24.23 -4.53
N GLY A 119 -9.87 -25.01 -5.61
CA GLY A 119 -10.57 -24.66 -6.85
C GLY A 119 -12.07 -24.50 -6.68
N GLY A 120 -12.68 -25.33 -5.83
CA GLY A 120 -14.09 -25.17 -5.55
C GLY A 120 -14.43 -23.84 -4.91
N THR A 121 -13.64 -23.41 -3.93
CA THR A 121 -13.86 -22.10 -3.33
C THR A 121 -13.64 -21.00 -4.36
N ALA A 122 -12.58 -21.12 -5.17
CA ALA A 122 -12.34 -20.12 -6.20
C ALA A 122 -13.53 -20.00 -7.15
N ALA A 123 -14.14 -21.15 -7.51
CA ALA A 123 -15.31 -21.12 -8.39
C ALA A 123 -16.49 -20.44 -7.70
N LEU A 124 -16.76 -20.83 -6.45
CA LEU A 124 -17.82 -20.19 -5.68
C LEU A 124 -17.66 -18.67 -5.65
N LEU A 125 -16.44 -18.19 -5.39
CA LEU A 125 -16.20 -16.76 -5.35
C LEU A 125 -16.35 -16.13 -6.72
N ASN A 126 -15.80 -16.77 -7.77
CA ASN A 126 -16.02 -16.31 -9.14
C ASN A 126 -17.50 -16.21 -9.45
N CYS A 127 -18.28 -17.16 -8.94
CA CYS A 127 -19.70 -17.21 -9.26
C CYS A 127 -20.45 -16.10 -8.52
N VAL A 128 -20.13 -15.89 -7.24
CA VAL A 128 -20.70 -14.78 -6.50
C VAL A 128 -20.44 -13.46 -7.23
N ASN A 129 -19.19 -13.24 -7.65
CA ASN A 129 -18.86 -12.01 -8.36
C ASN A 129 -19.57 -11.88 -9.70
N TRP A 130 -20.08 -12.98 -10.25
CA TRP A 130 -20.83 -12.90 -11.50
C TRP A 130 -22.23 -12.32 -11.27
N VAL A 131 -22.94 -12.84 -10.27
CA VAL A 131 -24.28 -12.34 -9.97
C VAL A 131 -24.25 -10.84 -9.64
N GLU A 132 -23.17 -10.37 -9.01
CA GLU A 132 -23.01 -8.96 -8.72
C GLU A 132 -22.34 -8.19 -9.85
N SER A 133 -22.13 -8.81 -11.01
CA SER A 133 -21.41 -8.14 -12.07
C SER A 133 -22.37 -7.38 -12.97
N ASN A 134 -21.81 -6.42 -13.71
CA ASN A 134 -22.59 -5.80 -14.77
C ASN A 134 -22.99 -6.84 -15.81
N SER A 135 -22.19 -7.89 -15.95
CA SER A 135 -22.47 -8.94 -16.92
C SER A 135 -23.58 -9.89 -16.48
N TRP A 136 -24.21 -9.68 -15.33
CA TRP A 136 -25.24 -10.61 -14.88
C TRP A 136 -26.45 -10.57 -15.80
N ASP A 137 -27.25 -11.66 -15.76
CA ASP A 137 -28.43 -11.75 -16.60
C ASP A 137 -29.63 -12.29 -15.82
N GLY A 138 -29.60 -12.23 -14.50
CA GLY A 138 -30.72 -12.64 -13.68
C GLY A 138 -30.84 -14.13 -13.44
N ARG A 139 -30.03 -14.96 -14.10
CA ARG A 139 -30.11 -16.40 -13.95
C ARG A 139 -29.21 -16.89 -12.83
N TYR A 140 -29.48 -18.10 -12.37
CA TYR A 140 -28.72 -18.69 -11.28
C TYR A 140 -27.32 -19.07 -11.73
N GLY A 141 -26.34 -18.87 -10.85
CA GLY A 141 -25.05 -19.49 -10.99
C GLY A 141 -25.06 -20.87 -10.35
N LEU A 142 -24.24 -21.76 -10.87
CA LEU A 142 -24.14 -23.12 -10.35
C LEU A 142 -22.68 -23.50 -10.23
N VAL A 143 -22.26 -23.94 -9.04
CA VAL A 143 -20.87 -24.25 -8.73
C VAL A 143 -20.77 -25.71 -8.33
N ILE A 144 -19.74 -26.41 -8.83
CA ILE A 144 -19.53 -27.82 -8.54
C ILE A 144 -18.14 -28.01 -7.94
N CYS A 145 -18.07 -28.81 -6.87
CA CYS A 145 -16.82 -29.24 -6.26
C CYS A 145 -16.80 -30.75 -6.29
N THR A 146 -15.89 -31.33 -7.06
CA THR A 146 -15.87 -32.78 -7.23
C THR A 146 -14.44 -33.27 -7.21
N ASP A 147 -14.17 -34.34 -6.46
CA ASP A 147 -12.82 -34.85 -6.35
C ASP A 147 -12.86 -36.29 -5.85
N SER A 148 -11.82 -37.04 -6.21
CA SER A 148 -11.57 -38.37 -5.65
C SER A 148 -10.18 -38.35 -5.03
N ALA A 149 -10.11 -38.39 -3.69
CA ALA A 149 -8.85 -38.31 -2.96
C ALA A 149 -8.32 -39.72 -2.76
N VAL A 150 -7.19 -40.00 -3.40
CA VAL A 150 -6.62 -41.34 -3.47
C VAL A 150 -5.11 -41.21 -3.28
N TYR A 151 -4.53 -42.13 -2.52
CA TYR A 151 -3.09 -42.15 -2.33
C TYR A 151 -2.57 -43.56 -2.56
N ALA A 152 -1.25 -43.65 -2.78
CA ALA A 152 -0.63 -44.97 -2.83
C ALA A 152 -0.72 -45.59 -1.44
N GLU A 153 -0.41 -46.87 -1.38
CA GLU A 153 -0.50 -47.54 -0.09
C GLU A 153 0.65 -47.09 0.78
N GLY A 154 0.37 -46.07 1.56
CA GLY A 154 1.28 -45.53 2.51
C GLY A 154 0.45 -44.92 3.62
N PRO A 155 1.07 -44.06 4.42
CA PRO A 155 0.37 -43.47 5.57
C PRO A 155 -0.64 -42.41 5.21
N ALA A 156 -0.81 -42.11 3.93
CA ALA A 156 -1.81 -41.14 3.51
C ALA A 156 -3.06 -41.80 2.93
N ARG A 157 -2.97 -43.07 2.54
CA ARG A 157 -4.16 -43.78 2.07
C ARG A 157 -5.33 -43.73 3.04
N PRO A 158 -5.15 -43.78 4.37
CA PRO A 158 -6.31 -43.64 5.25
C PRO A 158 -7.01 -42.30 5.12
N THR A 159 -6.35 -41.27 4.60
CA THR A 159 -6.95 -39.95 4.45
C THR A 159 -7.62 -39.77 3.09
N GLY A 160 -8.01 -40.85 2.42
CA GLY A 160 -8.68 -40.74 1.14
C GLY A 160 -10.12 -40.27 1.29
N GLY A 161 -10.77 -40.12 0.14
CA GLY A 161 -12.17 -39.74 0.13
C GLY A 161 -12.63 -39.53 -1.30
N ALA A 162 -13.92 -39.24 -1.44
CA ALA A 162 -14.51 -38.88 -2.72
C ALA A 162 -15.88 -38.29 -2.50
N ALA A 163 -16.18 -37.20 -3.20
CA ALA A 163 -17.51 -36.61 -3.15
C ALA A 163 -17.60 -35.53 -4.21
N ALA A 164 -18.84 -35.11 -4.48
CA ALA A 164 -19.13 -33.97 -5.33
C ALA A 164 -20.24 -33.17 -4.67
N ILE A 165 -20.13 -31.85 -4.73
CA ILE A 165 -21.13 -30.97 -4.16
C ILE A 165 -21.52 -29.92 -5.18
N ALA A 166 -22.82 -29.66 -5.28
CA ALA A 166 -23.37 -28.64 -6.15
C ALA A 166 -23.97 -27.54 -5.29
N MET A 167 -23.79 -26.30 -5.74
CA MET A 167 -24.31 -25.14 -5.02
C MET A 167 -24.92 -24.15 -6.01
N LEU A 168 -26.14 -23.72 -5.73
CA LEU A 168 -26.86 -22.77 -6.56
C LEU A 168 -26.62 -21.35 -6.04
N ILE A 169 -26.10 -20.46 -6.89
CA ILE A 169 -25.75 -19.10 -6.51
C ILE A 169 -26.77 -18.12 -7.09
N GLY A 170 -27.29 -17.24 -6.24
CA GLY A 170 -28.26 -16.27 -6.67
C GLY A 170 -28.56 -15.27 -5.58
N PRO A 171 -29.36 -14.26 -5.89
CA PRO A 171 -29.58 -13.22 -4.91
C PRO A 171 -30.59 -13.62 -3.84
N ASP A 172 -30.50 -12.86 -2.76
CA ASP A 172 -31.48 -12.88 -1.72
C ASP A 172 -31.63 -14.32 -1.20
N ALA A 173 -30.52 -14.79 -0.66
CA ALA A 173 -30.22 -16.16 -0.26
C ALA A 173 -30.28 -16.34 1.25
N PRO A 174 -30.57 -17.56 1.71
CA PRO A 174 -30.41 -17.86 3.13
C PRO A 174 -28.96 -17.82 3.60
N ILE A 175 -28.00 -17.90 2.70
CA ILE A 175 -26.57 -17.92 3.05
C ILE A 175 -25.92 -16.78 2.30
N VAL A 176 -25.93 -15.58 2.90
CA VAL A 176 -25.41 -14.40 2.23
C VAL A 176 -23.91 -14.30 2.52
N PHE A 177 -23.19 -13.71 1.57
CA PHE A 177 -21.76 -13.50 1.69
C PHE A 177 -21.50 -12.14 2.32
N GLU A 178 -20.68 -12.12 3.37
CA GLU A 178 -20.22 -10.87 3.95
C GLU A 178 -18.99 -10.45 3.15
N SER A 179 -19.28 -9.87 1.97
CA SER A 179 -18.32 -9.61 0.89
C SER A 179 -16.98 -9.01 1.30
N LYS A 180 -16.96 -8.03 2.21
CA LYS A 180 -15.68 -7.40 2.53
C LYS A 180 -14.99 -8.03 3.73
N LEU A 181 -15.67 -8.90 4.48
CA LEU A 181 -15.08 -9.50 5.68
C LEU A 181 -14.45 -10.81 5.25
N ARG A 182 -13.20 -10.73 4.79
CA ARG A 182 -12.49 -11.91 4.30
C ARG A 182 -10.99 -11.61 4.27
N GLY A 183 -10.20 -12.68 4.16
CA GLY A 183 -8.76 -12.56 4.02
C GLY A 183 -8.13 -13.71 3.30
N SER A 184 -7.24 -13.44 2.34
CA SER A 184 -6.60 -14.45 1.53
C SER A 184 -5.09 -14.45 1.75
N HIS A 185 -4.47 -15.61 1.56
CA HIS A 185 -3.02 -15.75 1.58
C HIS A 185 -2.59 -16.77 0.53
N MET A 186 -1.56 -16.44 -0.24
CA MET A 186 -1.15 -17.28 -1.36
C MET A 186 0.37 -17.22 -1.47
N ALA A 187 1.03 -18.36 -1.65
CA ALA A 187 2.48 -18.36 -1.80
C ALA A 187 2.89 -19.52 -2.70
N HIS A 188 4.17 -19.55 -3.02
CA HIS A 188 4.78 -20.60 -3.83
C HIS A 188 5.49 -21.55 -2.88
N VAL A 189 4.88 -22.70 -2.62
CA VAL A 189 5.46 -23.71 -1.75
C VAL A 189 5.31 -25.05 -2.42
N TYR A 190 6.21 -25.98 -2.06
CA TYR A 190 6.16 -27.33 -2.60
C TYR A 190 5.77 -28.30 -1.50
N ASP A 191 4.63 -28.06 -0.84
CA ASP A 191 4.22 -28.90 0.27
C ASP A 191 3.41 -30.10 -0.18
N PHE A 192 2.75 -30.00 -1.33
CA PHE A 192 1.89 -31.06 -1.84
C PHE A 192 1.52 -30.67 -3.26
N TYR A 193 1.70 -31.59 -4.21
CA TYR A 193 1.54 -31.27 -5.62
C TYR A 193 1.56 -32.57 -6.41
N LYS A 194 1.02 -32.52 -7.64
CA LYS A 194 0.92 -33.72 -8.46
C LYS A 194 1.84 -33.61 -9.66
N PRO A 195 3.15 -33.86 -9.51
CA PRO A 195 4.10 -33.57 -10.59
C PRO A 195 4.29 -34.69 -11.59
N ASN A 196 3.85 -35.90 -11.23
CA ASN A 196 3.98 -37.08 -12.06
C ASN A 196 2.65 -37.23 -12.80
N LEU A 197 2.67 -36.94 -14.09
CA LEU A 197 1.41 -36.82 -14.82
C LEU A 197 0.75 -38.18 -15.04
N ALA A 198 1.52 -39.27 -14.94
CA ALA A 198 0.94 -40.59 -15.13
C ALA A 198 0.14 -41.08 -13.91
N SER A 199 0.60 -40.76 -12.70
CA SER A 199 -0.03 -41.26 -11.48
C SER A 199 -1.02 -40.24 -10.94
N GLU A 200 -2.13 -40.73 -10.38
CA GLU A 200 -3.11 -39.84 -9.77
C GLU A 200 -2.75 -39.48 -8.34
N TYR A 201 -1.58 -39.92 -7.86
CA TYR A 201 -1.16 -39.76 -6.48
C TYR A 201 -0.27 -38.55 -6.33
N PRO A 202 -0.44 -37.79 -5.25
CA PRO A 202 0.37 -36.59 -5.04
C PRO A 202 1.64 -36.85 -4.24
N VAL A 203 2.62 -35.97 -4.48
CA VAL A 203 3.81 -35.87 -3.65
C VAL A 203 3.52 -35.02 -2.42
N VAL A 204 3.95 -35.49 -1.25
CA VAL A 204 3.82 -34.75 0.01
C VAL A 204 5.20 -34.62 0.63
N ASP A 205 5.56 -33.41 1.06
CA ASP A 205 6.86 -33.12 1.68
C ASP A 205 6.69 -33.02 3.20
N GLY A 206 6.81 -34.16 3.88
CA GLY A 206 6.64 -34.32 5.31
C GLY A 206 5.57 -33.43 5.89
N LYS A 207 5.81 -32.88 7.08
CA LYS A 207 4.86 -31.95 7.68
C LYS A 207 5.06 -30.52 7.15
N LEU A 208 5.23 -30.32 5.84
CA LEU A 208 5.24 -28.94 5.41
C LEU A 208 3.85 -28.35 5.31
N SER A 209 2.78 -29.15 5.17
CA SER A 209 1.46 -28.53 5.13
C SER A 209 1.20 -27.74 6.39
N GLN A 210 1.36 -28.33 7.58
CA GLN A 210 1.27 -27.53 8.78
C GLN A 210 2.05 -26.21 8.66
N THR A 211 3.35 -26.24 8.31
CA THR A 211 4.13 -25.01 8.26
C THR A 211 3.44 -24.01 7.34
N CYS A 212 2.96 -24.50 6.19
CA CYS A 212 2.25 -23.69 5.21
C CYS A 212 0.81 -23.42 5.65
N TYR A 213 0.08 -24.48 6.02
CA TYR A 213 -1.31 -24.33 6.46
C TYR A 213 -1.42 -23.33 7.60
N LEU A 214 -0.45 -23.35 8.51
CA LEU A 214 -0.45 -22.39 9.62
C LEU A 214 -0.22 -20.98 9.11
N MET A 215 0.86 -20.76 8.34
CA MET A 215 1.13 -19.43 7.79
C MET A 215 -0.08 -18.88 7.05
N ALA A 216 -0.78 -19.74 6.28
CA ALA A 216 -1.97 -19.29 5.55
C ALA A 216 -3.13 -19.01 6.49
N LEU A 217 -3.42 -19.95 7.38
CA LEU A 217 -4.50 -19.77 8.35
C LEU A 217 -4.24 -18.56 9.24
N ASP A 218 -2.97 -18.34 9.60
CA ASP A 218 -2.60 -17.11 10.32
C ASP A 218 -2.88 -15.88 9.46
N SER A 219 -2.22 -15.80 8.30
CA SER A 219 -2.33 -14.61 7.47
C SER A 219 -3.78 -14.35 7.06
N CYS A 220 -4.55 -15.40 6.76
CA CYS A 220 -5.94 -15.20 6.35
C CYS A 220 -6.79 -14.67 7.50
N TYR A 221 -6.69 -15.31 8.67
CA TYR A 221 -7.38 -14.81 9.86
C TYR A 221 -6.95 -13.39 10.20
N LYS A 222 -5.65 -13.11 10.10
CA LYS A 222 -5.16 -11.77 10.42
C LYS A 222 -5.77 -10.74 9.48
N HIS A 223 -5.81 -11.03 8.18
CA HIS A 223 -6.35 -10.09 7.21
C HIS A 223 -7.84 -9.87 7.43
N LEU A 224 -8.57 -10.95 7.75
CA LEU A 224 -10.00 -10.82 8.04
C LEU A 224 -10.23 -9.98 9.28
N CYS A 225 -9.46 -10.22 10.35
CA CYS A 225 -9.60 -9.41 11.55
C CYS A 225 -9.30 -7.94 11.26
N ASN A 226 -8.32 -7.68 10.40
CA ASN A 226 -7.95 -6.32 10.08
C ASN A 226 -9.04 -5.63 9.27
N LYS A 227 -9.88 -6.40 8.59
CA LYS A 227 -10.99 -5.83 7.85
C LYS A 227 -12.23 -5.67 8.73
N PHE A 228 -12.36 -6.51 9.75
CA PHE A 228 -13.43 -6.33 10.73
C PHE A 228 -13.28 -5.01 11.50
N GLU A 229 -12.04 -4.56 11.76
CA GLU A 229 -11.91 -3.31 12.53
C GLU A 229 -12.30 -2.10 11.70
N LYS A 230 -12.00 -2.13 10.41
CA LYS A 230 -12.32 -1.03 9.51
C LYS A 230 -13.76 -1.06 9.03
N LEU A 231 -14.50 -2.11 9.35
CA LEU A 231 -15.90 -2.18 9.02
C LEU A 231 -16.79 -1.83 10.20
N GLU A 232 -16.47 -2.35 11.38
CA GLU A 232 -17.41 -2.28 12.48
C GLU A 232 -16.75 -1.81 13.78
N GLY A 233 -15.53 -1.28 13.66
CA GLY A 233 -14.86 -0.57 14.74
C GLY A 233 -14.25 -1.46 15.79
N LYS A 234 -14.69 -2.71 15.88
CA LYS A 234 -14.29 -3.41 17.06
C LYS A 234 -13.21 -4.47 16.67
N GLU A 235 -12.52 -5.06 17.65
CA GLU A 235 -11.69 -6.18 17.20
C GLU A 235 -12.53 -7.44 17.02
N PHE A 236 -12.01 -8.34 16.18
CA PHE A 236 -12.66 -9.60 15.91
C PHE A 236 -12.08 -10.68 16.82
N SER A 237 -12.93 -11.62 17.24
CA SER A 237 -12.51 -12.68 18.15
C SER A 237 -13.29 -13.95 17.84
N ILE A 238 -12.93 -15.04 18.53
CA ILE A 238 -13.63 -16.32 18.44
C ILE A 238 -15.13 -16.15 18.65
N ASN A 239 -15.53 -15.12 19.37
CA ASN A 239 -16.92 -14.93 19.75
C ASN A 239 -17.73 -14.08 18.78
N ASP A 240 -17.09 -13.46 17.80
CA ASP A 240 -17.83 -12.67 16.82
C ASP A 240 -18.29 -13.50 15.65
N ALA A 241 -18.31 -14.82 15.81
CA ALA A 241 -18.90 -15.76 14.86
C ALA A 241 -19.43 -16.95 15.65
N ASP A 242 -20.54 -17.52 15.19
CA ASP A 242 -21.15 -18.64 15.91
C ASP A 242 -20.50 -19.97 15.52
N TYR A 243 -20.08 -20.12 14.26
CA TYR A 243 -19.53 -21.38 13.80
C TYR A 243 -18.34 -21.14 12.90
N PHE A 244 -17.34 -22.01 13.02
CA PHE A 244 -16.12 -21.98 12.21
C PHE A 244 -16.08 -23.27 11.40
N VAL A 245 -15.88 -23.13 10.10
CA VAL A 245 -15.85 -24.26 9.18
C VAL A 245 -14.53 -24.26 8.45
N PHE A 246 -13.89 -25.42 8.36
CA PHE A 246 -12.55 -25.52 7.82
C PHE A 246 -12.48 -26.54 6.69
N HIS A 247 -11.55 -26.30 5.78
CA HIS A 247 -11.01 -27.35 4.94
C HIS A 247 -10.64 -28.55 5.82
N SER A 248 -11.13 -29.74 5.43
CA SER A 248 -11.12 -30.91 6.30
C SER A 248 -10.43 -32.10 5.66
N PRO A 249 -9.12 -32.02 5.39
CA PRO A 249 -8.42 -33.20 4.85
C PRO A 249 -8.45 -34.39 5.80
N TYR A 250 -8.39 -34.14 7.11
CA TYR A 250 -8.73 -35.15 8.11
C TYR A 250 -9.17 -34.40 9.36
N ASN A 251 -9.80 -35.13 10.30
CA ASN A 251 -10.48 -34.43 11.39
C ASN A 251 -9.49 -33.79 12.35
N LYS A 252 -8.36 -34.46 12.63
CA LYS A 252 -7.44 -33.94 13.62
C LYS A 252 -6.83 -32.61 13.19
N LEU A 253 -6.72 -32.36 11.89
CA LEU A 253 -6.27 -31.06 11.44
C LEU A 253 -7.30 -29.98 11.70
N VAL A 254 -8.58 -30.34 11.70
CA VAL A 254 -9.62 -29.35 11.98
C VAL A 254 -9.55 -28.92 13.44
N GLN A 255 -9.35 -29.88 14.35
CA GLN A 255 -9.11 -29.58 15.75
C GLN A 255 -7.97 -28.57 15.91
N LYS A 256 -6.79 -28.88 15.37
CA LYS A 256 -5.66 -27.97 15.55
C LYS A 256 -5.92 -26.65 14.85
N SER A 257 -6.52 -26.67 13.65
CA SER A 257 -6.76 -25.44 12.92
C SER A 257 -7.56 -24.44 13.76
N PHE A 258 -8.59 -24.91 14.46
CA PHE A 258 -9.38 -24.03 15.29
C PHE A 258 -8.63 -23.69 16.57
N ALA A 259 -8.03 -24.70 17.20
CA ALA A 259 -7.15 -24.47 18.34
C ALA A 259 -6.07 -23.46 17.99
N ARG A 260 -5.57 -23.52 16.76
CA ARG A 260 -4.59 -22.53 16.32
C ARG A 260 -5.20 -21.16 16.18
N LEU A 261 -6.49 -21.08 15.86
CA LEU A 261 -7.16 -19.78 15.83
C LEU A 261 -7.25 -19.18 17.23
N LEU A 262 -7.38 -20.02 18.26
CA LEU A 262 -7.46 -19.49 19.61
C LEU A 262 -6.10 -18.98 20.07
N TYR A 263 -5.02 -19.64 19.64
CA TYR A 263 -3.68 -19.11 19.87
C TYR A 263 -3.51 -17.74 19.22
N ASN A 264 -4.04 -17.56 18.02
CA ASN A 264 -3.93 -16.26 17.36
C ASN A 264 -4.75 -15.20 18.09
N ASP A 265 -5.79 -15.61 18.81
CA ASP A 265 -6.52 -14.68 19.65
C ASP A 265 -5.75 -14.32 20.91
N PHE A 266 -4.97 -15.27 21.45
CA PHE A 266 -4.17 -14.96 22.63
C PHE A 266 -3.11 -13.91 22.32
N LEU A 267 -2.45 -14.04 21.17
CA LEU A 267 -1.41 -13.12 20.75
C LEU A 267 -1.95 -11.77 20.35
N ARG A 268 -3.27 -11.60 20.36
CA ARG A 268 -3.94 -10.33 20.07
C ARG A 268 -4.82 -9.86 21.21
N ASN A 269 -4.73 -10.48 22.39
CA ASN A 269 -5.50 -10.10 23.57
C ASN A 269 -6.98 -9.92 23.20
N ALA A 270 -7.61 -11.03 22.84
CA ALA A 270 -9.01 -10.94 22.44
C ALA A 270 -9.93 -11.10 23.64
N SER A 271 -11.18 -10.68 23.46
CA SER A 271 -12.18 -10.83 24.51
C SER A 271 -12.52 -12.29 24.78
N SER A 272 -12.02 -13.22 23.97
CA SER A 272 -12.27 -14.64 24.10
C SER A 272 -11.32 -15.35 25.06
N ILE A 273 -10.23 -14.69 25.44
CA ILE A 273 -9.22 -15.27 26.32
C ILE A 273 -9.46 -14.80 27.75
N ASP A 274 -9.95 -15.71 28.58
CA ASP A 274 -10.05 -15.55 30.02
C ASP A 274 -8.68 -15.72 30.70
N GLU A 275 -8.62 -15.45 32.02
CA GLU A 275 -7.38 -15.70 32.76
C GLU A 275 -6.98 -17.17 32.84
N ALA A 276 -7.90 -18.13 32.82
CA ALA A 276 -7.43 -19.52 32.78
C ALA A 276 -6.64 -19.79 31.51
N ALA A 277 -6.98 -19.12 30.40
CA ALA A 277 -6.26 -19.29 29.14
C ALA A 277 -5.03 -18.40 29.07
N LYS A 278 -5.11 -17.15 29.55
CA LYS A 278 -3.93 -16.28 29.47
C LYS A 278 -2.79 -16.84 30.29
N GLU A 279 -3.08 -17.28 31.52
CA GLU A 279 -2.20 -18.22 32.21
C GLU A 279 -1.57 -19.32 31.39
N LYS A 280 -2.38 -20.21 30.86
CA LYS A 280 -1.80 -21.39 30.22
C LYS A 280 -1.03 -21.06 28.95
N PHE A 281 -1.39 -19.99 28.24
CA PHE A 281 -0.65 -19.63 27.03
C PHE A 281 0.68 -18.92 27.30
N THR A 282 0.76 -18.05 28.30
CA THR A 282 1.88 -17.11 28.38
C THR A 282 3.24 -17.76 28.51
N PRO A 283 3.39 -18.98 29.12
CA PRO A 283 4.70 -19.63 29.06
C PRO A 283 5.20 -19.78 27.63
N TYR A 284 4.28 -19.59 26.69
CA TYR A 284 4.57 -19.76 25.27
C TYR A 284 4.58 -18.47 24.45
N SER A 285 4.62 -17.28 25.06
CA SER A 285 4.67 -16.14 24.14
C SER A 285 6.11 -15.67 23.88
N SER A 286 7.12 -16.40 24.38
CA SER A 286 8.51 -16.09 24.04
C SER A 286 8.90 -16.70 22.70
N LEU A 287 7.98 -17.38 22.01
CA LEU A 287 8.28 -18.01 20.74
C LEU A 287 8.15 -17.03 19.59
N SER A 288 9.06 -17.14 18.63
CA SER A 288 8.87 -16.51 17.34
C SER A 288 7.78 -17.25 16.58
N LEU A 289 7.27 -16.62 15.52
CA LEU A 289 6.19 -17.26 14.80
C LEU A 289 6.70 -18.42 13.96
N ASP A 290 7.99 -18.42 13.59
CA ASP A 290 8.58 -19.61 12.98
C ASP A 290 8.63 -20.77 13.95
N GLU A 291 8.98 -20.51 15.21
CA GLU A 291 9.04 -21.61 16.18
C GLU A 291 7.64 -22.07 16.57
N SER A 292 6.68 -21.15 16.66
CA SER A 292 5.29 -21.54 16.97
C SER A 292 4.81 -22.65 16.05
N TYR A 293 5.23 -22.61 14.78
CA TYR A 293 4.76 -23.59 13.81
C TYR A 293 5.25 -24.98 14.18
N GLN A 294 6.37 -25.08 14.88
CA GLN A 294 7.05 -26.35 15.14
C GLN A 294 6.84 -26.85 16.55
N SER A 295 6.22 -26.05 17.41
CA SER A 295 6.05 -26.39 18.83
C SER A 295 4.96 -27.43 18.99
N ARG A 296 5.36 -28.71 19.12
CA ARG A 296 4.41 -29.79 19.36
C ARG A 296 3.78 -29.70 20.75
N ASP A 297 4.25 -28.80 21.59
CA ASP A 297 3.68 -28.56 22.91
C ASP A 297 2.63 -27.45 22.90
N LEU A 298 2.88 -26.37 22.15
CA LEU A 298 1.90 -25.30 22.04
C LEU A 298 0.63 -25.77 21.36
N GLU A 299 0.73 -26.71 20.42
CA GLU A 299 -0.44 -27.30 19.81
C GLU A 299 -1.36 -27.93 20.86
N LYS A 300 -0.81 -28.85 21.66
CA LYS A 300 -1.68 -29.64 22.52
C LYS A 300 -2.26 -28.77 23.63
N VAL A 301 -1.53 -27.73 24.02
CA VAL A 301 -2.05 -26.76 24.98
C VAL A 301 -3.17 -25.98 24.33
N SER A 302 -3.00 -25.62 23.05
CA SER A 302 -4.04 -24.90 22.33
C SER A 302 -5.31 -25.73 22.19
N GLN A 303 -5.17 -27.04 21.96
CA GLN A 303 -6.35 -27.87 21.83
C GLN A 303 -7.11 -28.00 23.16
N GLN A 304 -6.40 -27.93 24.29
CA GLN A 304 -7.05 -28.08 25.58
C GLN A 304 -7.90 -26.85 25.93
N LEU A 305 -7.39 -25.66 25.65
CA LEU A 305 -8.11 -24.45 26.00
C LEU A 305 -9.21 -24.13 25.00
N ALA A 306 -9.21 -24.80 23.86
CA ALA A 306 -10.20 -24.62 22.80
C ALA A 306 -11.28 -25.70 22.80
N LYS A 307 -11.22 -26.67 23.70
CA LYS A 307 -12.12 -27.82 23.61
C LYS A 307 -13.60 -27.44 23.74
N THR A 308 -13.95 -26.59 24.71
CA THR A 308 -15.36 -26.22 24.84
C THR A 308 -15.82 -25.36 23.68
N TYR A 309 -14.98 -24.41 23.23
CA TYR A 309 -15.30 -23.66 22.04
C TYR A 309 -15.45 -24.58 20.84
N TYR A 310 -14.56 -25.58 20.73
CA TYR A 310 -14.63 -26.52 19.62
C TYR A 310 -15.94 -27.29 19.65
N ASP A 311 -16.35 -27.74 20.84
CA ASP A 311 -17.56 -28.53 20.99
C ASP A 311 -18.81 -27.74 20.61
N ALA A 312 -18.74 -26.41 20.65
CA ALA A 312 -19.89 -25.56 20.37
C ALA A 312 -19.89 -24.96 18.97
N LYS A 313 -18.73 -24.66 18.40
CA LYS A 313 -18.67 -23.89 17.16
C LYS A 313 -18.11 -24.64 15.96
N VAL A 314 -17.68 -25.89 16.08
CA VAL A 314 -17.16 -26.59 14.91
C VAL A 314 -17.58 -28.06 14.88
N GLN A 315 -17.76 -28.69 16.04
CA GLN A 315 -18.06 -30.12 16.06
C GLN A 315 -19.26 -30.48 15.18
N PRO A 316 -20.31 -29.64 15.07
CA PRO A 316 -21.35 -29.95 14.08
C PRO A 316 -20.87 -29.87 12.63
N THR A 317 -19.75 -29.18 12.35
CA THR A 317 -19.23 -29.08 10.98
C THR A 317 -18.40 -30.29 10.58
N THR A 318 -18.50 -31.40 11.31
CA THR A 318 -17.58 -32.52 11.16
C THR A 318 -18.24 -33.81 10.71
N LEU A 319 -19.57 -33.88 10.69
CA LEU A 319 -20.28 -35.15 10.46
C LEU A 319 -19.88 -35.81 9.16
N VAL A 320 -20.15 -35.16 8.03
CA VAL A 320 -19.92 -35.75 6.69
C VAL A 320 -18.40 -36.01 6.52
N PRO A 321 -17.49 -35.07 6.80
CA PRO A 321 -16.06 -35.36 6.60
C PRO A 321 -15.57 -36.53 7.45
N LYS A 322 -16.07 -36.69 8.68
CA LYS A 322 -15.66 -37.84 9.47
C LYS A 322 -16.21 -39.16 8.93
N GLN A 323 -17.26 -39.11 8.11
CA GLN A 323 -17.85 -40.34 7.59
C GLN A 323 -17.66 -40.54 6.10
N VAL A 324 -17.05 -39.58 5.41
CA VAL A 324 -16.74 -39.73 3.99
C VAL A 324 -15.25 -39.72 3.72
N GLY A 325 -14.50 -38.84 4.39
CA GLY A 325 -13.07 -38.74 4.15
C GLY A 325 -12.69 -37.40 3.58
N ASN A 326 -11.52 -37.29 2.96
CA ASN A 326 -11.08 -36.02 2.40
C ASN A 326 -11.64 -35.87 1.00
N MET A 327 -12.36 -34.77 0.77
CA MET A 327 -13.03 -34.52 -0.49
C MET A 327 -12.39 -33.38 -1.28
N TYR A 328 -11.19 -32.95 -0.89
CA TYR A 328 -10.45 -31.92 -1.59
C TYR A 328 -11.27 -30.65 -1.74
N THR A 329 -11.49 -30.21 -2.99
CA THR A 329 -12.24 -28.96 -3.22
C THR A 329 -13.61 -28.97 -2.54
N ALA A 330 -14.19 -30.14 -2.33
CA ALA A 330 -15.50 -30.26 -1.71
C ALA A 330 -15.40 -30.42 -0.20
N SER A 331 -14.19 -30.49 0.34
CA SER A 331 -14.00 -30.74 1.76
C SER A 331 -14.69 -29.68 2.61
N LEU A 332 -14.38 -28.40 2.36
CA LEU A 332 -14.98 -27.32 3.14
C LEU A 332 -16.50 -27.35 3.08
N TYR A 333 -17.06 -27.74 1.93
CA TYR A 333 -18.49 -27.59 1.75
C TYR A 333 -19.28 -28.81 2.19
N ALA A 334 -18.65 -29.97 2.28
CA ALA A 334 -19.28 -31.07 2.99
C ALA A 334 -19.31 -30.79 4.48
N ALA A 335 -18.28 -30.12 4.99
CA ALA A 335 -18.29 -29.71 6.40
C ALA A 335 -19.41 -28.70 6.65
N PHE A 336 -19.57 -27.72 5.76
CA PHE A 336 -20.67 -26.78 5.89
C PHE A 336 -22.02 -27.47 5.71
N ALA A 337 -22.08 -28.47 4.83
CA ALA A 337 -23.30 -29.26 4.69
C ALA A 337 -23.63 -29.98 6.00
N SER A 338 -22.60 -30.47 6.71
CA SER A 338 -22.82 -31.06 8.03
C SER A 338 -23.39 -30.05 9.00
N LEU A 339 -22.96 -28.79 8.90
CA LEU A 339 -23.45 -27.76 9.82
C LEU A 339 -24.92 -27.43 9.54
N VAL A 340 -25.33 -27.40 8.28
CA VAL A 340 -26.73 -27.15 7.97
C VAL A 340 -27.59 -28.32 8.43
N HIS A 341 -27.10 -29.54 8.22
CA HIS A 341 -27.87 -30.73 8.60
C HIS A 341 -28.11 -30.80 10.11
N ASN A 342 -27.13 -30.36 10.90
CA ASN A 342 -27.20 -30.55 12.35
C ASN A 342 -27.78 -29.37 13.09
N LYS A 343 -27.99 -28.23 12.42
CA LYS A 343 -28.51 -27.05 13.11
C LYS A 343 -29.39 -26.18 12.23
N HIS A 344 -30.05 -26.74 11.20
CA HIS A 344 -30.91 -25.93 10.33
C HIS A 344 -31.96 -25.19 11.15
N SER A 345 -32.44 -25.81 12.24
CA SER A 345 -33.45 -25.16 13.09
C SER A 345 -32.87 -23.94 13.79
N ASP A 346 -31.54 -23.88 13.91
CA ASP A 346 -30.78 -22.83 14.59
C ASP A 346 -30.20 -21.76 13.70
N LEU A 347 -29.94 -22.07 12.44
CA LEU A 347 -28.91 -21.26 11.80
C LEU A 347 -29.36 -19.86 11.42
N ALA A 348 -30.63 -19.51 11.60
CA ALA A 348 -31.07 -18.14 11.35
C ALA A 348 -30.33 -17.14 12.22
N GLY A 349 -29.81 -16.07 11.59
CA GLY A 349 -29.21 -14.96 12.31
C GLY A 349 -27.75 -15.11 12.64
N LYS A 350 -27.16 -16.29 12.47
CA LYS A 350 -25.81 -16.53 12.93
C LYS A 350 -24.79 -16.08 11.89
N ARG A 351 -23.54 -15.95 12.34
CA ARG A 351 -22.43 -15.69 11.43
C ARG A 351 -21.58 -16.95 11.39
N VAL A 352 -21.24 -17.39 10.19
CA VAL A 352 -20.41 -18.57 9.98
C VAL A 352 -19.21 -18.15 9.16
N VAL A 353 -18.03 -18.40 9.69
CA VAL A 353 -16.77 -18.08 9.05
C VAL A 353 -16.21 -19.34 8.42
N MET A 354 -15.65 -19.21 7.22
CA MET A 354 -15.26 -20.34 6.41
C MET A 354 -13.79 -20.22 6.08
N PHE A 355 -13.04 -21.32 6.19
CA PHE A 355 -11.64 -21.33 5.83
C PHE A 355 -11.37 -22.39 4.78
N SER A 356 -10.72 -21.99 3.70
CA SER A 356 -10.36 -22.87 2.60
C SER A 356 -8.87 -22.84 2.34
N TYR A 357 -8.29 -24.00 2.06
CA TYR A 357 -6.88 -24.10 1.73
C TYR A 357 -6.67 -25.08 0.57
N GLY A 358 -5.72 -24.76 -0.29
CA GLY A 358 -5.20 -25.69 -1.27
C GLY A 358 -3.69 -25.59 -1.29
N ALA A 359 -3.01 -26.73 -1.29
CA ALA A 359 -1.55 -26.74 -1.32
C ALA A 359 -1.03 -26.08 -2.58
N GLY A 360 0.12 -25.42 -2.46
CA GLY A 360 0.64 -24.69 -3.59
C GLY A 360 1.28 -23.34 -3.36
N SER A 361 0.68 -22.43 -2.58
CA SER A 361 -0.59 -22.66 -1.87
C SER A 361 -1.57 -21.51 -2.07
N THR A 362 -2.84 -21.81 -1.84
CA THR A 362 -3.92 -20.84 -1.99
C THR A 362 -4.85 -20.93 -0.79
N ALA A 363 -5.25 -19.78 -0.26
CA ALA A 363 -6.07 -19.77 0.96
C ALA A 363 -6.95 -18.54 1.01
N THR A 364 -8.12 -18.70 1.65
CA THR A 364 -9.04 -17.61 1.87
C THR A 364 -9.94 -17.96 3.05
N MET A 365 -10.07 -17.05 4.01
CA MET A 365 -11.06 -17.15 5.07
C MET A 365 -12.12 -16.08 4.84
N PHE A 366 -13.37 -16.50 4.73
CA PHE A 366 -14.47 -15.58 4.44
C PHE A 366 -15.64 -15.87 5.34
N SER A 367 -16.55 -14.91 5.45
CA SER A 367 -17.66 -15.00 6.38
C SER A 367 -18.99 -15.06 5.65
N LEU A 368 -19.89 -15.88 6.17
CA LEU A 368 -21.26 -16.02 5.71
C LEU A 368 -22.20 -15.66 6.84
N ARG A 369 -23.30 -15.00 6.52
CA ARG A 369 -24.40 -14.84 7.46
C ARG A 369 -25.61 -15.59 6.96
N LEU A 370 -26.24 -16.35 7.87
CA LEU A 370 -27.36 -17.19 7.50
C LEU A 370 -28.65 -16.45 7.79
N CYS A 371 -29.57 -16.52 6.84
CA CYS A 371 -30.85 -15.86 6.98
C CYS A 371 -31.87 -16.97 6.91
N GLU A 372 -32.88 -16.85 7.74
CA GLU A 372 -33.96 -17.77 7.50
C GLU A 372 -34.75 -17.15 6.37
N ASN A 373 -35.08 -17.96 5.36
CA ASN A 373 -35.81 -17.38 4.26
C ASN A 373 -36.89 -18.36 3.85
N GLN A 374 -37.46 -18.15 2.67
CA GLN A 374 -38.68 -18.85 2.30
C GLN A 374 -38.34 -20.03 1.42
N SER A 375 -39.04 -21.14 1.65
CA SER A 375 -38.77 -22.38 0.93
C SER A 375 -39.06 -22.20 -0.56
N PRO A 376 -38.33 -22.88 -1.44
CA PRO A 376 -37.37 -23.96 -1.19
C PRO A 376 -35.97 -23.51 -0.75
N PHE A 377 -35.67 -22.22 -0.84
CA PHE A 377 -34.34 -21.70 -0.54
C PHE A 377 -34.24 -21.29 0.93
N SER A 378 -34.37 -22.29 1.80
CA SER A 378 -34.24 -22.08 3.24
C SER A 378 -33.43 -23.20 3.86
N LEU A 379 -32.76 -22.86 4.97
CA LEU A 379 -31.84 -23.78 5.61
C LEU A 379 -32.53 -25.09 5.98
N SER A 380 -33.79 -25.01 6.41
CA SER A 380 -34.51 -26.22 6.79
C SER A 380 -34.84 -27.10 5.58
N ASN A 381 -35.12 -26.49 4.42
CA ASN A 381 -35.43 -27.33 3.28
C ASN A 381 -34.17 -27.91 2.65
N ILE A 382 -33.05 -27.18 2.74
CA ILE A 382 -31.78 -27.71 2.25
C ILE A 382 -31.39 -28.96 3.02
N ALA A 383 -31.46 -28.90 4.36
CA ALA A 383 -31.15 -30.08 5.15
C ALA A 383 -32.10 -31.23 4.82
N SER A 384 -33.37 -30.90 4.55
CA SER A 384 -34.32 -31.90 4.09
C SER A 384 -33.89 -32.50 2.75
N VAL A 385 -33.57 -31.64 1.77
CA VAL A 385 -33.24 -32.13 0.43
C VAL A 385 -31.93 -32.90 0.43
N MET A 386 -30.92 -32.37 1.14
CA MET A 386 -29.66 -33.08 1.24
C MET A 386 -29.82 -34.44 1.92
N ASP A 387 -30.65 -34.52 2.98
CA ASP A 387 -30.93 -35.80 3.65
C ASP A 387 -29.64 -36.58 3.90
N VAL A 388 -28.63 -35.90 4.44
CA VAL A 388 -27.34 -36.56 4.63
C VAL A 388 -27.51 -37.80 5.51
N GLY A 389 -28.41 -37.74 6.49
CA GLY A 389 -28.63 -38.90 7.35
C GLY A 389 -29.04 -40.15 6.58
N GLY A 390 -29.97 -40.00 5.62
CA GLY A 390 -30.38 -41.16 4.84
C GLY A 390 -29.33 -41.62 3.85
N LYS A 391 -28.53 -40.68 3.32
CA LYS A 391 -27.44 -41.06 2.42
C LYS A 391 -26.41 -41.90 3.16
N LEU A 392 -26.15 -41.55 4.43
CA LEU A 392 -25.17 -42.27 5.21
C LEU A 392 -25.68 -43.65 5.58
N LYS A 393 -27.00 -43.76 5.85
CA LYS A 393 -27.59 -45.06 6.16
C LYS A 393 -27.64 -45.96 4.92
N ALA A 394 -27.46 -45.40 3.73
CA ALA A 394 -27.57 -46.17 2.50
C ALA A 394 -26.23 -46.63 1.97
N ARG A 395 -25.19 -46.62 2.81
CA ARG A 395 -23.91 -47.08 2.33
C ARG A 395 -23.85 -48.61 2.33
N HIS A 396 -22.83 -49.13 1.68
CA HIS A 396 -22.50 -50.55 1.69
C HIS A 396 -21.02 -50.66 2.06
N GLU A 397 -20.73 -51.43 3.11
CA GLU A 397 -19.37 -51.49 3.63
C GLU A 397 -18.54 -52.53 2.88
N TYR A 398 -17.31 -52.16 2.55
CA TYR A 398 -16.33 -53.08 1.98
C TYR A 398 -15.45 -53.66 3.08
N ALA A 399 -15.03 -54.90 2.87
CA ALA A 399 -13.99 -55.45 3.72
C ALA A 399 -12.64 -54.85 3.32
N PRO A 400 -11.75 -54.61 4.27
CA PRO A 400 -10.49 -53.94 3.93
C PRO A 400 -9.70 -54.57 2.78
N GLU A 401 -9.82 -55.87 2.46
CA GLU A 401 -9.01 -56.24 1.30
C GLU A 401 -9.72 -55.95 -0.02
N LYS A 402 -11.05 -55.88 -0.04
CA LYS A 402 -11.67 -55.48 -1.30
C LYS A 402 -11.42 -54.01 -1.60
N PHE A 403 -11.28 -53.19 -0.57
CA PHE A 403 -10.95 -51.79 -0.79
C PHE A 403 -9.56 -51.64 -1.39
N VAL A 404 -8.63 -52.48 -0.95
CA VAL A 404 -7.27 -52.42 -1.50
C VAL A 404 -7.26 -53.00 -2.90
N GLU A 405 -8.07 -54.03 -3.16
CA GLU A 405 -8.13 -54.58 -4.50
C GLU A 405 -8.74 -53.59 -5.49
N THR A 406 -9.75 -52.84 -5.05
CA THR A 406 -10.32 -51.80 -5.91
C THR A 406 -9.30 -50.70 -6.21
N MET A 407 -8.50 -50.31 -5.22
CA MET A 407 -7.66 -49.13 -5.39
C MET A 407 -6.47 -49.40 -6.31
N LYS A 408 -6.01 -50.63 -6.43
CA LYS A 408 -5.00 -50.89 -7.45
C LYS A 408 -5.66 -51.14 -8.80
N LEU A 409 -6.95 -51.47 -8.82
CA LEU A 409 -7.67 -51.50 -10.07
C LEU A 409 -7.84 -50.09 -10.63
N MET A 410 -8.08 -49.12 -9.76
CA MET A 410 -8.19 -47.73 -10.21
C MET A 410 -6.89 -47.23 -10.80
N GLU A 411 -5.75 -47.70 -10.27
CA GLU A 411 -4.47 -47.33 -10.86
C GLU A 411 -4.38 -47.84 -12.29
N HIS A 412 -4.98 -49.00 -12.57
CA HIS A 412 -4.93 -49.58 -13.91
C HIS A 412 -5.89 -48.89 -14.86
N ARG A 413 -6.91 -48.22 -14.34
CA ARG A 413 -7.84 -47.44 -15.16
C ARG A 413 -7.49 -45.97 -15.25
N TYR A 414 -6.53 -45.48 -14.48
CA TYR A 414 -6.20 -44.05 -14.49
C TYR A 414 -5.42 -43.70 -15.73
N GLY A 415 -5.94 -42.77 -16.53
CA GLY A 415 -5.33 -42.42 -17.79
C GLY A 415 -5.31 -43.54 -18.80
N ALA A 416 -6.13 -44.58 -18.61
CA ALA A 416 -6.15 -45.75 -19.47
C ALA A 416 -7.25 -45.62 -20.52
N LYS A 417 -7.05 -46.28 -21.67
CA LYS A 417 -7.98 -46.23 -22.78
C LYS A 417 -8.56 -47.61 -23.04
N GLU A 418 -9.66 -47.62 -23.80
CA GLU A 418 -10.25 -48.79 -24.45
C GLU A 418 -10.47 -49.94 -23.47
N PHE A 419 -11.51 -49.82 -22.65
CA PHE A 419 -11.89 -50.86 -21.71
C PHE A 419 -13.36 -50.65 -21.34
N VAL A 420 -13.96 -51.72 -20.85
CA VAL A 420 -15.33 -51.68 -20.33
C VAL A 420 -15.30 -52.07 -18.86
N THR A 421 -16.11 -51.40 -18.04
CA THR A 421 -16.09 -51.59 -16.60
C THR A 421 -16.96 -52.79 -16.22
N SER A 422 -16.64 -53.40 -15.07
CA SER A 422 -17.34 -54.58 -14.59
C SER A 422 -18.47 -54.14 -13.68
N LYS A 423 -19.70 -54.11 -14.21
CA LYS A 423 -20.83 -53.63 -13.42
C LYS A 423 -21.41 -54.71 -12.50
N GLU A 424 -21.08 -55.99 -12.72
CA GLU A 424 -21.74 -57.06 -11.98
C GLU A 424 -21.42 -56.96 -10.50
N GLY A 425 -22.45 -56.93 -9.66
CA GLY A 425 -22.24 -56.92 -8.23
C GLY A 425 -21.96 -55.55 -7.65
N ILE A 426 -21.32 -54.68 -8.41
CA ILE A 426 -21.06 -53.31 -7.96
C ILE A 426 -22.26 -52.41 -8.24
N LEU A 427 -22.84 -52.51 -9.44
CA LEU A 427 -24.01 -51.70 -9.78
C LEU A 427 -25.17 -52.05 -8.86
N ASP A 428 -25.14 -53.24 -8.26
CA ASP A 428 -26.12 -53.58 -7.22
C ASP A 428 -26.08 -52.56 -6.10
N LEU A 429 -24.89 -52.07 -5.77
CA LEU A 429 -24.69 -51.22 -4.61
C LEU A 429 -25.05 -49.77 -4.88
N LEU A 430 -25.19 -49.38 -6.15
CA LEU A 430 -25.53 -48.00 -6.46
C LEU A 430 -27.01 -47.75 -6.24
N ALA A 431 -27.34 -46.55 -5.77
CA ALA A 431 -28.72 -46.20 -5.56
C ALA A 431 -29.42 -46.07 -6.92
N PRO A 432 -30.74 -46.25 -6.96
CA PRO A 432 -31.47 -46.07 -8.23
C PRO A 432 -31.45 -44.61 -8.65
N GLY A 433 -30.82 -44.36 -9.80
CA GLY A 433 -30.78 -43.02 -10.36
C GLY A 433 -29.38 -42.55 -10.69
N THR A 434 -28.38 -43.20 -10.11
CA THR A 434 -27.01 -42.73 -10.16
C THR A 434 -26.40 -42.88 -11.55
N TYR A 435 -25.52 -41.93 -11.91
CA TYR A 435 -24.73 -42.07 -13.12
C TYR A 435 -23.49 -42.91 -12.85
N TYR A 436 -22.98 -43.55 -13.90
CA TYR A 436 -21.83 -44.43 -13.80
C TYR A 436 -21.16 -44.56 -15.15
N LEU A 437 -19.87 -44.87 -15.15
CA LEU A 437 -19.10 -44.99 -16.37
C LEU A 437 -19.25 -46.40 -16.95
N LYS A 438 -19.50 -46.49 -18.25
CA LYS A 438 -19.67 -47.80 -18.87
C LYS A 438 -18.36 -48.28 -19.50
N GLU A 439 -17.67 -47.38 -20.19
CA GLU A 439 -16.46 -47.75 -20.92
C GLU A 439 -15.74 -46.48 -21.34
N VAL A 440 -14.49 -46.65 -21.72
CA VAL A 440 -13.68 -45.62 -22.33
C VAL A 440 -13.14 -46.26 -23.60
N ASP A 441 -13.37 -45.61 -24.75
CA ASP A 441 -13.15 -46.26 -26.03
C ASP A 441 -11.71 -46.08 -26.51
N SER A 442 -11.45 -46.50 -27.76
CA SER A 442 -10.13 -46.42 -28.35
C SER A 442 -9.55 -45.01 -28.41
N LEU A 443 -10.36 -43.97 -28.19
CA LEU A 443 -9.92 -42.58 -28.27
C LEU A 443 -10.02 -41.86 -26.93
N TYR A 444 -10.06 -42.61 -25.83
CA TYR A 444 -10.19 -42.11 -24.47
C TYR A 444 -11.55 -41.49 -24.18
N ARG A 445 -12.46 -41.44 -25.17
CA ARG A 445 -13.78 -40.89 -24.94
C ARG A 445 -14.51 -41.68 -23.87
N ARG A 446 -15.27 -40.98 -23.03
CA ARG A 446 -15.90 -41.58 -21.86
C ARG A 446 -17.41 -41.58 -22.03
N PHE A 447 -18.04 -42.69 -21.63
CA PHE A 447 -19.48 -42.89 -21.81
C PHE A 447 -20.09 -43.30 -20.47
N TYR A 448 -21.19 -42.64 -20.11
CA TYR A 448 -21.80 -42.84 -18.81
C TYR A 448 -23.24 -43.30 -18.95
N GLY A 449 -23.69 -44.12 -18.00
CA GLY A 449 -25.05 -44.59 -17.96
C GLY A 449 -25.74 -44.17 -16.67
N LYS A 450 -27.00 -44.59 -16.54
CA LYS A 450 -27.79 -44.21 -15.39
C LYS A 450 -28.75 -45.36 -15.07
N LYS A 451 -29.15 -45.46 -13.80
CA LYS A 451 -30.14 -46.46 -13.41
C LYS A 451 -31.58 -45.98 -13.61
N ALA B 2 -16.15 2.36 -9.63
CA ALA B 2 -16.56 1.08 -10.19
C ALA B 2 -17.07 1.23 -11.62
N LYS B 3 -16.54 2.21 -12.35
CA LYS B 3 -17.04 2.56 -13.67
C LYS B 3 -16.12 2.10 -14.79
N ASN B 4 -16.74 1.70 -15.90
CA ASN B 4 -16.11 1.32 -17.19
C ASN B 4 -14.82 0.54 -17.02
N VAL B 5 -14.90 -0.51 -16.20
CA VAL B 5 -13.74 -1.34 -15.90
C VAL B 5 -13.42 -2.22 -17.10
N GLY B 6 -12.12 -2.49 -17.29
CA GLY B 6 -11.64 -3.19 -18.44
C GLY B 6 -10.13 -3.29 -18.47
N ILE B 7 -9.52 -3.42 -19.65
CA ILE B 7 -8.07 -3.58 -19.74
C ILE B 7 -7.42 -2.22 -19.59
N LEU B 8 -6.53 -2.09 -18.59
CA LEU B 8 -5.79 -0.86 -18.41
C LEU B 8 -4.40 -0.90 -19.04
N ALA B 9 -3.83 -2.10 -19.15
CA ALA B 9 -2.46 -2.26 -19.63
C ALA B 9 -2.30 -3.64 -20.25
N MET B 10 -1.37 -3.76 -21.19
CA MET B 10 -0.98 -5.06 -21.71
C MET B 10 0.51 -5.09 -21.99
N ASP B 11 1.06 -6.30 -21.92
CA ASP B 11 2.39 -6.60 -22.45
C ASP B 11 2.39 -8.04 -22.91
N ILE B 12 3.30 -8.34 -23.82
CA ILE B 12 3.34 -9.62 -24.51
C ILE B 12 4.76 -10.13 -24.50
N TYR B 13 4.92 -11.43 -24.26
CA TYR B 13 6.19 -12.10 -24.46
C TYR B 13 5.99 -13.38 -25.22
N PHE B 14 6.88 -13.64 -26.17
CA PHE B 14 6.94 -14.90 -26.90
C PHE B 14 8.41 -15.26 -27.09
N PRO B 15 8.72 -16.54 -27.25
CA PRO B 15 10.12 -16.93 -27.44
C PRO B 15 10.70 -16.27 -28.68
N PRO B 16 11.98 -15.87 -28.62
CA PRO B 16 12.64 -15.35 -29.83
C PRO B 16 13.09 -16.45 -30.76
N THR B 17 13.08 -17.71 -30.32
CA THR B 17 13.46 -18.82 -31.18
C THR B 17 12.28 -19.20 -32.08
N CYS B 18 12.53 -19.24 -33.38
CA CYS B 18 11.46 -19.47 -34.34
C CYS B 18 12.01 -20.18 -35.57
N VAL B 19 11.08 -20.71 -36.36
CA VAL B 19 11.35 -21.28 -37.67
C VAL B 19 10.43 -20.58 -38.66
N GLN B 20 10.86 -20.47 -39.91
CA GLN B 20 10.03 -19.83 -40.91
C GLN B 20 9.38 -20.87 -41.81
N GLN B 21 8.18 -20.53 -42.30
CA GLN B 21 7.29 -21.58 -42.75
C GLN B 21 7.59 -22.04 -44.16
N GLU B 22 8.00 -21.12 -45.04
CA GLU B 22 8.59 -21.54 -46.31
C GLU B 22 9.77 -22.47 -46.07
N ALA B 23 10.64 -22.13 -45.12
CA ALA B 23 11.74 -23.02 -44.78
C ALA B 23 11.23 -24.37 -44.27
N LEU B 24 10.09 -24.37 -43.58
CA LEU B 24 9.53 -25.61 -43.05
C LEU B 24 8.66 -26.34 -44.07
N GLU B 25 8.09 -25.62 -45.05
CA GLU B 25 7.49 -26.31 -46.20
C GLU B 25 8.54 -27.13 -46.92
N ALA B 26 9.69 -26.51 -47.21
CA ALA B 26 10.79 -27.22 -47.87
C ALA B 26 11.25 -28.41 -47.05
N HIS B 27 11.41 -28.24 -45.74
CA HIS B 27 11.94 -29.33 -44.92
C HIS B 27 11.00 -30.52 -44.90
N ASP B 28 9.73 -30.30 -44.61
CA ASP B 28 8.78 -31.39 -44.65
C ASP B 28 8.38 -31.60 -46.12
N GLY B 29 7.39 -32.45 -46.36
CA GLY B 29 6.99 -32.75 -47.72
C GLY B 29 5.76 -32.03 -48.22
N ALA B 30 5.72 -30.71 -48.09
CA ALA B 30 4.53 -29.93 -48.43
C ALA B 30 4.73 -29.20 -49.74
N SER B 31 3.68 -29.15 -50.55
CA SER B 31 3.65 -28.25 -51.70
C SER B 31 3.94 -26.83 -51.25
N LYS B 32 4.63 -26.06 -52.08
CA LYS B 32 4.88 -24.68 -51.74
C LYS B 32 3.56 -23.93 -51.58
N GLY B 33 3.49 -23.09 -50.55
CA GLY B 33 2.30 -22.34 -50.24
C GLY B 33 1.34 -23.03 -49.29
N LYS B 34 1.59 -24.29 -48.94
CA LYS B 34 0.64 -25.01 -48.11
C LYS B 34 0.65 -24.49 -46.68
N TYR B 35 1.76 -23.90 -46.24
CA TYR B 35 1.80 -23.24 -44.94
C TYR B 35 1.64 -21.72 -45.06
N THR B 36 2.33 -21.11 -46.02
CA THR B 36 2.27 -19.66 -46.16
C THR B 36 0.89 -19.20 -46.65
N ILE B 37 0.33 -19.90 -47.63
CA ILE B 37 -0.99 -19.56 -48.16
C ILE B 37 -2.06 -20.49 -47.61
N GLY B 38 -1.75 -21.79 -47.52
CA GLY B 38 -2.72 -22.75 -47.01
C GLY B 38 -3.15 -22.45 -45.59
N LEU B 39 -2.17 -22.36 -44.68
CA LEU B 39 -2.47 -21.98 -43.30
C LEU B 39 -2.34 -20.48 -43.04
N GLY B 40 -1.75 -19.72 -43.96
CA GLY B 40 -1.62 -18.30 -43.74
C GLY B 40 -0.57 -17.90 -42.72
N GLN B 41 0.39 -18.77 -42.44
CA GLN B 41 1.39 -18.53 -41.43
C GLN B 41 2.74 -18.20 -42.05
N ASP B 42 3.51 -17.35 -41.37
CA ASP B 42 4.82 -16.91 -41.84
C ASP B 42 5.97 -17.37 -40.96
N CYS B 43 5.77 -17.38 -39.64
CA CYS B 43 6.84 -17.72 -38.71
C CYS B 43 6.27 -18.43 -37.49
N LEU B 44 7.01 -19.41 -36.99
CA LEU B 44 6.58 -20.26 -35.88
C LEU B 44 7.54 -20.05 -34.72
N ALA B 45 7.05 -19.43 -33.64
CA ALA B 45 7.82 -19.34 -32.42
C ALA B 45 7.58 -20.57 -31.57
N PHE B 46 8.59 -20.94 -30.79
CA PHE B 46 8.52 -22.14 -29.97
C PHE B 46 9.47 -22.00 -28.80
N CYS B 47 9.12 -22.69 -27.72
CA CYS B 47 9.92 -22.67 -26.50
C CYS B 47 11.10 -23.62 -26.65
N THR B 48 12.29 -23.13 -26.30
CA THR B 48 13.43 -24.03 -26.16
C THR B 48 13.37 -24.67 -24.78
N GLU B 49 14.40 -25.45 -24.44
CA GLU B 49 14.42 -26.15 -23.17
C GLU B 49 14.43 -25.17 -22.00
N LEU B 50 14.83 -23.93 -22.24
CA LEU B 50 14.96 -22.92 -21.20
C LEU B 50 13.66 -22.22 -20.87
N GLU B 51 12.67 -22.24 -21.75
CA GLU B 51 11.44 -21.50 -21.52
C GLU B 51 10.24 -22.43 -21.40
N ASP B 52 9.22 -21.94 -20.69
CA ASP B 52 7.99 -22.69 -20.45
C ASP B 52 6.91 -21.68 -20.09
N VAL B 53 5.75 -22.18 -19.67
CA VAL B 53 4.64 -21.28 -19.36
C VAL B 53 4.92 -20.49 -18.09
N ILE B 54 5.66 -21.07 -17.15
CA ILE B 54 6.07 -20.32 -15.95
C ILE B 54 7.01 -19.20 -16.34
N SER B 55 8.08 -19.55 -17.07
CA SER B 55 9.06 -18.57 -17.54
C SER B 55 8.37 -17.43 -18.29
N MET B 56 7.61 -17.76 -19.33
CA MET B 56 6.95 -16.72 -20.11
C MET B 56 5.99 -15.90 -19.25
N SER B 57 5.35 -16.52 -18.27
CA SER B 57 4.51 -15.76 -17.36
C SER B 57 5.32 -14.70 -16.64
N PHE B 58 6.48 -15.08 -16.10
CA PHE B 58 7.34 -14.12 -15.41
C PHE B 58 7.66 -12.92 -16.29
N ASN B 59 8.14 -13.18 -17.51
CA ASN B 59 8.53 -12.09 -18.40
C ASN B 59 7.36 -11.14 -18.67
N ALA B 60 6.17 -11.70 -18.90
CA ALA B 60 5.02 -10.85 -19.18
C ALA B 60 4.57 -10.08 -17.95
N VAL B 61 4.54 -10.73 -16.79
CA VAL B 61 4.13 -10.05 -15.56
C VAL B 61 5.06 -8.89 -15.24
N THR B 62 6.35 -9.19 -15.04
CA THR B 62 7.28 -8.15 -14.61
C THR B 62 7.26 -6.98 -15.57
N SER B 63 7.36 -7.27 -16.87
CA SER B 63 7.45 -6.20 -17.86
C SER B 63 6.23 -5.31 -17.86
N LEU B 64 5.06 -5.83 -17.45
CA LEU B 64 3.91 -4.93 -17.37
C LEU B 64 4.04 -4.05 -16.14
N LEU B 65 4.51 -4.63 -15.03
CA LEU B 65 4.62 -3.87 -13.80
C LEU B 65 5.73 -2.82 -13.92
N GLU B 66 6.84 -3.19 -14.55
CA GLU B 66 7.95 -2.27 -14.74
C GLU B 66 7.58 -1.10 -15.66
N LYS B 67 7.28 -1.41 -16.92
CA LYS B 67 7.09 -0.37 -17.93
C LYS B 67 5.87 0.51 -17.66
N TYR B 68 4.86 -0.01 -16.97
CA TYR B 68 3.71 0.80 -16.60
C TYR B 68 3.85 1.40 -15.21
N LYS B 69 4.98 1.14 -14.56
CA LYS B 69 5.28 1.62 -13.22
C LYS B 69 4.13 1.30 -12.27
N ILE B 70 4.01 0.00 -11.99
CA ILE B 70 2.91 -0.52 -11.19
C ILE B 70 3.46 -1.11 -9.91
N ASP B 71 2.83 -0.78 -8.80
CA ASP B 71 3.22 -1.30 -7.50
C ASP B 71 2.70 -2.73 -7.38
N PRO B 72 3.55 -3.73 -7.17
CA PRO B 72 3.05 -5.11 -7.03
C PRO B 72 2.01 -5.24 -5.93
N LYS B 73 1.94 -4.27 -5.03
CA LYS B 73 1.05 -4.34 -3.87
C LYS B 73 -0.37 -3.84 -4.13
N GLN B 74 -0.65 -3.19 -5.25
CA GLN B 74 -2.04 -2.90 -5.62
C GLN B 74 -2.52 -3.89 -6.68
N ILE B 75 -2.06 -5.13 -6.57
CA ILE B 75 -2.62 -6.29 -7.24
C ILE B 75 -3.50 -7.00 -6.22
N GLY B 76 -4.80 -6.98 -6.43
CA GLY B 76 -5.72 -7.64 -5.52
C GLY B 76 -6.10 -9.02 -6.00
N ARG B 77 -5.94 -9.27 -7.30
CA ARG B 77 -6.29 -10.56 -7.88
C ARG B 77 -5.40 -10.85 -9.06
N LEU B 78 -4.86 -12.07 -9.10
CA LEU B 78 -4.01 -12.53 -10.20
C LEU B 78 -4.57 -13.87 -10.65
N GLU B 79 -4.94 -13.95 -11.92
CA GLU B 79 -5.53 -15.15 -12.46
C GLU B 79 -4.82 -15.52 -13.76
N VAL B 80 -4.63 -16.83 -13.95
CA VAL B 80 -3.87 -17.38 -15.07
C VAL B 80 -4.78 -18.25 -15.90
N GLY B 81 -4.73 -18.06 -17.22
CA GLY B 81 -5.44 -18.92 -18.16
C GLY B 81 -4.43 -19.66 -19.00
N SER B 82 -4.58 -20.99 -19.03
CA SER B 82 -3.60 -21.83 -19.70
C SER B 82 -4.18 -23.22 -19.90
N GLU B 83 -3.55 -23.97 -20.81
CA GLU B 83 -3.87 -25.36 -21.00
C GLU B 83 -2.63 -26.26 -20.92
N THR B 84 -1.44 -25.67 -20.81
CA THR B 84 -0.21 -26.42 -20.57
C THR B 84 -0.15 -26.87 -19.12
N VAL B 85 -0.16 -28.17 -18.89
CA VAL B 85 -0.13 -28.75 -17.55
C VAL B 85 1.32 -29.02 -17.15
N ILE B 86 1.85 -28.20 -16.25
CA ILE B 86 3.13 -28.50 -15.62
C ILE B 86 2.93 -29.44 -14.44
N ASP B 87 2.01 -29.08 -13.55
CA ASP B 87 1.63 -29.88 -12.40
C ASP B 87 0.11 -29.95 -12.36
N LYS B 88 -0.41 -31.09 -11.91
CA LYS B 88 -1.85 -31.34 -11.96
C LYS B 88 -2.59 -30.83 -10.72
N SER B 89 -1.89 -30.22 -9.77
CA SER B 89 -2.54 -29.75 -8.55
C SER B 89 -2.05 -28.36 -8.18
N LYS B 90 -0.75 -28.13 -8.29
CA LYS B 90 -0.16 -26.83 -7.99
C LYS B 90 -0.21 -25.99 -9.25
N SER B 91 -0.93 -24.87 -9.17
CA SER B 91 -1.25 -24.04 -10.31
C SER B 91 -0.09 -23.13 -10.70
N ILE B 92 -0.17 -22.61 -11.92
CA ILE B 92 0.78 -21.59 -12.38
C ILE B 92 0.69 -20.35 -11.49
N LYS B 93 -0.50 -20.05 -10.98
CA LYS B 93 -0.69 -18.84 -10.18
C LYS B 93 0.25 -18.86 -8.97
N THR B 94 0.37 -20.01 -8.31
CA THR B 94 1.25 -20.10 -7.16
C THR B 94 2.71 -19.87 -7.56
N PHE B 95 3.14 -20.46 -8.67
CA PHE B 95 4.50 -20.20 -9.17
C PHE B 95 4.76 -18.70 -9.32
N LEU B 96 3.75 -17.97 -9.81
CA LEU B 96 3.89 -16.55 -10.06
C LEU B 96 4.04 -15.74 -8.78
N MET B 97 3.67 -16.31 -7.64
CA MET B 97 3.63 -15.60 -6.38
C MET B 97 5.01 -15.23 -5.82
N GLN B 98 6.09 -15.77 -6.37
CA GLN B 98 7.43 -15.36 -5.95
C GLN B 98 7.87 -14.06 -6.59
N LEU B 99 7.06 -13.48 -7.46
CA LEU B 99 7.28 -12.10 -7.83
C LEU B 99 6.75 -11.13 -6.78
N PHE B 100 5.88 -11.60 -5.88
CA PHE B 100 5.25 -10.78 -4.86
C PHE B 100 5.72 -11.14 -3.45
N GLU B 101 6.70 -12.05 -3.33
CA GLU B 101 7.19 -12.52 -2.03
C GLU B 101 7.91 -11.42 -1.25
N LYS B 102 8.92 -10.78 -1.86
CA LYS B 102 9.71 -9.73 -1.25
C LYS B 102 8.98 -8.41 -1.25
N CYS B 103 7.73 -8.43 -1.74
CA CYS B 103 6.87 -7.26 -1.76
C CYS B 103 5.86 -7.30 -0.62
N GLY B 104 5.83 -8.40 0.12
CA GLY B 104 4.89 -8.61 1.19
C GLY B 104 3.44 -8.81 0.79
N ASN B 105 3.12 -8.75 -0.51
CA ASN B 105 1.73 -8.84 -0.95
C ASN B 105 1.31 -10.29 -1.09
N THR B 106 0.50 -10.78 -0.15
CA THR B 106 -0.04 -12.12 -0.22
C THR B 106 -1.56 -12.17 -0.24
N ASP B 107 -2.23 -11.02 -0.12
CA ASP B 107 -3.69 -10.95 -0.09
C ASP B 107 -4.23 -10.68 -1.50
N VAL B 108 -3.94 -11.61 -2.39
CA VAL B 108 -4.33 -11.56 -3.80
C VAL B 108 -5.21 -12.76 -4.11
N GLU B 109 -6.31 -12.54 -4.82
CA GLU B 109 -7.21 -13.62 -5.20
C GLU B 109 -6.85 -14.19 -6.57
N GLY B 110 -7.44 -15.33 -6.90
CA GLY B 110 -7.35 -15.89 -8.23
C GLY B 110 -6.54 -17.19 -8.30
N VAL B 111 -6.86 -18.03 -9.29
CA VAL B 111 -6.21 -19.32 -9.53
C VAL B 111 -6.22 -19.57 -11.04
N ASP B 112 -5.96 -20.82 -11.45
CA ASP B 112 -6.02 -21.18 -12.86
C ASP B 112 -7.45 -21.43 -13.33
N SER B 113 -7.75 -20.97 -14.54
CA SER B 113 -8.96 -21.36 -15.28
C SER B 113 -8.57 -22.18 -16.50
N THR B 114 -9.29 -23.28 -16.75
CA THR B 114 -8.87 -24.23 -17.78
C THR B 114 -10.03 -24.74 -18.62
N ASN B 115 -9.88 -24.56 -19.93
CA ASN B 115 -10.55 -25.35 -20.97
C ASN B 115 -10.00 -24.95 -22.34
N ALA B 116 -9.05 -25.74 -22.84
CA ALA B 116 -8.39 -25.55 -24.13
C ALA B 116 -7.98 -24.08 -24.26
N CYS B 117 -8.25 -23.43 -25.39
CA CYS B 117 -7.79 -22.08 -25.67
C CYS B 117 -8.73 -21.02 -25.09
N TYR B 118 -9.61 -21.38 -24.16
CA TYR B 118 -10.58 -20.44 -23.64
C TYR B 118 -10.28 -19.97 -22.21
N GLY B 119 -9.40 -20.66 -21.48
CA GLY B 119 -9.17 -20.31 -20.09
C GLY B 119 -8.74 -18.86 -19.89
N GLY B 120 -7.90 -18.34 -20.79
CA GLY B 120 -7.47 -16.96 -20.66
C GLY B 120 -8.62 -15.97 -20.73
N THR B 121 -9.56 -16.19 -21.66
CA THR B 121 -10.74 -15.34 -21.73
C THR B 121 -11.62 -15.52 -20.50
N ALA B 122 -11.81 -16.77 -20.05
CA ALA B 122 -12.59 -17.03 -18.85
C ALA B 122 -12.02 -16.31 -17.64
N ALA B 123 -10.68 -16.29 -17.54
CA ALA B 123 -10.01 -15.59 -16.45
C ALA B 123 -10.27 -14.08 -16.56
N LEU B 124 -10.11 -13.53 -17.76
CA LEU B 124 -10.42 -12.12 -17.99
C LEU B 124 -11.84 -11.79 -17.53
N LEU B 125 -12.80 -12.66 -17.87
CA LEU B 125 -14.18 -12.41 -17.47
C LEU B 125 -14.36 -12.51 -15.96
N ASN B 126 -13.76 -13.53 -15.34
CA ASN B 126 -13.78 -13.62 -13.89
C ASN B 126 -13.19 -12.37 -13.25
N CYS B 127 -12.15 -11.79 -13.87
CA CYS B 127 -11.46 -10.67 -13.26
C CYS B 127 -12.28 -9.39 -13.33
N VAL B 128 -12.88 -9.08 -14.50
CA VAL B 128 -13.74 -7.91 -14.60
C VAL B 128 -14.88 -8.00 -13.57
N ASN B 129 -15.53 -9.16 -13.50
CA ASN B 129 -16.62 -9.31 -12.54
C ASN B 129 -16.15 -9.18 -11.10
N TRP B 130 -14.86 -9.33 -10.84
CA TRP B 130 -14.33 -9.09 -9.50
C TRP B 130 -14.23 -7.60 -9.21
N VAL B 131 -13.73 -6.81 -10.16
CA VAL B 131 -13.66 -5.37 -9.92
C VAL B 131 -15.05 -4.79 -9.68
N GLU B 132 -16.07 -5.31 -10.40
CA GLU B 132 -17.44 -4.83 -10.24
C GLU B 132 -18.17 -5.56 -9.13
N SER B 133 -17.44 -6.32 -8.34
CA SER B 133 -17.90 -7.16 -7.25
C SER B 133 -17.98 -6.40 -5.93
N ASN B 134 -18.86 -6.88 -5.05
CA ASN B 134 -18.88 -6.36 -3.69
C ASN B 134 -17.61 -6.72 -2.96
N SER B 135 -16.96 -7.81 -3.36
CA SER B 135 -15.72 -8.27 -2.79
C SER B 135 -14.51 -7.44 -3.23
N TRP B 136 -14.69 -6.41 -4.07
CA TRP B 136 -13.54 -5.67 -4.55
C TRP B 136 -12.87 -4.93 -3.39
N ASP B 137 -11.60 -4.58 -3.59
CA ASP B 137 -10.82 -3.88 -2.56
C ASP B 137 -10.05 -2.70 -3.16
N GLY B 138 -10.46 -2.21 -4.32
CA GLY B 138 -9.84 -1.06 -4.94
C GLY B 138 -8.56 -1.34 -5.68
N ARG B 139 -8.04 -2.56 -5.62
CA ARG B 139 -6.78 -2.90 -6.26
C ARG B 139 -6.98 -3.43 -7.68
N TYR B 140 -5.87 -3.45 -8.42
CA TYR B 140 -5.86 -3.92 -9.80
C TYR B 140 -6.03 -5.43 -9.88
N GLY B 141 -6.76 -5.87 -10.91
CA GLY B 141 -6.69 -7.25 -11.35
C GLY B 141 -5.57 -7.45 -12.36
N LEU B 142 -5.02 -8.66 -12.37
CA LEU B 142 -3.96 -9.04 -13.31
C LEU B 142 -4.32 -10.39 -13.92
N VAL B 143 -4.30 -10.46 -15.26
CA VAL B 143 -4.66 -11.67 -15.99
C VAL B 143 -3.46 -12.12 -16.80
N ILE B 144 -3.19 -13.43 -16.78
CA ILE B 144 -2.08 -14.00 -17.54
C ILE B 144 -2.63 -15.05 -18.49
N CYS B 145 -2.15 -15.00 -19.72
CA CYS B 145 -2.44 -15.99 -20.75
C CYS B 145 -1.09 -16.52 -21.21
N THR B 146 -0.82 -17.79 -20.93
CA THR B 146 0.46 -18.37 -21.29
C THR B 146 0.23 -19.78 -21.79
N ASP B 147 0.88 -20.12 -22.91
CA ASP B 147 0.73 -21.43 -23.50
C ASP B 147 1.90 -21.72 -24.42
N SER B 148 2.22 -23.00 -24.56
CA SER B 148 3.16 -23.48 -25.55
C SER B 148 2.41 -24.50 -26.40
N ALA B 149 2.13 -24.15 -27.64
CA ALA B 149 1.36 -25.01 -28.53
C ALA B 149 2.33 -25.90 -29.30
N VAL B 150 2.25 -27.20 -29.04
CA VAL B 150 3.15 -28.18 -29.63
C VAL B 150 2.32 -29.39 -30.02
N TYR B 151 2.62 -29.95 -31.19
CA TYR B 151 1.94 -31.13 -31.70
C TYR B 151 2.97 -32.16 -32.13
N ALA B 152 2.50 -33.38 -32.36
CA ALA B 152 3.34 -34.42 -32.95
C ALA B 152 3.73 -34.01 -34.38
N GLU B 153 4.62 -34.80 -34.99
CA GLU B 153 5.18 -34.45 -36.29
C GLU B 153 4.13 -34.59 -37.39
N GLY B 154 2.86 -34.67 -37.00
CA GLY B 154 1.76 -34.72 -37.94
C GLY B 154 1.52 -33.40 -38.65
N PRO B 155 0.37 -33.27 -39.31
CA PRO B 155 0.07 -32.05 -40.07
C PRO B 155 -0.31 -30.85 -39.21
N ALA B 156 -0.29 -30.99 -37.88
CA ALA B 156 -0.64 -29.89 -37.00
C ALA B 156 0.56 -29.19 -36.39
N ARG B 157 1.74 -29.80 -36.46
CA ARG B 157 2.96 -29.15 -35.97
C ARG B 157 3.21 -27.76 -36.54
N PRO B 158 2.98 -27.47 -37.83
CA PRO B 158 3.17 -26.09 -38.30
C PRO B 158 2.24 -25.08 -37.63
N THR B 159 1.12 -25.53 -37.07
CA THR B 159 0.17 -24.64 -36.42
C THR B 159 0.49 -24.42 -34.95
N GLY B 160 1.74 -24.66 -34.54
CA GLY B 160 2.16 -24.46 -33.17
C GLY B 160 2.39 -22.99 -32.83
N GLY B 161 2.79 -22.76 -31.57
CA GLY B 161 3.13 -21.42 -31.15
C GLY B 161 3.47 -21.41 -29.68
N ALA B 162 3.85 -20.22 -29.20
CA ALA B 162 4.12 -20.01 -27.78
C ALA B 162 4.14 -18.51 -27.50
N ALA B 163 3.48 -18.11 -26.42
CA ALA B 163 3.51 -16.71 -25.98
C ALA B 163 2.86 -16.59 -24.61
N ALA B 164 3.07 -15.43 -24.00
CA ALA B 164 2.45 -15.05 -22.74
C ALA B 164 1.99 -13.59 -22.83
N ILE B 165 0.84 -13.31 -22.24
CA ILE B 165 0.28 -11.98 -22.23
C ILE B 165 -0.19 -11.64 -20.82
N ALA B 166 0.11 -10.42 -20.40
CA ALA B 166 -0.35 -9.89 -19.13
C ALA B 166 -1.33 -8.76 -19.39
N MET B 167 -2.37 -8.68 -18.59
CA MET B 167 -3.35 -7.60 -18.73
C MET B 167 -3.72 -7.09 -17.35
N LEU B 168 -3.63 -5.78 -17.17
CA LEU B 168 -3.98 -5.14 -15.92
C LEU B 168 -5.44 -4.69 -16.02
N ILE B 169 -6.27 -5.16 -15.10
CA ILE B 169 -7.69 -4.88 -15.11
C ILE B 169 -8.00 -3.91 -13.99
N GLY B 170 -8.71 -2.84 -14.33
CA GLY B 170 -9.12 -1.85 -13.36
C GLY B 170 -10.08 -0.84 -13.97
N PRO B 171 -10.60 0.07 -13.16
CA PRO B 171 -11.64 0.97 -13.63
C PRO B 171 -11.06 2.11 -14.45
N ASP B 172 -11.97 2.76 -15.18
CA ASP B 172 -11.67 3.90 -16.07
C ASP B 172 -10.50 3.57 -17.00
N ALA B 173 -10.80 2.58 -17.91
CA ALA B 173 -9.90 1.94 -18.84
C ALA B 173 -10.09 2.51 -20.24
N PRO B 174 -9.03 2.53 -21.04
CA PRO B 174 -9.21 2.81 -22.47
C PRO B 174 -9.95 1.70 -23.18
N ILE B 175 -10.06 0.53 -22.58
CA ILE B 175 -10.67 -0.64 -23.21
C ILE B 175 -11.81 -1.12 -22.30
N VAL B 176 -12.99 -0.55 -22.48
CA VAL B 176 -14.14 -0.82 -21.62
C VAL B 176 -14.93 -2.02 -22.14
N PHE B 177 -15.52 -2.75 -21.21
CA PHE B 177 -16.36 -3.90 -21.51
C PHE B 177 -17.81 -3.46 -21.59
N GLU B 178 -18.48 -3.80 -22.69
CA GLU B 178 -19.93 -3.61 -22.82
C GLU B 178 -20.58 -4.87 -22.25
N SER B 179 -20.64 -4.89 -20.93
CA SER B 179 -20.91 -6.07 -20.15
C SER B 179 -22.03 -6.96 -20.64
N LYS B 180 -23.12 -6.38 -21.13
CA LYS B 180 -24.30 -7.14 -21.51
C LYS B 180 -24.31 -7.54 -22.97
N LEU B 181 -23.43 -6.97 -23.79
CA LEU B 181 -23.41 -7.32 -25.22
C LEU B 181 -22.38 -8.43 -25.40
N ARG B 182 -22.86 -9.65 -25.24
CA ARG B 182 -22.02 -10.81 -25.45
C ARG B 182 -22.90 -12.05 -25.53
N GLY B 183 -22.30 -13.12 -26.04
CA GLY B 183 -23.01 -14.37 -26.14
C GLY B 183 -22.08 -15.56 -26.02
N SER B 184 -22.49 -16.56 -25.26
CA SER B 184 -21.67 -17.74 -25.02
C SER B 184 -22.35 -18.97 -25.59
N HIS B 185 -21.53 -19.92 -26.04
CA HIS B 185 -22.01 -21.23 -26.45
C HIS B 185 -21.01 -22.30 -26.04
N MET B 186 -21.51 -23.36 -25.41
CA MET B 186 -20.66 -24.42 -24.92
C MET B 186 -21.41 -25.74 -24.97
N ALA B 187 -20.69 -26.80 -25.37
CA ALA B 187 -21.27 -28.12 -25.45
C ALA B 187 -20.18 -29.14 -25.10
N HIS B 188 -20.57 -30.40 -25.09
CA HIS B 188 -19.66 -31.52 -24.87
C HIS B 188 -19.34 -32.11 -26.23
N VAL B 189 -18.17 -31.78 -26.75
CA VAL B 189 -17.72 -32.29 -28.04
C VAL B 189 -16.25 -32.68 -27.93
N TYR B 190 -15.85 -33.63 -28.77
CA TYR B 190 -14.48 -34.15 -28.74
C TYR B 190 -13.67 -33.73 -29.96
N ASP B 191 -13.52 -32.43 -30.20
CA ASP B 191 -12.79 -32.01 -31.39
C ASP B 191 -11.29 -31.89 -31.16
N PHE B 192 -10.86 -31.66 -29.92
CA PHE B 192 -9.45 -31.51 -29.57
C PHE B 192 -9.30 -31.48 -28.05
N TYR B 193 -8.39 -32.28 -27.52
CA TYR B 193 -8.28 -32.51 -26.09
C TYR B 193 -7.00 -33.28 -25.81
N LYS B 194 -6.54 -33.22 -24.55
CA LYS B 194 -5.29 -33.87 -24.18
C LYS B 194 -5.55 -35.02 -23.21
N PRO B 195 -5.99 -36.19 -23.69
CA PRO B 195 -6.35 -37.29 -22.80
C PRO B 195 -5.19 -38.19 -22.42
N ASN B 196 -4.04 -38.05 -23.07
CA ASN B 196 -2.85 -38.83 -22.77
C ASN B 196 -2.03 -38.00 -21.80
N LEU B 197 -2.04 -38.39 -20.52
CA LEU B 197 -1.51 -37.49 -19.50
C LEU B 197 0.01 -37.39 -19.54
N ALA B 198 0.69 -38.40 -20.10
CA ALA B 198 2.13 -38.34 -20.24
C ALA B 198 2.54 -37.43 -21.38
N SER B 199 1.74 -37.34 -22.43
CA SER B 199 2.14 -36.62 -23.63
C SER B 199 1.71 -35.17 -23.57
N GLU B 200 2.57 -34.32 -24.11
CA GLU B 200 2.28 -32.90 -24.23
C GLU B 200 1.43 -32.63 -25.47
N TYR B 201 1.15 -33.68 -26.25
CA TYR B 201 0.45 -33.62 -27.52
C TYR B 201 -1.00 -34.05 -27.35
N PRO B 202 -1.87 -33.28 -27.98
CA PRO B 202 -3.30 -33.56 -27.97
C PRO B 202 -3.70 -34.41 -29.16
N VAL B 203 -4.83 -35.12 -28.99
CA VAL B 203 -5.48 -35.69 -30.16
C VAL B 203 -6.33 -34.60 -30.78
N VAL B 204 -6.25 -34.43 -32.09
CA VAL B 204 -7.00 -33.42 -32.80
C VAL B 204 -7.87 -34.12 -33.82
N ASP B 205 -9.15 -33.80 -33.80
CA ASP B 205 -10.10 -34.32 -34.78
C ASP B 205 -10.37 -33.20 -35.79
N GLY B 206 -9.31 -32.92 -36.57
CA GLY B 206 -9.19 -31.79 -37.48
C GLY B 206 -10.44 -31.36 -38.18
N LYS B 207 -11.17 -32.33 -38.75
CA LYS B 207 -12.43 -32.03 -39.41
C LYS B 207 -13.33 -31.27 -38.45
N LEU B 208 -13.57 -31.90 -37.30
CA LEU B 208 -14.53 -31.46 -36.31
C LEU B 208 -14.05 -30.24 -35.55
N SER B 209 -12.75 -29.96 -35.55
CA SER B 209 -12.27 -28.72 -34.95
C SER B 209 -12.96 -27.51 -35.59
N GLN B 210 -12.82 -27.37 -36.91
CA GLN B 210 -13.54 -26.33 -37.64
C GLN B 210 -15.05 -26.43 -37.44
N THR B 211 -15.64 -27.61 -37.69
CA THR B 211 -17.08 -27.77 -37.56
C THR B 211 -17.59 -27.31 -36.20
N CYS B 212 -16.85 -27.64 -35.13
CA CYS B 212 -17.27 -27.22 -33.79
C CYS B 212 -17.05 -25.73 -33.61
N TYR B 213 -15.88 -25.24 -34.05
CA TYR B 213 -15.60 -23.81 -34.02
C TYR B 213 -16.69 -23.00 -34.70
N LEU B 214 -17.20 -23.50 -35.85
CA LEU B 214 -18.22 -22.77 -36.59
C LEU B 214 -19.55 -22.75 -35.84
N MET B 215 -20.05 -23.92 -35.40
CA MET B 215 -21.30 -23.96 -34.65
C MET B 215 -21.30 -22.99 -33.48
N ALA B 216 -20.16 -22.89 -32.78
CA ALA B 216 -20.04 -21.98 -31.64
C ALA B 216 -20.04 -20.53 -32.10
N LEU B 217 -19.22 -20.21 -33.11
CA LEU B 217 -19.17 -18.86 -33.65
C LEU B 217 -20.54 -18.41 -34.16
N ASP B 218 -21.32 -19.33 -34.75
CA ASP B 218 -22.68 -19.00 -35.11
C ASP B 218 -23.51 -18.66 -33.87
N SER B 219 -23.64 -19.63 -32.96
CA SER B 219 -24.50 -19.45 -31.78
C SER B 219 -24.06 -18.23 -30.96
N CYS B 220 -22.75 -17.96 -30.87
CA CYS B 220 -22.31 -16.80 -30.12
C CYS B 220 -22.74 -15.51 -30.80
N TYR B 221 -22.53 -15.41 -32.12
CA TYR B 221 -22.97 -14.24 -32.87
C TYR B 221 -24.46 -14.01 -32.73
N LYS B 222 -25.26 -15.09 -32.85
CA LYS B 222 -26.71 -14.98 -32.76
C LYS B 222 -27.17 -14.48 -31.40
N HIS B 223 -26.59 -15.04 -30.33
CA HIS B 223 -26.96 -14.60 -28.99
C HIS B 223 -26.57 -13.16 -28.75
N LEU B 224 -25.39 -12.78 -29.25
CA LEU B 224 -24.93 -11.40 -29.15
C LEU B 224 -25.86 -10.45 -29.90
N CYS B 225 -26.25 -10.83 -31.13
CA CYS B 225 -27.17 -10.00 -31.91
C CYS B 225 -28.52 -9.84 -31.20
N ASN B 226 -29.01 -10.89 -30.55
CA ASN B 226 -30.28 -10.78 -29.85
C ASN B 226 -30.18 -9.94 -28.59
N LYS B 227 -28.99 -9.77 -28.03
CA LYS B 227 -28.87 -8.87 -26.89
C LYS B 227 -28.60 -7.44 -27.32
N PHE B 228 -27.99 -7.25 -28.49
CA PHE B 228 -27.94 -5.93 -29.09
C PHE B 228 -29.34 -5.43 -29.43
N GLU B 229 -30.23 -6.36 -29.82
CA GLU B 229 -31.58 -6.01 -30.22
C GLU B 229 -32.43 -5.53 -29.05
N LYS B 230 -32.25 -6.14 -27.88
CA LYS B 230 -33.02 -5.74 -26.71
C LYS B 230 -32.40 -4.58 -25.96
N LEU B 231 -31.19 -4.17 -26.31
CA LEU B 231 -30.54 -3.05 -25.65
C LEU B 231 -30.66 -1.76 -26.45
N GLU B 232 -30.37 -1.81 -27.75
CA GLU B 232 -30.42 -0.60 -28.58
C GLU B 232 -31.40 -0.70 -29.74
N GLY B 233 -32.34 -1.64 -29.69
CA GLY B 233 -33.46 -1.60 -30.60
C GLY B 233 -33.13 -2.04 -32.00
N LYS B 234 -31.87 -1.95 -32.40
CA LYS B 234 -31.46 -2.34 -33.72
C LYS B 234 -31.00 -3.78 -33.76
N GLU B 235 -30.97 -4.30 -34.96
CA GLU B 235 -30.36 -5.55 -35.34
C GLU B 235 -28.84 -5.31 -35.41
N PHE B 236 -28.02 -6.31 -35.10
CA PHE B 236 -26.58 -6.07 -35.18
C PHE B 236 -26.05 -6.62 -36.51
N SER B 237 -25.04 -5.96 -37.05
CA SER B 237 -24.46 -6.40 -38.31
C SER B 237 -22.96 -6.17 -38.27
N ILE B 238 -22.25 -6.80 -39.22
CA ILE B 238 -20.80 -6.60 -39.30
C ILE B 238 -20.43 -5.13 -39.47
N ASN B 239 -21.35 -4.29 -39.91
CA ASN B 239 -21.03 -2.87 -40.05
C ASN B 239 -21.28 -2.09 -38.77
N ASP B 240 -21.87 -2.71 -37.75
CA ASP B 240 -22.00 -2.09 -36.44
C ASP B 240 -20.77 -2.32 -35.56
N ALA B 241 -19.65 -2.72 -36.16
CA ALA B 241 -18.40 -2.87 -35.43
C ALA B 241 -17.26 -2.46 -36.34
N ASP B 242 -16.23 -1.88 -35.73
CA ASP B 242 -15.09 -1.36 -36.46
C ASP B 242 -14.02 -2.42 -36.71
N TYR B 243 -13.80 -3.32 -35.75
CA TYR B 243 -12.81 -4.36 -35.90
C TYR B 243 -13.31 -5.64 -35.26
N PHE B 244 -12.99 -6.77 -35.90
CA PHE B 244 -13.31 -8.08 -35.37
C PHE B 244 -12.00 -8.83 -35.18
N VAL B 245 -11.79 -9.37 -33.98
CA VAL B 245 -10.59 -10.13 -33.70
C VAL B 245 -11.02 -11.48 -33.13
N PHE B 246 -10.36 -12.53 -33.60
CA PHE B 246 -10.77 -13.91 -33.34
C PHE B 246 -9.62 -14.68 -32.72
N HIS B 247 -9.97 -15.75 -31.98
CA HIS B 247 -9.00 -16.81 -31.72
C HIS B 247 -8.34 -17.23 -33.03
N SER B 248 -7.00 -17.26 -33.02
CA SER B 248 -6.22 -17.37 -34.26
C SER B 248 -5.31 -18.60 -34.22
N PRO B 249 -5.87 -19.80 -34.21
CA PRO B 249 -5.01 -20.99 -34.28
C PRO B 249 -4.21 -21.04 -35.57
N TYR B 250 -4.79 -20.60 -36.67
CA TYR B 250 -4.06 -20.30 -37.89
C TYR B 250 -4.85 -19.27 -38.69
N ASN B 251 -4.18 -18.66 -39.68
CA ASN B 251 -4.77 -17.51 -40.35
C ASN B 251 -5.98 -17.93 -41.19
N LYS B 252 -5.89 -19.05 -41.89
CA LYS B 252 -7.00 -19.39 -42.78
C LYS B 252 -8.26 -19.66 -41.99
N LEU B 253 -8.15 -20.08 -40.72
CA LEU B 253 -9.34 -20.24 -39.91
C LEU B 253 -9.96 -18.90 -39.52
N VAL B 254 -9.15 -17.86 -39.33
CA VAL B 254 -9.69 -16.53 -39.03
C VAL B 254 -10.36 -15.92 -40.25
N GLN B 255 -9.78 -16.14 -41.43
CA GLN B 255 -10.42 -15.77 -42.70
C GLN B 255 -11.84 -16.31 -42.77
N LYS B 256 -11.97 -17.64 -42.65
CA LYS B 256 -13.27 -18.29 -42.77
C LYS B 256 -14.22 -17.86 -41.66
N SER B 257 -13.70 -17.75 -40.43
CA SER B 257 -14.54 -17.39 -39.29
C SER B 257 -15.24 -16.04 -39.52
N PHE B 258 -14.50 -15.05 -40.03
CA PHE B 258 -15.13 -13.77 -40.28
C PHE B 258 -16.05 -13.82 -41.49
N ALA B 259 -15.60 -14.44 -42.58
CA ALA B 259 -16.48 -14.68 -43.73
C ALA B 259 -17.75 -15.39 -43.29
N ARG B 260 -17.64 -16.29 -42.32
CA ARG B 260 -18.82 -16.98 -41.79
C ARG B 260 -19.75 -16.01 -41.06
N LEU B 261 -19.20 -14.96 -40.44
CA LEU B 261 -20.06 -13.95 -39.83
C LEU B 261 -20.86 -13.22 -40.90
N LEU B 262 -20.30 -13.05 -42.10
CA LEU B 262 -21.04 -12.40 -43.18
C LEU B 262 -22.12 -13.33 -43.72
N TYR B 263 -21.84 -14.64 -43.77
CA TYR B 263 -22.88 -15.59 -44.13
C TYR B 263 -24.04 -15.54 -43.14
N ASN B 264 -23.75 -15.40 -41.85
CA ASN B 264 -24.81 -15.32 -40.85
C ASN B 264 -25.65 -14.07 -41.00
N ASP B 265 -25.09 -13.03 -41.61
CA ASP B 265 -25.86 -11.82 -41.88
C ASP B 265 -26.81 -12.02 -43.05
N PHE B 266 -26.46 -12.85 -44.03
CA PHE B 266 -27.37 -13.12 -45.14
C PHE B 266 -28.61 -13.88 -44.68
N LEU B 267 -28.46 -14.89 -43.81
CA LEU B 267 -29.64 -15.63 -43.37
C LEU B 267 -30.56 -14.80 -42.50
N ARG B 268 -30.18 -13.56 -42.16
CA ARG B 268 -31.05 -12.64 -41.44
C ARG B 268 -31.22 -11.34 -42.21
N ASN B 269 -30.71 -11.28 -43.43
CA ASN B 269 -30.80 -10.13 -44.31
C ASN B 269 -30.47 -8.83 -43.57
N ALA B 270 -29.21 -8.69 -43.16
CA ALA B 270 -28.76 -7.52 -42.43
C ALA B 270 -28.34 -6.42 -43.39
N SER B 271 -28.18 -5.22 -42.84
CA SER B 271 -27.76 -4.07 -43.64
C SER B 271 -26.36 -4.22 -44.21
N SER B 272 -25.64 -5.28 -43.83
CA SER B 272 -24.28 -5.52 -44.27
C SER B 272 -24.20 -6.25 -45.60
N ILE B 273 -25.29 -6.82 -46.10
CA ILE B 273 -25.31 -7.58 -47.34
C ILE B 273 -25.67 -6.62 -48.45
N ASP B 274 -24.70 -6.30 -49.30
CA ASP B 274 -24.98 -5.46 -50.46
C ASP B 274 -25.81 -6.24 -51.48
N GLU B 275 -26.45 -5.51 -52.39
CA GLU B 275 -27.35 -6.15 -53.34
C GLU B 275 -26.59 -6.97 -54.39
N ALA B 276 -25.40 -6.51 -54.79
CA ALA B 276 -24.55 -7.29 -55.68
C ALA B 276 -24.14 -8.58 -54.98
N ALA B 277 -24.08 -8.54 -53.64
CA ALA B 277 -23.71 -9.68 -52.81
C ALA B 277 -24.87 -10.62 -52.58
N GLU B 279 -27.21 -12.04 -54.23
CA GLU B 279 -27.50 -13.14 -55.14
C GLU B 279 -26.35 -14.12 -55.29
N LYS B 280 -25.10 -13.69 -55.03
CA LYS B 280 -24.00 -14.64 -55.09
C LYS B 280 -24.15 -15.72 -54.02
N PHE B 281 -24.80 -15.39 -52.90
CA PHE B 281 -25.09 -16.35 -51.84
C PHE B 281 -26.26 -17.25 -52.19
N THR B 282 -27.24 -16.72 -52.93
CA THR B 282 -28.57 -17.31 -53.00
C THR B 282 -28.65 -18.78 -53.42
N PRO B 283 -27.71 -19.35 -54.19
CA PRO B 283 -27.77 -20.81 -54.40
C PRO B 283 -27.74 -21.63 -53.11
N TYR B 284 -27.39 -21.05 -51.97
CA TYR B 284 -27.21 -21.80 -50.74
C TYR B 284 -28.31 -21.58 -49.72
N SER B 285 -29.43 -20.97 -50.09
CA SER B 285 -30.49 -20.77 -49.11
C SER B 285 -31.41 -21.98 -49.01
N SER B 286 -31.20 -23.01 -49.82
CA SER B 286 -31.94 -24.27 -49.66
C SER B 286 -31.27 -25.22 -48.70
N LEU B 287 -30.10 -24.85 -48.15
CA LEU B 287 -29.39 -25.70 -47.21
C LEU B 287 -29.89 -25.50 -45.80
N SER B 288 -29.98 -26.60 -45.06
CA SER B 288 -30.11 -26.51 -43.61
C SER B 288 -28.78 -26.06 -43.02
N LEU B 289 -28.80 -25.68 -41.73
CA LEU B 289 -27.56 -25.24 -41.13
C LEU B 289 -26.61 -26.41 -40.83
N ASP B 290 -27.11 -27.63 -40.74
CA ASP B 290 -26.22 -28.79 -40.66
C ASP B 290 -25.41 -28.97 -41.93
N GLU B 291 -26.06 -28.84 -43.09
CA GLU B 291 -25.35 -29.00 -44.36
C GLU B 291 -24.47 -27.79 -44.71
N SER B 292 -24.86 -26.58 -44.28
CA SER B 292 -24.07 -25.37 -44.51
C SER B 292 -22.62 -25.54 -44.05
N TYR B 293 -22.40 -26.20 -42.92
CA TYR B 293 -21.05 -26.34 -42.37
C TYR B 293 -20.14 -27.10 -43.29
N GLN B 294 -20.66 -27.99 -44.14
CA GLN B 294 -19.76 -28.87 -44.85
C GLN B 294 -19.61 -28.51 -46.32
N SER B 295 -20.41 -27.59 -46.83
CA SER B 295 -20.40 -27.23 -48.24
C SER B 295 -19.16 -26.38 -48.49
N ARG B 296 -18.16 -26.98 -49.13
CA ARG B 296 -16.88 -26.34 -49.35
C ARG B 296 -16.96 -25.17 -50.31
N ASP B 297 -18.09 -24.92 -50.96
CA ASP B 297 -18.24 -23.74 -51.80
C ASP B 297 -18.80 -22.55 -51.01
N LEU B 298 -19.70 -22.81 -50.06
CA LEU B 298 -20.25 -21.75 -49.24
C LEU B 298 -19.17 -21.07 -48.41
N GLU B 299 -18.18 -21.86 -47.95
CA GLU B 299 -16.97 -21.27 -47.37
C GLU B 299 -16.33 -20.38 -48.41
N LYS B 300 -16.13 -20.97 -49.61
CA LYS B 300 -15.32 -20.42 -50.70
C LYS B 300 -16.02 -19.19 -51.28
N VAL B 301 -17.36 -19.17 -51.25
CA VAL B 301 -18.18 -18.03 -51.69
C VAL B 301 -18.20 -16.90 -50.65
N SER B 302 -18.37 -17.24 -49.37
CA SER B 302 -18.40 -16.22 -48.34
C SER B 302 -17.07 -15.47 -48.30
N GLN B 303 -15.97 -16.17 -48.59
CA GLN B 303 -14.67 -15.53 -48.58
C GLN B 303 -14.58 -14.43 -49.63
N GLN B 304 -15.32 -14.58 -50.74
CA GLN B 304 -15.16 -13.67 -51.86
C GLN B 304 -15.71 -12.28 -51.58
N LEU B 305 -16.91 -12.18 -51.02
CA LEU B 305 -17.41 -10.82 -50.78
C LEU B 305 -17.04 -10.24 -49.44
N ALA B 306 -16.44 -11.02 -48.55
CA ALA B 306 -16.03 -10.48 -47.26
C ALA B 306 -14.59 -10.00 -47.26
N LYS B 307 -13.86 -10.22 -48.36
CA LYS B 307 -12.43 -9.94 -48.35
C LYS B 307 -12.17 -8.44 -48.19
N THR B 308 -12.99 -7.60 -48.81
CA THR B 308 -12.82 -6.15 -48.64
C THR B 308 -13.12 -5.73 -47.20
N TYR B 309 -14.17 -6.31 -46.62
CA TYR B 309 -14.45 -6.09 -45.20
C TYR B 309 -13.30 -6.62 -44.33
N TYR B 310 -12.77 -7.79 -44.68
CA TYR B 310 -11.69 -8.39 -43.91
C TYR B 310 -10.46 -7.48 -43.86
N ASP B 311 -10.12 -6.85 -44.99
CA ASP B 311 -8.96 -5.98 -45.01
C ASP B 311 -9.12 -4.78 -44.08
N ALA B 312 -10.35 -4.40 -43.76
CA ALA B 312 -10.60 -3.22 -42.93
C ALA B 312 -10.88 -3.56 -41.47
N LYS B 313 -11.53 -4.69 -41.21
CA LYS B 313 -12.01 -5.02 -39.88
C LYS B 313 -11.34 -6.23 -39.25
N VAL B 314 -10.38 -6.86 -39.93
CA VAL B 314 -9.72 -8.04 -39.36
C VAL B 314 -8.22 -8.02 -39.65
N GLN B 315 -7.83 -7.54 -40.83
CA GLN B 315 -6.43 -7.64 -41.22
C GLN B 315 -5.45 -7.00 -40.24
N PRO B 316 -5.74 -5.87 -39.58
CA PRO B 316 -4.79 -5.37 -38.58
C PRO B 316 -4.61 -6.27 -37.36
N THR B 317 -5.56 -7.19 -37.11
CA THR B 317 -5.50 -8.11 -35.99
C THR B 317 -4.66 -9.35 -36.27
N THR B 318 -3.80 -9.34 -37.29
CA THR B 318 -3.15 -10.55 -37.79
C THR B 318 -1.65 -10.60 -37.59
N LEU B 319 -1.01 -9.48 -37.25
CA LEU B 319 0.46 -9.40 -37.28
C LEU B 319 1.10 -10.47 -36.41
N VAL B 320 0.88 -10.41 -35.09
CA VAL B 320 1.57 -11.37 -34.23
C VAL B 320 1.12 -12.78 -34.41
N PRO B 321 -0.15 -13.15 -34.55
CA PRO B 321 -0.51 -14.55 -34.79
C PRO B 321 0.14 -15.10 -36.05
N LYS B 322 0.23 -14.27 -37.10
CA LYS B 322 0.87 -14.69 -38.34
C LYS B 322 2.38 -14.87 -38.18
N GLN B 323 2.99 -14.27 -37.15
CA GLN B 323 4.44 -14.36 -36.97
C GLN B 323 4.88 -15.12 -35.73
N VAL B 324 3.96 -15.54 -34.87
CA VAL B 324 4.30 -16.36 -33.72
C VAL B 324 3.69 -17.74 -33.81
N GLY B 325 2.44 -17.83 -34.27
CA GLY B 325 1.77 -19.11 -34.34
C GLY B 325 0.55 -19.15 -33.44
N ASN B 326 0.09 -20.34 -33.11
CA ASN B 326 -1.08 -20.49 -32.26
C ASN B 326 -0.65 -20.41 -30.79
N MET B 327 -1.25 -19.47 -30.06
CA MET B 327 -0.91 -19.22 -28.67
C MET B 327 -2.00 -19.68 -27.71
N TYR B 328 -2.95 -20.48 -28.20
CA TYR B 328 -4.02 -21.05 -27.39
C TYR B 328 -4.80 -19.96 -26.65
N THR B 329 -4.85 -20.04 -25.32
CA THR B 329 -5.58 -19.05 -24.53
C THR B 329 -5.13 -17.62 -24.81
N ALA B 330 -3.88 -17.43 -25.23
CA ALA B 330 -3.35 -16.10 -25.47
C ALA B 330 -3.47 -15.63 -26.91
N SER B 331 -3.87 -16.52 -27.83
CA SER B 331 -3.92 -16.17 -29.25
C SER B 331 -4.86 -14.99 -29.51
N LEU B 332 -6.07 -15.06 -28.96
CA LEU B 332 -7.02 -13.97 -29.17
C LEU B 332 -6.43 -12.64 -28.72
N TYR B 333 -5.65 -12.64 -27.65
CA TYR B 333 -5.17 -11.40 -27.06
C TYR B 333 -3.87 -10.94 -27.67
N ALA B 334 -3.12 -11.83 -28.30
CA ALA B 334 -2.03 -11.39 -29.17
C ALA B 334 -2.58 -10.77 -30.45
N ALA B 335 -3.69 -11.32 -30.95
CA ALA B 335 -4.34 -10.72 -32.12
C ALA B 335 -4.87 -9.33 -31.80
N PHE B 336 -5.48 -9.16 -30.62
CA PHE B 336 -5.88 -7.83 -30.19
C PHE B 336 -4.66 -6.92 -29.98
N ALA B 337 -3.57 -7.50 -29.47
CA ALA B 337 -2.34 -6.72 -29.34
C ALA B 337 -1.85 -6.25 -30.69
N SER B 338 -2.01 -7.07 -31.73
CA SER B 338 -1.67 -6.64 -33.07
C SER B 338 -2.54 -5.46 -33.49
N LEU B 339 -3.81 -5.46 -33.08
CA LEU B 339 -4.71 -4.37 -33.43
C LEU B 339 -4.31 -3.09 -32.70
N VAL B 340 -3.82 -3.21 -31.47
CA VAL B 340 -3.38 -2.01 -30.76
C VAL B 340 -2.10 -1.46 -31.39
N HIS B 341 -1.16 -2.34 -31.75
CA HIS B 341 0.11 -1.87 -32.28
C HIS B 341 -0.06 -1.16 -33.62
N ASN B 342 -0.99 -1.63 -34.46
CA ASN B 342 -1.04 -1.05 -35.79
C ASN B 342 -2.14 -0.01 -35.96
N LYS B 343 -2.97 0.22 -34.93
CA LYS B 343 -4.04 1.20 -35.03
C LYS B 343 -4.23 2.00 -33.74
N HIS B 344 -3.21 2.10 -32.89
CA HIS B 344 -3.37 2.82 -31.63
C HIS B 344 -3.81 4.27 -31.83
N SER B 345 -3.30 4.92 -32.88
CA SER B 345 -3.58 6.35 -33.09
C SER B 345 -5.06 6.60 -33.43
N ASP B 346 -5.74 5.60 -34.03
CA ASP B 346 -7.15 5.64 -34.47
C ASP B 346 -8.17 5.05 -33.54
N LEU B 347 -7.79 4.27 -32.55
CA LEU B 347 -8.85 3.41 -32.06
C LEU B 347 -9.78 4.08 -31.07
N ALA B 348 -9.54 5.34 -30.71
CA ALA B 348 -10.44 6.02 -29.78
C ALA B 348 -11.87 6.03 -30.30
N GLY B 349 -12.80 5.62 -29.44
CA GLY B 349 -14.21 5.64 -29.78
C GLY B 349 -14.70 4.42 -30.51
N LYS B 350 -13.81 3.52 -30.93
CA LYS B 350 -14.25 2.43 -31.80
C LYS B 350 -14.74 1.26 -30.98
N ARG B 351 -15.46 0.37 -31.65
CA ARG B 351 -15.96 -0.87 -31.06
C ARG B 351 -15.23 -2.04 -31.68
N VAL B 352 -14.71 -2.95 -30.83
CA VAL B 352 -14.02 -4.15 -31.30
C VAL B 352 -14.69 -5.35 -30.66
N VAL B 353 -15.13 -6.27 -31.50
CA VAL B 353 -15.84 -7.47 -31.06
C VAL B 353 -14.83 -8.60 -31.01
N MET B 354 -14.92 -9.42 -29.97
CA MET B 354 -13.91 -10.41 -29.71
C MET B 354 -14.53 -11.78 -29.63
N PHE B 355 -13.90 -12.76 -30.27
CA PHE B 355 -14.39 -14.13 -30.25
C PHE B 355 -13.30 -15.04 -29.68
N SER B 356 -13.67 -15.81 -28.67
CA SER B 356 -12.78 -16.73 -27.99
C SER B 356 -13.33 -18.13 -28.11
N TYR B 357 -12.45 -19.08 -28.39
CA TYR B 357 -12.88 -20.46 -28.54
C TYR B 357 -11.88 -21.38 -27.82
N GLY B 358 -12.42 -22.41 -27.19
CA GLY B 358 -11.64 -23.53 -26.71
C GLY B 358 -12.35 -24.83 -27.02
N ALA B 359 -11.61 -25.82 -27.52
CA ALA B 359 -12.19 -27.12 -27.83
C ALA B 359 -12.74 -27.75 -26.56
N GLY B 360 -13.81 -28.53 -26.71
CA GLY B 360 -14.45 -29.13 -25.55
C GLY B 360 -15.97 -29.19 -25.48
N SER B 361 -16.68 -28.10 -25.78
CA SER B 361 -16.11 -26.83 -26.20
C SER B 361 -16.70 -25.67 -25.44
N THR B 362 -15.94 -24.57 -25.41
CA THR B 362 -16.34 -23.35 -24.73
C THR B 362 -16.03 -22.18 -25.64
N ALA B 363 -16.97 -21.23 -25.70
CA ALA B 363 -16.84 -20.11 -26.61
C ALA B 363 -17.61 -18.92 -26.05
N THR B 364 -17.14 -17.73 -26.38
CA THR B 364 -17.82 -16.51 -25.99
C THR B 364 -17.43 -15.42 -26.97
N MET B 365 -18.43 -14.72 -27.49
CA MET B 365 -18.21 -13.50 -28.25
C MET B 365 -18.67 -12.33 -27.40
N PHE B 366 -17.76 -11.39 -27.16
CA PHE B 366 -18.04 -10.24 -26.30
C PHE B 366 -17.54 -8.98 -26.97
N SER B 367 -18.05 -7.83 -26.52
CA SER B 367 -17.79 -6.55 -27.15
C SER B 367 -16.99 -5.63 -26.26
N LEU B 368 -16.05 -4.92 -26.87
CA LEU B 368 -15.30 -3.85 -26.25
C LEU B 368 -15.55 -2.58 -27.04
N ARG B 369 -15.67 -1.46 -26.33
CA ARG B 369 -15.68 -0.17 -26.97
C ARG B 369 -14.43 0.52 -26.45
N LEU B 370 -13.66 1.14 -27.33
CA LEU B 370 -12.42 1.76 -26.88
C LEU B 370 -12.65 3.23 -26.59
N CYS B 371 -12.02 3.71 -25.51
CA CYS B 371 -12.10 5.10 -25.09
C CYS B 371 -10.68 5.63 -25.14
N GLU B 372 -10.52 6.85 -25.60
CA GLU B 372 -9.24 7.45 -25.26
C GLU B 372 -9.09 7.72 -23.76
N ASN B 373 -7.93 7.36 -23.22
CA ASN B 373 -7.58 7.64 -21.85
C ASN B 373 -6.17 8.24 -21.76
N GLN B 374 -5.66 8.34 -20.54
CA GLN B 374 -4.50 9.16 -20.19
C GLN B 374 -3.38 8.24 -19.74
N SER B 375 -2.15 8.58 -20.13
CA SER B 375 -1.02 7.70 -19.89
C SER B 375 -0.81 7.52 -18.39
N PRO B 376 -0.31 6.35 -17.96
CA PRO B 376 0.23 5.25 -18.76
C PRO B 376 -0.82 4.32 -19.35
N PHE B 377 -2.07 4.46 -18.91
CA PHE B 377 -3.16 3.58 -19.35
C PHE B 377 -3.89 4.20 -20.54
N SER B 378 -3.16 4.32 -21.65
CA SER B 378 -3.72 4.86 -22.89
C SER B 378 -3.30 4.02 -24.09
N LEU B 379 -4.20 3.98 -25.08
CA LEU B 379 -4.00 3.11 -26.24
C LEU B 379 -2.68 3.42 -26.92
N SER B 380 -2.29 4.69 -26.94
CA SER B 380 -1.04 5.09 -27.56
C SER B 380 0.15 4.60 -26.75
N ASN B 381 0.04 4.61 -25.42
CA ASN B 381 1.17 4.18 -24.61
C ASN B 381 1.27 2.66 -24.54
N ILE B 382 0.13 1.95 -24.61
CA ILE B 382 0.16 0.49 -24.67
C ILE B 382 0.93 0.02 -25.90
N ALA B 383 0.60 0.57 -27.07
CA ALA B 383 1.30 0.20 -28.29
C ALA B 383 2.79 0.49 -28.19
N SER B 384 3.16 1.58 -27.53
CA SER B 384 4.58 1.87 -27.28
C SER B 384 5.23 0.81 -26.39
N VAL B 385 4.59 0.48 -25.26
CA VAL B 385 5.19 -0.41 -24.29
C VAL B 385 5.28 -1.84 -24.82
N MET B 386 4.23 -2.30 -25.52
CA MET B 386 4.29 -3.63 -26.11
C MET B 386 5.45 -3.77 -27.08
N ASP B 387 5.74 -2.71 -27.84
CA ASP B 387 6.89 -2.68 -28.74
C ASP B 387 6.93 -3.93 -29.61
N VAL B 388 5.77 -4.26 -30.17
CA VAL B 388 5.64 -5.46 -30.98
C VAL B 388 6.65 -5.45 -32.12
N GLY B 389 6.83 -4.28 -32.74
CA GLY B 389 7.77 -4.18 -33.84
C GLY B 389 9.19 -4.59 -33.48
N GLY B 390 9.67 -4.13 -32.32
CA GLY B 390 11.05 -4.43 -31.94
C GLY B 390 11.26 -5.87 -31.52
N LYS B 391 10.25 -6.48 -30.88
CA LYS B 391 10.36 -7.88 -30.49
C LYS B 391 10.37 -8.80 -31.71
N LEU B 392 9.59 -8.49 -32.75
CA LEU B 392 9.53 -9.34 -33.92
C LEU B 392 10.86 -9.27 -34.65
N LYS B 393 11.44 -8.07 -34.58
CA LYS B 393 12.72 -7.65 -35.12
C LYS B 393 13.89 -8.25 -34.37
N ALA B 394 13.66 -8.77 -33.15
CA ALA B 394 14.68 -9.33 -32.26
C ALA B 394 14.66 -10.87 -32.15
N ARG B 395 14.04 -11.57 -33.11
CA ARG B 395 13.98 -13.04 -33.06
C ARG B 395 15.25 -13.67 -33.66
N HIS B 396 15.40 -14.99 -33.46
CA HIS B 396 16.38 -15.82 -34.18
C HIS B 396 15.66 -17.00 -34.78
N GLU B 397 15.88 -17.23 -36.08
CA GLU B 397 15.31 -18.42 -36.67
C GLU B 397 16.24 -19.61 -36.51
N TYR B 398 15.65 -20.77 -36.27
CA TYR B 398 16.33 -22.05 -36.33
C TYR B 398 16.22 -22.61 -37.74
N ALA B 399 17.22 -23.38 -38.13
CA ALA B 399 17.06 -24.12 -39.36
C ALA B 399 16.05 -25.24 -39.14
N PRO B 400 15.23 -25.56 -40.14
CA PRO B 400 14.15 -26.53 -39.94
C PRO B 400 14.57 -27.87 -39.34
N GLU B 401 15.83 -28.27 -39.48
CA GLU B 401 16.25 -29.54 -38.89
C GLU B 401 16.61 -29.40 -37.41
N LYS B 402 17.14 -28.25 -37.00
CA LYS B 402 17.40 -28.05 -35.57
C LYS B 402 16.12 -27.76 -34.79
N PHE B 403 15.10 -27.19 -35.45
CA PHE B 403 13.80 -27.03 -34.80
C PHE B 403 13.17 -28.37 -34.47
N VAL B 404 13.34 -29.36 -35.34
CA VAL B 404 12.80 -30.68 -35.07
C VAL B 404 13.57 -31.34 -33.95
N GLU B 405 14.87 -31.09 -33.87
CA GLU B 405 15.69 -31.62 -32.78
C GLU B 405 15.30 -31.00 -31.43
N THR B 406 14.95 -29.71 -31.42
CA THR B 406 14.45 -29.10 -30.19
C THR B 406 13.17 -29.76 -29.72
N MET B 407 12.26 -30.06 -30.66
CA MET B 407 10.94 -30.57 -30.30
C MET B 407 11.01 -32.00 -29.79
N LYS B 408 12.06 -32.73 -30.18
CA LYS B 408 12.28 -34.07 -29.64
C LYS B 408 12.94 -34.02 -28.28
N LEU B 409 13.67 -32.95 -28.00
CA LEU B 409 14.22 -32.79 -26.65
C LEU B 409 13.11 -32.42 -25.67
N MET B 410 12.16 -31.59 -26.12
CA MET B 410 11.04 -31.20 -25.28
C MET B 410 10.14 -32.38 -24.91
N GLU B 411 10.02 -33.37 -25.80
CA GLU B 411 9.18 -34.53 -25.47
C GLU B 411 9.72 -35.26 -24.24
N HIS B 412 11.03 -35.40 -24.15
CA HIS B 412 11.64 -36.10 -23.03
C HIS B 412 11.75 -35.24 -21.78
N ARG B 413 11.60 -33.92 -21.91
CA ARG B 413 11.63 -33.06 -20.76
C ARG B 413 10.23 -32.79 -20.19
N TYR B 414 9.18 -33.23 -20.89
CA TYR B 414 7.80 -33.02 -20.45
C TYR B 414 7.43 -34.00 -19.35
N GLY B 415 6.99 -33.48 -18.21
CA GLY B 415 6.71 -34.37 -17.09
C GLY B 415 7.96 -35.06 -16.60
N ALA B 416 9.12 -34.52 -16.91
CA ALA B 416 10.40 -35.14 -16.61
C ALA B 416 10.92 -34.67 -15.27
N LYS B 417 11.79 -35.50 -14.71
CA LYS B 417 12.46 -35.47 -13.41
C LYS B 417 13.94 -35.19 -13.60
N GLU B 418 14.52 -34.53 -12.61
CA GLU B 418 15.96 -34.49 -12.40
C GLU B 418 16.78 -34.14 -13.63
N PHE B 419 16.87 -32.86 -13.98
CA PHE B 419 17.72 -32.47 -15.10
C PHE B 419 18.12 -31.01 -14.96
N VAL B 420 19.22 -30.66 -15.63
CA VAL B 420 19.68 -29.28 -15.71
C VAL B 420 19.63 -28.88 -17.18
N THR B 421 19.18 -27.66 -17.45
CA THR B 421 18.96 -27.30 -18.82
C THR B 421 20.28 -26.91 -19.43
N SER B 422 20.39 -27.12 -20.72
CA SER B 422 21.63 -26.91 -21.44
C SER B 422 21.66 -25.49 -22.02
N LYS B 423 22.44 -24.62 -21.37
CA LYS B 423 22.55 -23.22 -21.74
C LYS B 423 23.46 -22.97 -22.95
N GLU B 424 24.16 -23.98 -23.51
CA GLU B 424 25.04 -23.81 -24.68
C GLU B 424 24.44 -22.77 -25.64
N GLY B 425 25.07 -21.62 -25.73
CA GLY B 425 24.69 -20.91 -26.94
C GLY B 425 23.27 -20.38 -26.99
N ILE B 426 22.34 -20.98 -26.26
CA ILE B 426 20.98 -20.49 -26.37
C ILE B 426 20.67 -19.35 -25.45
N LEU B 427 21.18 -19.38 -24.24
CA LEU B 427 20.94 -18.27 -23.33
C LEU B 427 21.44 -16.96 -23.94
N ASP B 428 22.36 -17.06 -24.90
CA ASP B 428 22.83 -15.88 -25.62
C ASP B 428 21.69 -15.20 -26.37
N LEU B 429 20.81 -15.97 -27.01
CA LEU B 429 19.81 -15.35 -27.87
C LEU B 429 18.55 -14.87 -27.16
N LEU B 430 18.28 -15.27 -25.92
CA LEU B 430 17.18 -14.52 -25.35
C LEU B 430 17.59 -13.17 -24.77
N ALA B 431 16.60 -12.31 -24.79
CA ALA B 431 16.78 -10.91 -24.51
C ALA B 431 17.32 -10.73 -23.10
N PRO B 432 18.04 -9.63 -22.86
CA PRO B 432 18.57 -9.35 -21.53
C PRO B 432 17.42 -9.06 -20.57
N GLY B 433 17.35 -9.83 -19.50
CA GLY B 433 16.34 -9.64 -18.48
C GLY B 433 15.27 -10.71 -18.41
N THR B 434 15.31 -11.70 -19.31
CA THR B 434 14.25 -12.70 -19.38
C THR B 434 14.45 -13.81 -18.37
N TYR B 435 13.34 -14.31 -17.83
CA TYR B 435 13.39 -15.46 -16.95
C TYR B 435 13.51 -16.72 -17.79
N TYR B 436 14.08 -17.76 -17.19
CA TYR B 436 14.34 -18.99 -17.91
C TYR B 436 14.49 -20.11 -16.90
N LEU B 437 14.25 -21.34 -17.38
CA LEU B 437 14.33 -22.50 -16.52
C LEU B 437 15.79 -22.93 -16.40
N LYS B 438 16.24 -23.11 -15.15
CA LYS B 438 17.60 -23.49 -14.81
C LYS B 438 17.74 -24.99 -14.53
N GLU B 439 16.78 -25.56 -13.81
CA GLU B 439 16.89 -26.94 -13.37
C GLU B 439 15.56 -27.35 -12.75
N VAL B 440 15.31 -28.65 -12.75
CA VAL B 440 14.25 -29.26 -11.97
C VAL B 440 14.87 -30.43 -11.23
N ASP B 441 14.63 -30.50 -9.93
CA ASP B 441 15.39 -31.39 -9.06
C ASP B 441 14.77 -32.78 -9.05
N SER B 442 15.35 -33.67 -8.23
CA SER B 442 14.88 -35.04 -8.12
C SER B 442 13.42 -35.15 -7.68
N LEU B 443 12.83 -34.05 -7.21
CA LEU B 443 11.47 -34.06 -6.68
C LEU B 443 10.52 -33.24 -7.55
N TYR B 444 10.92 -33.02 -8.80
CA TYR B 444 10.21 -32.24 -9.82
C TYR B 444 10.13 -30.75 -9.52
N ARG B 445 10.66 -30.29 -8.38
CA ARG B 445 10.61 -28.86 -8.10
C ARG B 445 11.39 -28.11 -9.16
N ARG B 446 10.90 -26.92 -9.52
CA ARG B 446 11.42 -26.16 -10.64
C ARG B 446 12.05 -24.87 -10.14
N PHE B 447 13.19 -24.51 -10.74
CA PHE B 447 13.96 -23.35 -10.33
C PHE B 447 14.31 -22.53 -11.55
N TYR B 448 14.07 -21.22 -11.48
CA TYR B 448 14.21 -20.32 -12.61
C TYR B 448 15.22 -19.23 -12.31
N GLY B 449 15.87 -18.74 -13.37
CA GLY B 449 16.84 -17.68 -13.25
C GLY B 449 16.39 -16.50 -14.08
N LYS B 450 17.25 -15.51 -14.13
CA LYS B 450 16.88 -14.34 -14.90
C LYS B 450 18.12 -13.83 -15.58
N LYS B 451 17.91 -13.26 -16.77
CA LYS B 451 18.65 -12.11 -17.23
C LYS B 451 19.92 -12.59 -17.92
N LYS C 3 -14.39 17.71 16.68
CA LYS C 3 -15.23 17.72 15.47
C LYS C 3 -15.28 19.10 14.84
N ASN C 4 -15.41 19.12 13.51
CA ASN C 4 -15.42 20.36 12.73
C ASN C 4 -14.20 21.20 13.10
N VAL C 5 -13.04 20.56 13.14
CA VAL C 5 -11.84 21.21 13.63
C VAL C 5 -11.27 22.08 12.52
N GLY C 6 -10.81 23.26 12.91
CA GLY C 6 -10.28 24.19 11.93
C GLY C 6 -9.96 25.52 12.59
N ILE C 7 -9.94 26.56 11.75
CA ILE C 7 -9.59 27.90 12.20
C ILE C 7 -10.84 28.57 12.78
N LEU C 8 -10.73 29.03 14.04
CA LEU C 8 -11.80 29.78 14.67
C LEU C 8 -11.60 31.28 14.66
N ALA C 9 -10.35 31.76 14.62
CA ALA C 9 -10.09 33.18 14.74
C ALA C 9 -8.79 33.52 14.01
N MET C 10 -8.68 34.78 13.56
CA MET C 10 -7.50 35.11 12.81
C MET C 10 -7.15 36.57 13.11
N ASP C 11 -5.86 36.92 13.10
CA ASP C 11 -5.52 38.35 13.10
C ASP C 11 -4.13 38.57 12.49
N ILE C 12 -3.91 39.78 12.00
CA ILE C 12 -2.74 40.09 11.19
C ILE C 12 -2.05 41.35 11.70
N TYR C 13 -0.72 41.33 11.74
CA TYR C 13 0.07 42.54 11.89
C TYR C 13 1.19 42.54 10.86
N PHE C 14 1.42 43.70 10.25
CA PHE C 14 2.50 44.07 9.34
C PHE C 14 3.03 45.45 9.70
N PRO C 15 4.31 45.72 9.42
CA PRO C 15 4.87 47.03 9.75
C PRO C 15 4.12 48.13 9.01
N PRO C 16 3.89 49.27 9.66
CA PRO C 16 3.34 50.43 8.95
C PRO C 16 4.35 51.18 8.09
N THR C 17 5.62 50.85 8.16
CA THR C 17 6.55 51.49 7.26
C THR C 17 6.57 50.74 5.92
N CYS C 18 6.37 51.49 4.84
CA CYS C 18 6.25 50.86 3.54
C CYS C 18 6.86 51.76 2.49
N VAL C 19 7.12 51.15 1.33
CA VAL C 19 7.51 51.90 0.15
C VAL C 19 6.52 51.52 -0.92
N GLN C 20 6.31 52.45 -1.81
CA GLN C 20 5.27 52.25 -2.78
C GLN C 20 5.98 52.02 -4.10
N GLN C 21 5.51 51.02 -4.85
CA GLN C 21 6.44 50.45 -5.83
C GLN C 21 6.50 51.23 -7.12
N GLU C 22 5.47 51.99 -7.41
CA GLU C 22 5.61 53.07 -8.37
C GLU C 22 6.86 53.91 -8.07
N ALA C 23 6.99 54.36 -6.81
CA ALA C 23 8.13 55.19 -6.40
C ALA C 23 9.44 54.45 -6.56
N LEU C 24 9.43 53.13 -6.39
CA LEU C 24 10.67 52.37 -6.44
C LEU C 24 11.05 51.96 -7.87
N GLU C 25 10.08 51.80 -8.75
CA GLU C 25 10.40 51.72 -10.18
C GLU C 25 11.08 53.01 -10.63
N ALA C 26 10.53 54.15 -10.23
CA ALA C 26 11.19 55.42 -10.49
C ALA C 26 12.59 55.43 -9.87
N HIS C 27 12.72 54.95 -8.63
CA HIS C 27 14.01 55.00 -7.96
C HIS C 27 15.04 54.08 -8.65
N ASP C 28 14.68 52.84 -8.93
CA ASP C 28 15.62 51.98 -9.63
C ASP C 28 15.67 52.32 -11.11
N GLY C 29 16.69 51.79 -11.77
CA GLY C 29 16.77 51.95 -13.21
C GLY C 29 15.79 51.02 -13.91
N ALA C 30 14.53 51.00 -13.47
CA ALA C 30 13.56 50.07 -14.01
C ALA C 30 12.56 50.81 -14.90
N SER C 31 12.22 50.18 -16.03
CA SER C 31 11.10 50.59 -16.86
C SER C 31 9.81 50.64 -16.06
N LYS C 32 8.90 51.53 -16.46
CA LYS C 32 7.56 51.56 -15.90
C LYS C 32 6.86 50.23 -16.10
N GLY C 33 6.11 49.82 -15.07
CA GLY C 33 5.31 48.61 -15.12
C GLY C 33 6.02 47.35 -14.71
N LYS C 34 7.33 47.41 -14.47
CA LYS C 34 8.08 46.19 -14.15
C LYS C 34 7.72 45.64 -12.78
N TYR C 35 7.34 46.51 -11.86
CA TYR C 35 6.86 46.10 -10.54
C TYR C 35 5.35 46.16 -10.45
N THR C 36 4.75 47.17 -11.10
CA THR C 36 3.30 47.36 -11.03
C THR C 36 2.55 46.20 -11.69
N ILE C 37 2.95 45.84 -12.90
CA ILE C 37 2.33 44.74 -13.64
C ILE C 37 3.24 43.52 -13.71
N GLY C 38 4.56 43.74 -13.84
CA GLY C 38 5.48 42.63 -13.97
C GLY C 38 5.39 41.66 -12.81
N LEU C 39 5.54 42.17 -11.59
CA LEU C 39 5.35 41.36 -10.40
C LEU C 39 3.92 41.42 -9.90
N GLY C 40 3.12 42.33 -10.41
CA GLY C 40 1.74 42.44 -9.99
C GLY C 40 1.59 42.99 -8.60
N GLN C 41 2.62 43.65 -8.08
CA GLN C 41 2.66 44.12 -6.71
C GLN C 41 2.41 45.63 -6.68
N ASP C 42 1.81 46.09 -5.58
CA ASP C 42 1.42 47.48 -5.44
C ASP C 42 2.19 48.23 -4.36
N CYS C 43 2.45 47.61 -3.21
CA CYS C 43 3.11 48.27 -2.10
C CYS C 43 3.87 47.22 -1.29
N LEU C 44 5.04 47.62 -0.77
CA LEU C 44 5.92 46.73 -0.03
C LEU C 44 6.07 47.23 1.39
N ALA C 45 5.58 46.43 2.35
CA ALA C 45 5.80 46.70 3.76
C ALA C 45 7.12 46.10 4.21
N PHE C 46 7.74 46.73 5.22
CA PHE C 46 9.05 46.28 5.67
C PHE C 46 9.24 46.67 7.13
N CYS C 47 10.05 45.89 7.84
CA CYS C 47 10.34 46.16 9.24
C CYS C 47 11.43 47.21 9.37
N THR C 48 11.20 48.23 10.18
CA THR C 48 12.29 49.14 10.52
C THR C 48 13.14 48.48 11.61
N GLU C 49 14.11 49.22 12.15
CA GLU C 49 14.95 48.63 13.18
C GLU C 49 14.19 48.33 14.46
N LEU C 50 13.01 48.92 14.66
CA LEU C 50 12.24 48.68 15.86
C LEU C 50 11.38 47.41 15.79
N GLU C 51 11.12 46.90 14.60
CA GLU C 51 10.25 45.74 14.46
C GLU C 51 11.02 44.56 13.91
N ASP C 52 10.54 43.37 14.23
CA ASP C 52 11.13 42.10 13.82
C ASP C 52 10.04 41.03 13.94
N VAL C 53 10.44 39.77 13.79
CA VAL C 53 9.47 38.69 13.84
C VAL C 53 8.97 38.48 15.27
N ILE C 54 9.81 38.76 16.27
CA ILE C 54 9.36 38.69 17.65
C ILE C 54 8.32 39.77 17.93
N SER C 55 8.67 41.03 17.67
CA SER C 55 7.75 42.15 17.86
C SER C 55 6.42 41.90 17.14
N MET C 56 6.47 41.66 15.83
CA MET C 56 5.26 41.43 15.07
C MET C 56 4.47 40.25 15.60
N SER C 57 5.17 39.22 16.09
CA SER C 57 4.47 38.10 16.67
C SER C 57 3.63 38.54 17.86
N PHE C 58 4.24 39.32 18.78
CA PHE C 58 3.51 39.86 19.92
C PHE C 58 2.28 40.62 19.49
N ASN C 59 2.41 41.49 18.48
CA ASN C 59 1.26 42.24 18.00
C ASN C 59 0.17 41.30 17.47
N ALA C 60 0.54 40.26 16.73
CA ALA C 60 -0.46 39.36 16.17
C ALA C 60 -1.15 38.50 17.23
N VAL C 61 -0.38 37.95 18.18
CA VAL C 61 -0.98 37.16 19.25
C VAL C 61 -1.95 38.00 20.09
N THR C 62 -1.45 39.11 20.63
CA THR C 62 -2.24 39.93 21.55
C THR C 62 -3.55 40.38 20.91
N SER C 63 -3.48 40.93 19.71
CA SER C 63 -4.67 41.43 19.05
C SER C 63 -5.67 40.30 18.80
N LEU C 64 -5.21 39.06 18.73
CA LEU C 64 -6.15 37.95 18.53
C LEU C 64 -6.87 37.56 19.83
N LEU C 65 -6.15 37.47 20.96
CA LEU C 65 -6.86 37.17 22.21
C LEU C 65 -7.64 38.38 22.75
N GLU C 66 -7.13 39.61 22.62
CA GLU C 66 -7.94 40.73 23.08
C GLU C 66 -9.25 40.82 22.29
N LYS C 67 -9.14 41.02 20.98
CA LYS C 67 -10.30 41.35 20.15
C LYS C 67 -11.34 40.23 20.09
N TYR C 68 -10.94 38.97 20.29
CA TYR C 68 -11.91 37.88 20.29
C TYR C 68 -12.32 37.42 21.70
N LYS C 69 -11.87 38.08 22.76
CA LYS C 69 -12.13 37.67 24.15
C LYS C 69 -11.70 36.22 24.41
N ILE C 70 -10.39 35.99 24.49
CA ILE C 70 -9.90 34.65 24.82
C ILE C 70 -9.10 34.73 26.11
N ASP C 71 -9.32 33.75 26.99
CA ASP C 71 -8.58 33.64 28.23
C ASP C 71 -7.21 33.02 27.97
N PRO C 72 -6.09 33.68 28.34
CA PRO C 72 -4.75 33.09 28.14
C PRO C 72 -4.53 31.68 28.71
N LYS C 73 -5.41 31.21 29.62
CA LYS C 73 -5.35 29.93 30.31
C LYS C 73 -5.59 28.77 29.35
N GLN C 74 -6.44 28.97 28.35
CA GLN C 74 -6.82 27.93 27.40
C GLN C 74 -6.36 28.13 25.97
N ILE C 75 -5.09 28.46 25.89
CA ILE C 75 -4.21 28.04 24.82
C ILE C 75 -3.48 26.82 25.38
N GLY C 76 -3.73 25.66 24.81
CA GLY C 76 -3.10 24.45 25.31
C GLY C 76 -1.85 24.16 24.51
N ARG C 77 -1.76 24.80 23.35
CA ARG C 77 -0.64 24.60 22.46
C ARG C 77 -0.42 25.85 21.61
N LEU C 78 0.84 26.27 21.50
CA LEU C 78 1.29 27.44 20.77
C LEU C 78 2.36 27.00 19.78
N GLU C 79 2.16 27.32 18.50
CA GLU C 79 3.04 26.74 17.50
C GLU C 79 3.46 27.87 16.56
N VAL C 80 4.74 27.91 16.18
CA VAL C 80 5.24 29.04 15.38
C VAL C 80 5.83 28.53 14.06
N GLY C 81 5.46 29.19 12.97
CA GLY C 81 6.04 28.92 11.66
C GLY C 81 6.78 30.12 11.11
N SER C 82 8.04 29.94 10.72
CA SER C 82 8.85 31.08 10.31
C SER C 82 10.09 30.58 9.58
N GLU C 83 10.75 31.49 8.87
CA GLU C 83 12.03 31.22 8.21
C GLU C 83 13.13 32.17 8.65
N THR C 84 12.81 33.22 9.38
CA THR C 84 13.80 34.13 9.95
C THR C 84 14.45 33.49 11.17
N VAL C 85 15.77 33.33 11.12
CA VAL C 85 16.53 32.73 12.20
C VAL C 85 16.95 33.83 13.17
N ILE C 86 16.31 33.85 14.34
CA ILE C 86 16.79 34.70 15.43
C ILE C 86 17.90 34.00 16.20
N ASP C 87 17.64 32.78 16.63
CA ASP C 87 18.65 32.00 17.32
C ASP C 87 18.64 30.60 16.74
N LYS C 88 19.79 29.94 16.76
CA LYS C 88 19.89 28.62 16.16
C LYS C 88 19.46 27.52 17.12
N SER C 89 19.03 27.87 18.33
CA SER C 89 18.63 26.89 19.35
C SER C 89 17.37 27.34 20.07
N LYS C 90 17.31 28.60 20.47
CA LYS C 90 16.18 29.14 21.19
C LYS C 90 15.15 29.65 20.18
N SER C 91 13.97 29.03 20.18
CA SER C 91 12.98 29.26 19.14
C SER C 91 12.17 30.52 19.41
N ILE C 92 11.49 30.98 18.36
CA ILE C 92 10.54 32.09 18.50
C ILE C 92 9.45 31.73 19.50
N LYS C 93 9.09 30.45 19.60
CA LYS C 93 8.01 30.04 20.49
C LYS C 93 8.32 30.43 21.93
N THR C 94 9.56 30.24 22.37
CA THR C 94 9.93 30.61 23.73
C THR C 94 9.78 32.11 23.95
N PHE C 95 10.25 32.92 23.00
CA PHE C 95 10.05 34.36 23.07
C PHE C 95 8.58 34.70 23.26
N LEU C 96 7.70 33.94 22.61
CA LEU C 96 6.27 34.17 22.70
C LEU C 96 5.71 33.86 24.08
N MET C 97 6.45 33.11 24.90
CA MET C 97 5.92 32.69 26.20
C MET C 97 5.81 33.83 27.21
N GLN C 98 6.33 35.04 26.94
CA GLN C 98 6.10 36.11 27.92
C GLN C 98 4.70 36.68 27.88
N LEU C 99 3.91 36.36 26.87
CA LEU C 99 2.50 36.66 27.01
C LEU C 99 1.82 35.71 27.97
N PHE C 100 2.48 34.61 28.31
CA PHE C 100 1.90 33.56 29.16
C PHE C 100 2.60 33.36 30.51
N GLU C 101 3.52 34.24 30.91
CA GLU C 101 4.02 34.34 32.30
C GLU C 101 2.90 34.65 33.28
N LYS C 102 2.15 35.71 33.03
CA LYS C 102 1.28 36.23 34.06
C LYS C 102 -0.04 35.48 34.20
N CYS C 103 -0.25 34.41 33.47
CA CYS C 103 -1.40 33.54 33.67
C CYS C 103 -1.02 32.26 34.41
N GLY C 104 0.28 32.05 34.66
CA GLY C 104 0.75 30.81 35.21
C GLY C 104 0.68 29.64 34.26
N ASN C 105 0.20 29.86 33.05
CA ASN C 105 0.01 28.81 32.05
C ASN C 105 1.33 28.55 31.35
N THR C 106 1.98 27.45 31.72
CA THR C 106 3.18 26.98 31.06
C THR C 106 2.97 25.61 30.46
N ASP C 107 1.78 25.03 30.62
CA ASP C 107 1.51 23.68 30.14
C ASP C 107 0.93 23.74 28.73
N VAL C 108 1.72 24.32 27.83
CA VAL C 108 1.37 24.43 26.42
C VAL C 108 2.43 23.68 25.62
N GLU C 109 1.98 22.84 24.70
CA GLU C 109 2.89 22.13 23.82
C GLU C 109 3.11 22.94 22.55
N GLY C 110 4.04 22.49 21.74
CA GLY C 110 4.23 23.12 20.46
C GLY C 110 5.57 23.80 20.38
N VAL C 111 6.11 23.88 19.17
CA VAL C 111 7.42 24.48 18.97
C VAL C 111 7.48 25.08 17.56
N ASP C 112 8.67 25.47 17.11
CA ASP C 112 8.83 25.97 15.75
C ASP C 112 8.92 24.84 14.74
N SER C 113 8.22 25.00 13.62
CA SER C 113 8.38 24.18 12.43
C SER C 113 8.97 25.04 11.33
N THR C 114 9.97 24.51 10.61
CA THR C 114 10.73 25.34 9.69
C THR C 114 10.99 24.63 8.37
N ASN C 115 10.59 25.28 7.28
CA ASN C 115 11.07 25.01 5.92
C ASN C 115 10.58 26.07 4.96
N ALA C 116 11.43 27.07 4.69
CA ALA C 116 11.16 28.18 3.79
C ALA C 116 9.78 28.76 4.12
N CYS C 117 8.92 29.00 3.14
CA CYS C 117 7.61 29.61 3.36
C CYS C 117 6.54 28.59 3.71
N TYR C 118 6.93 27.38 4.12
CA TYR C 118 6.00 26.30 4.42
C TYR C 118 5.81 26.05 5.91
N GLY C 119 6.70 26.59 6.76
CA GLY C 119 6.61 26.32 8.18
C GLY C 119 5.26 26.66 8.78
N GLY C 120 4.62 27.71 8.28
CA GLY C 120 3.29 28.06 8.77
C GLY C 120 2.29 26.95 8.53
N THR C 121 2.32 26.35 7.34
CA THR C 121 1.42 25.23 7.06
C THR C 121 1.75 24.02 7.94
N ALA C 122 3.03 23.69 8.08
CA ALA C 122 3.40 22.56 8.93
C ALA C 122 2.90 22.75 10.36
N ALA C 123 3.02 23.97 10.90
CA ALA C 123 2.54 24.22 12.25
C ALA C 123 1.02 24.12 12.33
N LEU C 124 0.31 24.82 11.44
CA LEU C 124 -1.14 24.77 11.43
C LEU C 124 -1.66 23.33 11.34
N LEU C 125 -1.06 22.52 10.46
CA LEU C 125 -1.53 21.14 10.33
C LEU C 125 -1.25 20.35 11.61
N ASN C 126 -0.05 20.53 12.18
CA ASN C 126 0.28 19.90 13.47
C ASN C 126 -0.74 20.25 14.54
N CYS C 127 -1.24 21.49 14.53
CA CYS C 127 -2.18 21.92 15.57
C CYS C 127 -3.55 21.29 15.36
N VAL C 128 -4.06 21.29 14.13
CA VAL C 128 -5.32 20.61 13.83
C VAL C 128 -5.23 19.15 14.25
N ASN C 129 -4.17 18.47 13.81
CA ASN C 129 -3.97 17.08 14.18
C ASN C 129 -3.74 16.92 15.68
N TRP C 130 -3.39 17.99 16.39
CA TRP C 130 -3.29 17.94 17.84
C TRP C 130 -4.66 17.98 18.49
N VAL C 131 -5.53 18.89 18.06
CA VAL C 131 -6.89 18.96 18.63
C VAL C 131 -7.63 17.65 18.45
N GLU C 132 -7.37 16.94 17.35
CA GLU C 132 -7.98 15.65 17.08
C GLU C 132 -7.21 14.50 17.71
N SER C 133 -6.27 14.78 18.60
CA SER C 133 -5.42 13.79 19.22
C SER C 133 -6.05 13.21 20.48
N ASN C 134 -5.61 12.00 20.83
CA ASN C 134 -5.95 11.47 22.16
C ASN C 134 -5.29 12.31 23.24
N SER C 135 -4.14 12.90 22.94
CA SER C 135 -3.42 13.77 23.87
C SER C 135 -4.04 15.14 24.01
N TRP C 136 -5.18 15.39 23.38
CA TRP C 136 -5.81 16.70 23.48
C TRP C 136 -6.29 16.90 24.91
N ASP C 137 -6.47 18.17 25.28
CA ASP C 137 -6.91 18.50 26.63
C ASP C 137 -8.03 19.53 26.61
N GLY C 138 -8.73 19.67 25.48
CA GLY C 138 -9.89 20.53 25.36
C GLY C 138 -9.60 22.00 25.15
N ARG C 139 -8.34 22.40 25.18
CA ARG C 139 -8.01 23.82 25.06
C ARG C 139 -7.79 24.23 23.60
N TYR C 140 -7.79 25.53 23.38
CA TYR C 140 -7.59 26.07 22.03
C TYR C 140 -6.16 25.85 21.56
N GLY C 141 -6.02 25.57 20.27
CA GLY C 141 -4.73 25.64 19.62
C GLY C 141 -4.46 27.06 19.10
N LEU C 142 -3.19 27.42 19.07
CA LEU C 142 -2.78 28.73 18.58
C LEU C 142 -1.60 28.59 17.62
N VAL C 143 -1.75 29.16 16.44
CA VAL C 143 -0.78 29.07 15.36
C VAL C 143 -0.31 30.46 14.99
N ILE C 144 1.00 30.62 14.80
CA ILE C 144 1.61 31.90 14.41
C ILE C 144 2.43 31.70 13.14
N CYS C 145 2.27 32.62 12.18
CA CYS C 145 3.07 32.68 10.96
C CYS C 145 3.70 34.07 10.91
N THR C 146 5.03 34.16 11.03
CA THR C 146 5.70 35.46 11.06
C THR C 146 7.02 35.42 10.30
N ASP C 147 7.25 36.47 9.50
CA ASP C 147 8.49 36.62 8.75
C ASP C 147 8.66 38.07 8.31
N SER C 148 9.93 38.48 8.15
CA SER C 148 10.28 39.74 7.51
C SER C 148 11.16 39.40 6.32
N ALA C 149 10.58 39.52 5.12
CA ALA C 149 11.25 39.17 3.87
C ALA C 149 11.88 40.42 3.28
N VAL C 150 13.21 40.51 3.32
CA VAL C 150 13.87 41.70 2.80
C VAL C 150 15.21 41.29 2.20
N TYR C 151 15.53 41.83 1.02
CA TYR C 151 16.82 41.56 0.42
C TYR C 151 17.55 42.83 0.00
N ALA C 152 17.19 43.98 0.57
CA ALA C 152 17.89 45.25 0.38
C ALA C 152 18.50 45.42 -1.01
N GLU C 153 19.67 44.90 -1.30
CA GLU C 153 20.16 45.25 -2.63
C GLU C 153 20.02 44.07 -3.58
N GLY C 154 19.78 44.41 -4.85
CA GLY C 154 19.68 43.48 -5.94
C GLY C 154 18.34 43.49 -6.66
N PRO C 155 18.13 42.51 -7.55
CA PRO C 155 16.88 42.42 -8.32
C PRO C 155 15.74 41.75 -7.58
N ALA C 156 15.96 41.34 -6.33
CA ALA C 156 14.95 40.73 -5.48
C ALA C 156 14.41 41.73 -4.48
N ARG C 157 14.99 42.92 -4.43
CA ARG C 157 14.53 43.97 -3.51
C ARG C 157 13.03 44.18 -3.55
N PRO C 158 12.37 44.24 -4.71
CA PRO C 158 10.93 44.48 -4.73
C PRO C 158 10.08 43.35 -4.15
N THR C 159 10.58 42.12 -4.08
CA THR C 159 9.77 41.02 -3.58
C THR C 159 9.85 40.88 -2.07
N GLY C 160 10.23 41.93 -1.36
CA GLY C 160 10.33 41.88 0.07
C GLY C 160 8.98 41.91 0.76
N GLY C 161 9.04 41.83 2.08
CA GLY C 161 7.83 41.94 2.89
C GLY C 161 8.14 41.72 4.36
N ALA C 162 7.08 41.87 5.16
CA ALA C 162 7.14 41.58 6.58
C ALA C 162 5.72 41.51 7.11
N ALA C 163 5.40 40.49 7.91
CA ALA C 163 4.08 40.38 8.50
C ALA C 163 4.08 39.27 9.52
N ALA C 164 3.02 39.25 10.33
CA ALA C 164 2.75 38.19 11.28
C ALA C 164 1.26 37.89 11.25
N ILE C 165 0.92 36.62 11.38
CA ILE C 165 -0.47 36.20 11.39
C ILE C 165 -0.67 35.24 12.57
N ALA C 166 -1.77 35.43 13.29
CA ALA C 166 -2.15 34.54 14.37
C ALA C 166 -3.45 33.84 13.99
N MET C 167 -3.53 32.56 14.32
CA MET C 167 -4.72 31.79 13.99
C MET C 167 -5.12 30.91 15.17
N LEU C 168 -6.38 30.99 15.55
CA LEU C 168 -6.94 30.19 16.63
C LEU C 168 -7.54 28.93 16.06
N ILE C 169 -7.03 27.78 16.49
CA ILE C 169 -7.44 26.48 15.97
C ILE C 169 -8.25 25.79 17.06
N GLY C 170 -9.41 25.25 16.69
CA GLY C 170 -10.26 24.59 17.65
C GLY C 170 -11.42 23.90 16.97
N PRO C 171 -12.25 23.20 17.75
CA PRO C 171 -13.35 22.45 17.15
C PRO C 171 -14.52 23.37 16.81
N ASP C 172 -15.39 22.85 15.96
CA ASP C 172 -16.60 23.55 15.51
C ASP C 172 -16.25 24.97 15.02
N ALA C 173 -15.52 25.00 13.89
CA ALA C 173 -14.98 26.22 13.32
C ALA C 173 -15.80 26.71 12.14
N PRO C 174 -15.80 28.02 11.89
CA PRO C 174 -16.31 28.52 10.61
C PRO C 174 -15.43 28.13 9.44
N ILE C 175 -14.19 27.75 9.71
CA ILE C 175 -13.21 27.38 8.69
C ILE C 175 -12.77 25.95 9.00
N VAL C 176 -13.54 24.99 8.52
CA VAL C 176 -13.30 23.58 8.81
C VAL C 176 -12.33 23.01 7.79
N PHE C 177 -11.56 22.03 8.24
CA PHE C 177 -10.62 21.31 7.37
C PHE C 177 -11.34 20.11 6.78
N GLU C 178 -11.35 20.02 5.45
CA GLU C 178 -11.87 18.81 4.82
C GLU C 178 -10.73 17.81 4.70
N SER C 179 -10.35 17.27 5.86
CA SER C 179 -9.22 16.35 5.98
C SER C 179 -9.38 15.22 4.98
N LYS C 180 -8.29 14.55 4.65
CA LYS C 180 -8.24 13.50 3.65
C LYS C 180 -8.33 14.08 2.25
N LEU C 181 -8.81 15.32 2.12
CA LEU C 181 -8.83 15.94 0.80
C LEU C 181 -7.58 16.79 0.71
N ARG C 182 -6.46 16.14 0.42
CA ARG C 182 -5.28 16.99 0.40
C ARG C 182 -4.21 16.24 -0.37
N GLY C 183 -3.17 16.97 -0.77
CA GLY C 183 -2.03 16.36 -1.40
C GLY C 183 -0.75 17.13 -1.14
N SER C 184 0.31 16.41 -0.77
CA SER C 184 1.59 17.00 -0.45
C SER C 184 2.65 16.51 -1.43
N HIS C 185 3.65 17.34 -1.69
CA HIS C 185 4.78 16.94 -2.51
C HIS C 185 6.04 17.54 -1.92
N MET C 186 7.07 16.72 -1.75
CA MET C 186 8.30 17.14 -1.12
C MET C 186 9.47 16.40 -1.74
N ALA C 187 10.55 17.12 -2.00
CA ALA C 187 11.75 16.52 -2.53
C ALA C 187 12.96 17.30 -2.03
N HIS C 188 14.14 16.80 -2.39
CA HIS C 188 15.41 17.44 -2.06
C HIS C 188 15.90 18.16 -3.32
N VAL C 189 15.71 19.48 -3.33
CA VAL C 189 16.14 20.31 -4.45
C VAL C 189 16.83 21.54 -3.92
N TYR C 190 17.70 22.12 -4.75
CA TYR C 190 18.44 23.32 -4.37
C TYR C 190 17.94 24.51 -5.18
N ASP C 191 16.64 24.79 -5.11
CA ASP C 191 16.05 25.85 -5.92
C ASP C 191 16.14 27.21 -5.25
N PHE C 192 16.24 27.24 -3.93
CA PHE C 192 16.31 28.48 -3.15
C PHE C 192 16.62 28.04 -1.73
N TYR C 193 17.66 28.63 -1.13
CA TYR C 193 18.10 28.16 0.19
C TYR C 193 19.12 29.15 0.72
N LYS C 194 19.23 29.19 2.05
CA LYS C 194 20.12 30.14 2.72
C LYS C 194 21.26 29.39 3.41
N PRO C 195 22.29 28.98 2.68
CA PRO C 195 23.35 28.17 3.28
C PRO C 195 24.48 28.98 3.91
N ASN C 196 24.53 30.28 3.64
CA ASN C 196 25.56 31.15 4.20
C ASN C 196 24.93 31.79 5.44
N LEU C 197 25.34 31.32 6.61
CA LEU C 197 24.63 31.66 7.83
C LEU C 197 24.87 33.10 8.28
N ALA C 198 25.95 33.74 7.84
CA ALA C 198 26.19 35.12 8.27
C ALA C 198 25.31 36.12 7.52
N SER C 199 25.10 35.90 6.23
CA SER C 199 24.33 36.78 5.34
C SER C 199 22.88 36.30 5.24
N GLU C 200 21.92 37.23 5.06
CA GLU C 200 20.55 36.72 4.83
C GLU C 200 20.29 36.37 3.38
N TYR C 201 21.26 36.36 2.55
CA TYR C 201 20.78 36.13 1.18
C TYR C 201 20.89 34.67 0.79
N PRO C 202 19.92 34.22 0.02
CA PRO C 202 19.89 32.84 -0.44
C PRO C 202 20.63 32.66 -1.76
N VAL C 203 21.07 31.43 -1.99
CA VAL C 203 21.46 31.03 -3.33
C VAL C 203 20.19 30.67 -4.07
N VAL C 204 20.02 31.17 -5.28
CA VAL C 204 18.85 30.86 -6.08
C VAL C 204 19.32 30.27 -7.40
N ASP C 205 18.73 29.13 -7.78
CA ASP C 205 19.04 28.44 -9.03
C ASP C 205 17.87 28.73 -9.98
N GLY C 206 17.94 29.87 -10.66
CA GLY C 206 16.89 30.37 -11.52
C GLY C 206 16.09 29.36 -12.32
N LYS C 207 16.76 28.45 -13.04
CA LYS C 207 16.01 27.49 -13.84
C LYS C 207 15.41 26.36 -13.00
N LEU C 208 16.00 26.05 -11.84
CA LEU C 208 15.43 25.02 -10.98
C LEU C 208 14.29 25.53 -10.10
N SER C 209 14.21 26.84 -9.88
CA SER C 209 13.14 27.42 -9.09
C SER C 209 11.75 27.05 -9.63
N GLN C 210 11.45 27.47 -10.86
CA GLN C 210 10.08 27.36 -11.33
C GLN C 210 9.76 25.89 -11.62
N THR C 211 10.74 25.16 -12.20
CA THR C 211 10.56 23.73 -12.48
C THR C 211 10.10 22.99 -11.24
N CYS C 212 10.69 23.30 -10.08
CA CYS C 212 10.32 22.61 -8.84
C CYS C 212 8.94 23.04 -8.37
N TYR C 213 8.67 24.35 -8.40
CA TYR C 213 7.37 24.86 -8.00
C TYR C 213 6.22 24.20 -8.77
N LEU C 214 6.38 23.99 -10.08
CA LEU C 214 5.32 23.34 -10.86
C LEU C 214 5.20 21.86 -10.50
N MET C 215 6.34 21.14 -10.51
CA MET C 215 6.31 19.72 -10.11
C MET C 215 5.58 19.54 -8.79
N ALA C 216 5.76 20.49 -7.86
CA ALA C 216 5.04 20.43 -6.60
C ALA C 216 3.57 20.79 -6.79
N LEU C 217 3.31 21.91 -7.47
CA LEU C 217 1.93 22.33 -7.71
C LEU C 217 1.17 21.30 -8.55
N ASP C 218 1.85 20.69 -9.52
CA ASP C 218 1.25 19.58 -10.27
C ASP C 218 0.98 18.39 -9.35
N SER C 219 2.03 17.88 -8.71
CA SER C 219 1.90 16.67 -7.89
C SER C 219 0.84 16.85 -6.80
N CYS C 220 0.78 18.03 -6.18
CA CYS C 220 -0.19 18.24 -5.11
C CYS C 220 -1.61 18.22 -5.66
N TYR C 221 -1.85 18.98 -6.73
CA TYR C 221 -3.15 18.96 -7.38
C TYR C 221 -3.49 17.54 -7.81
N LYS C 222 -2.51 16.79 -8.34
CA LYS C 222 -2.81 15.43 -8.77
C LYS C 222 -3.27 14.55 -7.62
N HIS C 223 -2.54 14.61 -6.50
CA HIS C 223 -2.89 13.77 -5.37
C HIS C 223 -4.23 14.17 -4.78
N LEU C 224 -4.51 15.47 -4.72
CA LEU C 224 -5.81 15.91 -4.21
C LEU C 224 -6.95 15.45 -5.12
N CYS C 225 -6.77 15.62 -6.43
CA CYS C 225 -7.81 15.19 -7.36
C CYS C 225 -8.04 13.68 -7.24
N ASN C 226 -6.97 12.92 -7.07
CA ASN C 226 -7.09 11.48 -6.94
C ASN C 226 -7.71 11.07 -5.61
N LYS C 227 -7.64 11.94 -4.60
CA LYS C 227 -8.22 11.68 -3.29
C LYS C 227 -9.66 12.15 -3.18
N PHE C 228 -10.02 13.22 -3.91
CA PHE C 228 -11.42 13.62 -4.03
C PHE C 228 -12.24 12.52 -4.69
N GLU C 229 -11.62 11.82 -5.65
CA GLU C 229 -12.30 10.80 -6.44
C GLU C 229 -12.56 9.50 -5.65
N LYS C 230 -11.66 9.11 -4.71
CA LYS C 230 -11.97 8.06 -3.71
C LYS C 230 -12.73 8.55 -2.51
N LEU C 231 -13.03 9.83 -2.41
CA LEU C 231 -13.95 10.23 -1.37
C LEU C 231 -15.35 10.59 -1.89
N GLU C 232 -15.45 11.34 -3.00
CA GLU C 232 -16.72 11.92 -3.43
C GLU C 232 -17.19 11.44 -4.80
N GLY C 233 -16.65 10.36 -5.34
CA GLY C 233 -17.24 9.69 -6.49
C GLY C 233 -17.07 10.33 -7.85
N LYS C 234 -16.95 11.65 -7.91
CA LYS C 234 -16.70 12.39 -9.14
C LYS C 234 -15.23 12.81 -9.23
N GLU C 235 -14.81 13.21 -10.43
CA GLU C 235 -13.49 13.79 -10.61
C GLU C 235 -13.45 15.22 -10.10
N PHE C 236 -12.25 15.69 -9.77
CA PHE C 236 -12.08 17.06 -9.31
C PHE C 236 -11.75 17.98 -10.48
N SER C 237 -12.25 19.21 -10.40
CA SER C 237 -12.10 20.21 -11.44
C SER C 237 -11.90 21.55 -10.77
N ILE C 238 -11.54 22.55 -11.57
CA ILE C 238 -11.56 23.94 -11.10
C ILE C 238 -12.97 24.27 -10.62
N ASN C 239 -13.97 23.54 -11.11
CA ASN C 239 -15.37 23.83 -10.78
C ASN C 239 -15.85 23.13 -9.51
N ASP C 240 -15.08 22.21 -8.96
CA ASP C 240 -15.44 21.59 -7.69
C ASP C 240 -14.93 22.39 -6.50
N ALA C 241 -14.51 23.63 -6.73
CA ALA C 241 -14.14 24.53 -5.65
C ALA C 241 -14.50 25.94 -6.08
N ASP C 242 -14.90 26.76 -5.11
CA ASP C 242 -15.27 28.12 -5.43
C ASP C 242 -14.07 29.07 -5.42
N TYR C 243 -13.07 28.79 -4.60
CA TYR C 243 -11.92 29.68 -4.49
C TYR C 243 -10.63 28.89 -4.35
N PHE C 244 -9.57 29.44 -4.96
CA PHE C 244 -8.23 28.89 -4.87
C PHE C 244 -7.34 29.96 -4.26
N VAL C 245 -6.57 29.58 -3.24
CA VAL C 245 -5.69 30.50 -2.53
C VAL C 245 -4.28 29.96 -2.63
N PHE C 246 -3.32 30.82 -2.95
CA PHE C 246 -1.97 30.39 -3.26
C PHE C 246 -0.94 31.11 -2.38
N HIS C 247 0.17 30.42 -2.13
CA HIS C 247 1.41 31.06 -1.72
C HIS C 247 1.70 32.23 -2.63
N SER C 248 1.93 33.39 -2.04
CA SER C 248 1.95 34.66 -2.79
C SER C 248 3.25 35.43 -2.59
N PRO C 249 4.39 34.86 -3.02
CA PRO C 249 5.64 35.66 -2.95
C PRO C 249 5.58 36.91 -3.78
N TYR C 250 4.90 36.86 -4.93
CA TYR C 250 4.47 38.05 -5.64
C TYR C 250 3.25 37.65 -6.44
N ASN C 251 2.51 38.65 -6.90
CA ASN C 251 1.19 38.36 -7.46
C ASN C 251 1.30 37.58 -8.77
N LYS C 252 2.28 37.91 -9.61
CA LYS C 252 2.32 37.28 -10.93
C LYS C 252 2.61 35.78 -10.82
N LEU C 253 3.26 35.32 -9.74
CA LEU C 253 3.41 33.88 -9.53
C LEU C 253 2.05 33.25 -9.20
N VAL C 254 1.17 34.03 -8.58
CA VAL C 254 -0.18 33.52 -8.30
C VAL C 254 -0.92 33.31 -9.61
N GLN C 255 -0.72 34.23 -10.57
CA GLN C 255 -1.26 34.11 -11.92
C GLN C 255 -0.92 32.75 -12.54
N LYS C 256 0.38 32.48 -12.68
CA LYS C 256 0.79 31.23 -13.32
C LYS C 256 0.38 30.01 -12.50
N SER C 257 0.41 30.11 -11.17
CA SER C 257 0.01 29.00 -10.32
C SER C 257 -1.42 28.56 -10.63
N PHE C 258 -2.34 29.53 -10.77
CA PHE C 258 -3.71 29.17 -11.08
C PHE C 258 -3.86 28.77 -12.54
N ALA C 259 -3.26 29.55 -13.45
CA ALA C 259 -3.25 29.17 -14.86
C ALA C 259 -2.69 27.77 -15.07
N ARG C 260 -1.66 27.40 -14.30
CA ARG C 260 -1.11 26.07 -14.43
C ARG C 260 -2.10 25.00 -13.98
N LEU C 261 -2.98 25.34 -13.03
CA LEU C 261 -4.00 24.38 -12.62
C LEU C 261 -4.99 24.12 -13.75
N LEU C 262 -5.29 25.14 -14.56
CA LEU C 262 -6.24 24.94 -15.65
C LEU C 262 -5.62 24.09 -16.74
N TYR C 263 -4.32 24.28 -16.99
CA TYR C 263 -3.61 23.35 -17.88
C TYR C 263 -3.66 21.94 -17.34
N ASN C 264 -3.55 21.79 -16.01
CA ASN C 264 -3.62 20.47 -15.41
C ASN C 264 -5.01 19.87 -15.54
N ASP C 265 -6.03 20.72 -15.65
CA ASP C 265 -7.37 20.20 -15.91
C ASP C 265 -7.54 19.78 -17.37
N PHE C 266 -6.85 20.46 -18.29
CA PHE C 266 -6.89 20.05 -19.69
C PHE C 266 -6.26 18.68 -19.89
N LEU C 267 -5.13 18.42 -19.24
CA LEU C 267 -4.41 17.16 -19.40
C LEU C 267 -5.13 15.96 -18.81
N ARG C 268 -6.25 16.17 -18.12
CA ARG C 268 -7.07 15.08 -17.59
C ARG C 268 -8.50 15.13 -18.12
N ASN C 269 -8.74 15.96 -19.13
CA ASN C 269 -10.04 16.13 -19.75
C ASN C 269 -11.11 16.35 -18.68
N ALA C 270 -10.98 17.49 -18.01
CA ALA C 270 -11.87 17.82 -16.91
C ALA C 270 -13.11 18.56 -17.41
N SER C 271 -14.13 18.59 -16.55
CA SER C 271 -15.38 19.29 -16.84
C SER C 271 -15.22 20.80 -16.89
N SER C 272 -14.07 21.34 -16.50
CA SER C 272 -13.86 22.79 -16.49
C SER C 272 -13.36 23.35 -17.81
N ILE C 273 -12.87 22.50 -18.71
CA ILE C 273 -12.33 22.95 -19.99
C ILE C 273 -13.43 22.80 -21.06
N ASP C 274 -14.01 23.91 -21.48
CA ASP C 274 -14.93 23.92 -22.60
C ASP C 274 -14.17 23.78 -23.93
N GLU C 275 -14.92 23.67 -25.03
CA GLU C 275 -14.33 23.49 -26.35
C GLU C 275 -13.51 24.69 -26.82
N ALA C 276 -13.95 25.91 -26.51
CA ALA C 276 -13.22 27.08 -27.01
C ALA C 276 -11.81 27.11 -26.46
N ALA C 277 -11.63 26.70 -25.21
CA ALA C 277 -10.29 26.61 -24.63
C ALA C 277 -9.65 25.25 -24.89
N LYS C 278 -10.45 24.19 -25.00
CA LYS C 278 -9.90 22.90 -25.37
C LYS C 278 -9.24 22.95 -26.74
N GLU C 279 -9.81 23.73 -27.66
CA GLU C 279 -9.22 23.86 -28.99
C GLU C 279 -7.89 24.60 -28.94
N LYS C 280 -7.76 25.56 -28.02
CA LYS C 280 -6.56 26.35 -27.87
C LYS C 280 -5.40 25.56 -27.24
N PHE C 281 -5.70 24.58 -26.39
CA PHE C 281 -4.63 23.80 -25.75
C PHE C 281 -4.02 22.74 -26.67
N THR C 282 -4.82 22.08 -27.51
CA THR C 282 -4.33 20.86 -28.16
C THR C 282 -3.06 21.04 -29.00
N PRO C 283 -2.75 22.21 -29.56
CA PRO C 283 -1.42 22.37 -30.17
C PRO C 283 -0.27 22.10 -29.21
N TYR C 284 -0.53 22.07 -27.91
CA TYR C 284 0.47 21.87 -26.86
C TYR C 284 0.37 20.51 -26.21
N SER C 285 -0.40 19.59 -26.79
CA SER C 285 -0.52 18.27 -26.19
C SER C 285 0.60 17.34 -26.62
N SER C 286 1.48 17.79 -27.49
CA SER C 286 2.64 17.01 -27.89
C SER C 286 3.83 17.21 -26.97
N LEU C 287 3.70 18.03 -25.92
CA LEU C 287 4.82 18.27 -25.03
C LEU C 287 4.95 17.16 -24.00
N SER C 288 6.19 16.81 -23.69
CA SER C 288 6.49 16.05 -22.47
C SER C 288 6.30 16.94 -21.26
N LEU C 289 6.27 16.34 -20.07
CA LEU C 289 6.09 17.22 -18.92
C LEU C 289 7.38 17.95 -18.56
N ASP C 290 8.52 17.49 -19.03
CA ASP C 290 9.73 18.30 -18.91
C ASP C 290 9.59 19.58 -19.73
N GLU C 291 9.03 19.47 -20.93
CA GLU C 291 8.83 20.65 -21.76
C GLU C 291 7.74 21.56 -21.22
N SER C 292 6.72 20.99 -20.57
CA SER C 292 5.67 21.79 -19.95
C SER C 292 6.24 22.87 -19.04
N TYR C 293 7.29 22.53 -18.28
CA TYR C 293 7.80 23.45 -17.26
C TYR C 293 8.40 24.70 -17.87
N GLN C 294 8.95 24.61 -19.08
CA GLN C 294 9.73 25.68 -19.66
C GLN C 294 9.02 26.39 -20.81
N SER C 295 7.88 25.87 -21.28
CA SER C 295 7.18 26.41 -22.44
C SER C 295 6.48 27.71 -22.06
N ARG C 296 7.13 28.84 -22.35
CA ARG C 296 6.52 30.13 -22.04
C ARG C 296 5.34 30.46 -22.92
N ASP C 297 5.02 29.62 -23.89
CA ASP C 297 3.84 29.86 -24.71
C ASP C 297 2.61 29.26 -24.07
N LEU C 298 2.73 28.04 -23.55
CA LEU C 298 1.62 27.46 -22.81
C LEU C 298 1.35 28.19 -21.51
N GLU C 299 2.38 28.79 -20.91
CA GLU C 299 2.14 29.61 -19.74
C GLU C 299 1.16 30.72 -20.08
N LYS C 300 1.48 31.51 -21.11
CA LYS C 300 0.69 32.68 -21.46
C LYS C 300 -0.63 32.30 -22.12
N VAL C 301 -0.69 31.15 -22.79
CA VAL C 301 -1.97 30.68 -23.28
C VAL C 301 -2.85 30.25 -22.10
N SER C 302 -2.25 29.61 -21.08
CA SER C 302 -3.03 29.21 -19.91
C SER C 302 -3.61 30.41 -19.19
N GLN C 303 -2.83 31.48 -19.02
CA GLN C 303 -3.41 32.68 -18.39
C GLN C 303 -4.42 33.36 -19.29
N GLN C 304 -4.28 33.22 -20.59
CA GLN C 304 -5.38 33.75 -21.37
C GLN C 304 -6.65 32.95 -21.25
N LEU C 305 -6.55 31.66 -21.21
CA LEU C 305 -7.82 30.97 -21.08
C LEU C 305 -8.27 30.92 -19.62
N ALA C 306 -7.41 31.30 -18.67
CA ALA C 306 -7.78 31.27 -17.26
C ALA C 306 -8.21 32.62 -16.67
N LYS C 307 -8.12 33.74 -17.41
CA LYS C 307 -8.39 35.06 -16.82
C LYS C 307 -9.84 35.14 -16.35
N THR C 308 -10.75 34.56 -17.13
CA THR C 308 -12.16 34.65 -16.78
C THR C 308 -12.42 33.94 -15.47
N TYR C 309 -11.80 32.78 -15.28
CA TYR C 309 -11.82 32.09 -13.99
C TYR C 309 -11.11 32.90 -12.91
N TYR C 310 -9.95 33.49 -13.25
CA TYR C 310 -9.09 34.10 -12.23
C TYR C 310 -9.79 35.22 -11.47
N ASP C 311 -10.52 36.09 -12.17
CA ASP C 311 -11.18 37.20 -11.49
C ASP C 311 -12.25 36.74 -10.51
N ALA C 312 -12.77 35.52 -10.68
CA ALA C 312 -13.84 35.02 -9.84
C ALA C 312 -13.34 34.15 -8.70
N LYS C 313 -12.26 33.39 -8.92
CA LYS C 313 -11.81 32.40 -7.95
C LYS C 313 -10.47 32.74 -7.32
N VAL C 314 -9.84 33.87 -7.66
CA VAL C 314 -8.52 34.20 -7.12
C VAL C 314 -8.43 35.69 -6.77
N GLN C 315 -9.13 36.56 -7.51
CA GLN C 315 -9.07 38.01 -7.25
C GLN C 315 -9.41 38.41 -5.80
N PRO C 316 -10.29 37.67 -5.08
CA PRO C 316 -10.40 37.94 -3.64
C PRO C 316 -9.17 37.55 -2.82
N THR C 317 -8.29 36.66 -3.32
CA THR C 317 -7.08 36.15 -2.65
C THR C 317 -5.91 37.16 -2.71
N THR C 318 -6.22 38.40 -3.04
CA THR C 318 -5.26 39.36 -3.56
C THR C 318 -5.01 40.60 -2.73
N LEU C 319 -5.89 40.97 -1.79
CA LEU C 319 -5.81 42.30 -1.22
C LEU C 319 -4.47 42.52 -0.55
N VAL C 320 -4.23 41.77 0.53
CA VAL C 320 -3.01 41.91 1.33
C VAL C 320 -1.72 41.51 0.62
N PRO C 321 -1.63 40.38 -0.09
CA PRO C 321 -0.33 40.02 -0.70
C PRO C 321 0.21 41.07 -1.65
N LYS C 322 -0.66 41.70 -2.44
CA LYS C 322 -0.24 42.76 -3.34
C LYS C 322 0.09 44.07 -2.64
N GLN C 323 -0.37 44.27 -1.40
CA GLN C 323 -0.18 45.55 -0.74
C GLN C 323 0.76 45.49 0.46
N VAL C 324 1.27 44.31 0.81
CA VAL C 324 2.25 44.18 1.88
C VAL C 324 3.59 43.69 1.34
N GLY C 325 3.54 42.79 0.37
CA GLY C 325 4.71 42.19 -0.20
C GLY C 325 4.63 40.71 0.10
N ASN C 326 5.77 40.02 0.01
CA ASN C 326 5.80 38.60 0.30
C ASN C 326 6.00 38.41 1.80
N MET C 327 5.11 37.63 2.42
CA MET C 327 5.14 37.46 3.86
C MET C 327 5.68 36.08 4.24
N TYR C 328 6.31 35.37 3.29
CA TYR C 328 6.91 34.06 3.51
C TYR C 328 5.91 33.08 4.10
N THR C 329 6.21 32.56 5.29
CA THR C 329 5.32 31.59 5.94
C THR C 329 3.89 32.11 6.07
N ALA C 330 3.71 33.43 6.18
CA ALA C 330 2.38 34.00 6.38
C ALA C 330 1.70 34.46 5.10
N SER C 331 2.40 34.45 3.95
CA SER C 331 1.81 34.98 2.72
C SER C 331 0.52 34.23 2.37
N LEU C 332 0.54 32.90 2.48
CA LEU C 332 -0.65 32.11 2.18
C LEU C 332 -1.84 32.55 3.03
N TYR C 333 -1.60 32.94 4.27
CA TYR C 333 -2.71 33.20 5.17
C TYR C 333 -3.16 34.66 5.17
N ALA C 334 -2.30 35.59 4.73
CA ALA C 334 -2.81 36.92 4.40
C ALA C 334 -3.68 36.87 3.15
N ALA C 335 -3.34 36.00 2.21
CA ALA C 335 -4.16 35.81 1.01
C ALA C 335 -5.53 35.24 1.39
N PHE C 336 -5.56 34.25 2.29
CA PHE C 336 -6.83 33.73 2.79
C PHE C 336 -7.58 34.78 3.61
N ALA C 337 -6.85 35.61 4.36
CA ALA C 337 -7.49 36.70 5.10
C ALA C 337 -8.20 37.66 4.14
N SER C 338 -7.59 37.91 2.97
CA SER C 338 -8.23 38.75 1.97
C SER C 338 -9.53 38.15 1.49
N LEU C 339 -9.59 36.83 1.37
CA LEU C 339 -10.81 36.18 0.92
C LEU C 339 -11.90 36.31 1.96
N VAL C 340 -11.53 36.23 3.24
CA VAL C 340 -12.47 36.43 4.33
C VAL C 340 -12.86 37.90 4.40
N HIS C 341 -11.89 38.81 4.17
CA HIS C 341 -12.13 40.22 4.35
C HIS C 341 -13.23 40.69 3.42
N ASN C 342 -13.11 40.31 2.15
CA ASN C 342 -13.91 40.82 1.04
C ASN C 342 -15.02 39.89 0.57
N LYS C 343 -15.15 38.69 1.12
CA LYS C 343 -16.22 37.81 0.66
C LYS C 343 -16.81 36.99 1.80
N HIS C 344 -16.68 37.49 3.04
CA HIS C 344 -17.18 36.77 4.21
C HIS C 344 -18.68 36.49 4.14
N SER C 345 -19.45 37.41 3.55
CA SER C 345 -20.90 37.30 3.62
C SER C 345 -21.43 36.10 2.86
N ASP C 346 -20.79 35.69 1.76
CA ASP C 346 -21.33 34.64 0.91
C ASP C 346 -20.52 33.36 1.02
N LEU C 347 -19.43 33.43 1.76
CA LEU C 347 -18.55 32.30 1.98
C LEU C 347 -19.23 31.07 2.57
N ALA C 348 -20.36 31.22 3.25
CA ALA C 348 -21.01 30.07 3.85
C ALA C 348 -21.30 29.00 2.82
N GLY C 349 -20.94 27.76 3.18
CA GLY C 349 -21.27 26.56 2.43
C GLY C 349 -20.33 26.13 1.32
N LYS C 350 -19.41 26.98 0.86
CA LYS C 350 -18.58 26.59 -0.28
C LYS C 350 -17.15 26.27 0.16
N ARG C 351 -16.40 25.70 -0.79
CA ARG C 351 -15.07 25.14 -0.60
C ARG C 351 -13.98 26.05 -1.17
N VAL C 352 -12.92 26.28 -0.39
CA VAL C 352 -11.75 27.03 -0.88
C VAL C 352 -10.52 26.16 -0.64
N VAL C 353 -9.75 25.93 -1.72
CA VAL C 353 -8.57 25.08 -1.73
C VAL C 353 -7.32 25.94 -1.62
N MET C 354 -6.35 25.51 -0.83
CA MET C 354 -5.18 26.33 -0.53
C MET C 354 -3.91 25.54 -0.84
N PHE C 355 -2.94 26.24 -1.42
CA PHE C 355 -1.67 25.65 -1.83
C PHE C 355 -0.54 26.37 -1.12
N SER C 356 0.34 25.61 -0.49
CA SER C 356 1.48 26.16 0.23
C SER C 356 2.75 25.56 -0.35
N TYR C 357 3.78 26.40 -0.48
CA TYR C 357 5.04 25.96 -1.02
C TYR C 357 6.18 26.50 -0.17
N GLY C 358 7.22 25.69 -0.02
CA GLY C 358 8.49 26.17 0.48
C GLY C 358 9.62 25.55 -0.32
N ALA C 359 10.58 26.37 -0.75
CA ALA C 359 11.72 25.85 -1.48
C ALA C 359 12.48 24.84 -0.62
N GLY C 360 13.05 23.83 -1.28
CA GLY C 360 13.71 22.78 -0.55
C GLY C 360 13.54 21.34 -1.03
N SER C 361 12.32 20.90 -1.35
CA SER C 361 11.09 21.70 -1.28
C SER C 361 9.97 20.94 -0.57
N THR C 362 9.02 21.67 -0.01
CA THR C 362 7.90 21.10 0.71
C THR C 362 6.62 21.79 0.26
N ALA C 363 5.57 21.01 0.03
CA ALA C 363 4.34 21.57 -0.53
C ALA C 363 3.14 20.76 -0.08
N THR C 364 2.00 21.44 0.01
CA THR C 364 0.75 20.81 0.35
C THR C 364 -0.40 21.62 -0.21
N MET C 365 -1.31 20.93 -0.90
CA MET C 365 -2.59 21.50 -1.31
C MET C 365 -3.69 20.81 -0.52
N PHE C 366 -4.47 21.61 0.21
CA PHE C 366 -5.52 21.11 1.08
C PHE C 366 -6.76 21.96 0.92
N SER C 367 -7.89 21.44 1.38
CA SER C 367 -9.17 22.09 1.20
C SER C 367 -9.78 22.52 2.53
N LEU C 368 -10.42 23.67 2.48
CA LEU C 368 -11.24 24.17 3.57
C LEU C 368 -12.65 24.33 3.03
N ARG C 369 -13.64 23.90 3.80
CA ARG C 369 -15.01 24.31 3.56
C ARG C 369 -15.41 25.19 4.72
N LEU C 370 -15.95 26.34 4.39
CA LEU C 370 -16.27 27.31 5.41
C LEU C 370 -17.76 27.29 5.72
N CYS C 371 -18.12 27.49 6.98
CA CYS C 371 -19.50 27.41 7.44
C CYS C 371 -19.85 28.75 8.04
N GLU C 372 -21.04 29.27 7.72
CA GLU C 372 -21.59 30.30 8.58
C GLU C 372 -21.75 29.73 9.97
N ASN C 373 -21.20 30.43 10.96
CA ASN C 373 -21.16 29.93 12.33
C ASN C 373 -21.54 31.11 13.20
N GLN C 374 -21.31 31.03 14.50
CA GLN C 374 -21.75 32.14 15.34
C GLN C 374 -20.57 32.87 15.96
N SER C 375 -20.71 34.20 16.02
CA SER C 375 -19.63 35.09 16.43
C SER C 375 -19.32 34.87 17.92
N PRO C 376 -18.04 34.98 18.33
CA PRO C 376 -16.93 35.54 17.54
C PRO C 376 -16.34 34.63 16.47
N PHE C 377 -16.72 33.35 16.45
CA PHE C 377 -16.13 32.41 15.50
C PHE C 377 -17.03 32.21 14.28
N SER C 378 -17.26 33.29 13.53
CA SER C 378 -17.95 33.18 12.25
C SER C 378 -17.31 34.11 11.22
N LEU C 379 -17.39 33.68 9.96
CA LEU C 379 -16.64 34.27 8.86
C LEU C 379 -16.82 35.78 8.78
N SER C 380 -18.03 36.26 9.06
CA SER C 380 -18.29 37.68 9.00
C SER C 380 -17.57 38.43 10.11
N ASN C 381 -17.46 37.82 11.29
CA ASN C 381 -16.87 38.59 12.39
C ASN C 381 -15.35 38.57 12.35
N ILE C 382 -14.71 37.53 11.78
CA ILE C 382 -13.26 37.60 11.65
C ILE C 382 -12.89 38.86 10.88
N ALA C 383 -13.57 39.10 9.77
CA ALA C 383 -13.36 40.36 9.05
C ALA C 383 -13.63 41.60 9.90
N SER C 384 -14.61 41.57 10.83
CA SER C 384 -14.80 42.70 11.74
C SER C 384 -13.50 42.91 12.54
N VAL C 385 -12.99 41.82 13.11
CA VAL C 385 -11.77 41.86 13.88
C VAL C 385 -10.60 42.10 12.93
N MET C 386 -10.67 41.44 11.74
CA MET C 386 -9.63 41.59 10.70
C MET C 386 -9.57 42.97 10.06
N ASP C 387 -10.40 43.94 10.47
CA ASP C 387 -10.25 45.35 10.06
C ASP C 387 -9.19 45.71 8.97
N VAL C 388 -8.86 44.79 8.02
CA VAL C 388 -7.73 45.07 7.12
C VAL C 388 -7.95 46.34 6.30
N GLY C 389 -9.19 46.64 5.94
CA GLY C 389 -9.44 47.85 5.19
C GLY C 389 -8.91 49.04 5.95
N GLY C 390 -9.23 49.09 7.25
CA GLY C 390 -8.66 50.11 8.10
C GLY C 390 -7.20 49.86 8.43
N LYS C 391 -6.81 48.58 8.48
CA LYS C 391 -5.42 48.27 8.77
C LYS C 391 -4.51 48.81 7.66
N LEU C 392 -5.01 48.78 6.43
CA LEU C 392 -4.23 49.20 5.26
C LEU C 392 -4.07 50.72 5.19
N LYS C 393 -5.08 51.47 5.60
CA LYS C 393 -5.03 52.92 5.55
C LYS C 393 -4.05 53.55 6.53
N ALA C 394 -3.58 52.80 7.53
CA ALA C 394 -2.80 53.34 8.64
C ALA C 394 -1.31 53.27 8.41
N ARG C 395 -0.90 53.08 7.20
CA ARG C 395 0.51 53.01 6.86
C ARG C 395 1.15 54.37 6.53
N HIS C 396 2.48 54.32 6.40
CA HIS C 396 3.28 55.50 6.24
C HIS C 396 4.35 55.22 5.17
N GLU C 397 4.39 56.05 4.13
CA GLU C 397 5.41 56.00 3.07
C GLU C 397 6.81 56.42 3.48
N TYR C 398 7.80 55.64 3.07
CA TYR C 398 9.19 56.08 3.02
C TYR C 398 9.52 56.53 1.60
N ALA C 399 10.35 57.55 1.48
CA ALA C 399 10.81 57.68 0.11
C ALA C 399 11.81 56.56 -0.17
N PRO C 400 11.80 55.99 -1.38
CA PRO C 400 12.63 54.82 -1.66
C PRO C 400 14.10 54.95 -1.28
N GLU C 401 14.59 56.18 -1.12
CA GLU C 401 16.01 56.37 -0.82
C GLU C 401 16.32 56.25 0.66
N LYS C 402 15.40 56.67 1.55
CA LYS C 402 15.59 56.37 2.96
C LYS C 402 15.22 54.93 3.22
N PHE C 403 14.32 54.36 2.39
CA PHE C 403 14.04 52.94 2.51
C PHE C 403 15.26 52.09 2.25
N VAL C 404 16.06 52.45 1.25
CA VAL C 404 17.27 51.66 1.03
C VAL C 404 18.29 51.98 2.10
N GLU C 405 18.42 53.26 2.49
CA GLU C 405 19.31 53.58 3.59
C GLU C 405 18.85 52.97 4.88
N THR C 406 17.55 52.91 5.08
CA THR C 406 17.10 52.20 6.25
C THR C 406 17.58 50.76 6.15
N MET C 407 17.52 50.19 4.92
CA MET C 407 17.66 48.74 4.86
C MET C 407 19.09 48.30 4.65
N LYS C 408 20.02 49.23 4.47
CA LYS C 408 21.43 48.90 4.55
C LYS C 408 21.89 48.78 6.00
N LEU C 409 21.18 49.41 6.97
CA LEU C 409 21.55 49.18 8.38
C LEU C 409 20.94 47.91 8.95
N MET C 410 19.70 47.57 8.59
CA MET C 410 19.19 46.25 9.00
C MET C 410 20.10 45.18 8.47
N GLU C 411 20.74 45.44 7.35
CA GLU C 411 21.76 44.51 6.92
C GLU C 411 22.87 44.42 7.94
N HIS C 412 23.23 45.54 8.54
CA HIS C 412 24.31 45.57 9.50
C HIS C 412 23.86 45.08 10.87
N ARG C 413 22.55 45.09 11.15
CA ARG C 413 22.10 44.68 12.48
C ARG C 413 21.81 43.19 12.58
N TYR C 414 21.90 42.45 11.47
CA TYR C 414 21.57 41.03 11.45
C TYR C 414 22.70 40.25 12.14
N GLY C 415 22.36 39.52 13.19
CA GLY C 415 23.38 38.83 13.96
C GLY C 415 24.32 39.74 14.74
N ALA C 416 23.90 40.97 15.05
CA ALA C 416 24.73 41.97 15.70
C ALA C 416 24.56 41.97 17.21
N LYS C 417 25.59 42.45 17.91
CA LYS C 417 25.61 42.52 19.36
C LYS C 417 25.60 43.96 19.84
N GLU C 418 25.21 44.12 21.11
CA GLU C 418 25.47 45.33 21.88
C GLU C 418 25.05 46.59 21.14
N PHE C 419 23.75 46.87 21.11
CA PHE C 419 23.27 48.10 20.49
C PHE C 419 21.89 48.42 21.04
N VAL C 420 21.52 49.69 20.97
CA VAL C 420 20.18 50.13 21.28
C VAL C 420 19.61 50.83 20.04
N THR C 421 18.33 50.62 19.80
CA THR C 421 17.71 51.07 18.57
C THR C 421 17.30 52.54 18.67
N SER C 422 17.24 53.19 17.52
CA SER C 422 16.88 54.61 17.45
C SER C 422 15.37 54.75 17.24
N LYS C 423 14.61 55.03 18.31
CA LYS C 423 13.15 55.15 18.22
C LYS C 423 12.68 56.48 17.65
N GLU C 424 13.58 57.43 17.52
CA GLU C 424 13.28 58.84 17.28
C GLU C 424 12.61 58.98 15.94
N GLY C 425 11.40 59.52 15.90
CA GLY C 425 10.82 59.70 14.60
C GLY C 425 10.24 58.42 14.03
N ILE C 426 10.82 57.28 14.40
CA ILE C 426 10.29 55.99 13.94
C ILE C 426 9.17 55.51 14.84
N LEU C 427 9.38 55.59 16.17
CA LEU C 427 8.36 55.20 17.13
C LEU C 427 7.10 56.05 17.03
N ASP C 428 7.20 57.26 16.50
CA ASP C 428 6.02 58.10 16.30
C ASP C 428 5.02 57.44 15.38
N LEU C 429 5.52 56.73 14.38
CA LEU C 429 4.72 56.15 13.32
C LEU C 429 4.02 54.87 13.75
N LEU C 430 4.46 54.26 14.83
CA LEU C 430 3.90 53.01 15.30
C LEU C 430 2.64 53.19 16.13
N ALA C 431 1.70 52.27 15.93
CA ALA C 431 0.50 52.16 16.73
C ALA C 431 0.90 51.65 18.11
N THR C 434 1.93 49.37 19.81
CA THR C 434 2.39 48.07 19.36
C THR C 434 3.75 47.79 20.00
N TYR C 435 4.10 46.51 20.06
CA TYR C 435 5.40 46.14 20.61
C TYR C 435 6.52 46.48 19.62
N TYR C 436 7.71 46.71 20.16
CA TYR C 436 8.87 47.06 19.36
C TYR C 436 10.13 46.76 20.16
N LEU C 437 11.25 46.54 19.45
CA LEU C 437 12.52 46.24 20.10
C LEU C 437 13.24 47.52 20.51
N LYS C 438 13.70 47.54 21.76
CA LYS C 438 14.40 48.69 22.32
C LYS C 438 15.93 48.56 22.34
N GLU C 439 16.44 47.37 22.59
CA GLU C 439 17.86 47.06 22.77
C GLU C 439 18.20 45.57 22.83
N VAL C 440 19.47 45.31 22.50
CA VAL C 440 20.13 44.01 22.45
C VAL C 440 21.45 44.17 23.21
N ASP C 441 21.69 43.26 24.14
CA ASP C 441 22.74 43.38 25.15
C ASP C 441 24.08 42.88 24.61
N SER C 442 25.05 42.83 25.52
CA SER C 442 26.38 42.26 25.25
C SER C 442 26.33 40.78 24.90
N LEU C 443 25.20 40.10 25.16
CA LEU C 443 25.08 38.65 24.95
C LEU C 443 24.01 38.30 23.92
N TYR C 444 23.67 39.22 23.03
CA TYR C 444 22.65 39.11 21.98
C TYR C 444 21.23 39.05 22.54
N ARG C 445 21.04 39.05 23.86
CA ARG C 445 19.71 38.99 24.41
C ARG C 445 18.90 40.23 24.03
N ARG C 446 17.62 40.04 23.81
CA ARG C 446 16.75 41.04 23.21
C ARG C 446 15.68 41.49 24.20
N PHE C 447 15.38 42.80 24.20
CA PHE C 447 14.45 43.40 25.14
C PHE C 447 13.43 44.22 24.38
N TYR C 448 12.15 44.01 24.68
CA TYR C 448 11.07 44.57 23.87
C TYR C 448 10.15 45.45 24.71
N GLY C 449 9.52 46.42 24.03
CA GLY C 449 8.61 47.35 24.66
C GLY C 449 7.20 47.31 24.11
N LYS C 450 6.37 48.27 24.52
CA LYS C 450 4.96 48.34 24.14
C LYS C 450 4.59 49.80 23.93
N LYS C 451 3.59 50.01 23.07
CA LYS C 451 2.97 51.33 22.87
C LYS C 451 3.96 52.48 22.65
N MET D 1 -10.32 4.03 12.83
CA MET D 1 -9.86 4.65 14.08
C MET D 1 -8.60 3.94 14.59
N ALA D 2 -7.62 4.73 15.02
CA ALA D 2 -6.31 4.24 15.37
C ALA D 2 -6.21 4.04 16.87
N LYS D 3 -5.92 2.81 17.26
CA LYS D 3 -5.63 2.43 18.63
C LYS D 3 -4.13 2.24 18.83
N ASN D 4 -3.74 2.27 20.10
CA ASN D 4 -2.41 1.95 20.70
C ASN D 4 -1.25 2.41 19.86
N VAL D 5 -1.33 3.58 19.30
CA VAL D 5 -0.28 3.99 18.40
C VAL D 5 0.90 4.53 19.19
N GLY D 6 2.10 4.27 18.67
CA GLY D 6 3.32 4.62 19.35
C GLY D 6 4.49 4.14 18.52
N ILE D 7 5.63 3.88 19.15
CA ILE D 7 6.81 3.49 18.39
C ILE D 7 6.71 2.00 18.07
N LEU D 8 6.80 1.66 16.78
CA LEU D 8 6.85 0.28 16.32
C LEU D 8 8.26 -0.21 16.08
N ALA D 9 9.19 0.69 15.81
CA ALA D 9 10.54 0.31 15.45
C ALA D 9 11.48 1.43 15.86
N MET D 10 12.72 1.07 16.15
CA MET D 10 13.76 2.03 16.40
C MET D 10 15.05 1.54 15.77
N ASP D 11 15.90 2.50 15.44
CA ASP D 11 17.28 2.17 15.11
C ASP D 11 18.15 3.34 15.51
N ILE D 12 19.42 3.04 15.72
CA ILE D 12 20.37 3.96 16.32
C ILE D 12 21.59 4.03 15.41
N TYR D 13 22.11 5.24 15.21
CA TYR D 13 23.41 5.35 14.60
C TYR D 13 24.21 6.42 15.34
N PHE D 14 25.47 6.12 15.61
CA PHE D 14 26.42 7.08 16.14
C PHE D 14 27.76 6.82 15.50
N PRO D 15 28.61 7.84 15.38
CA PRO D 15 29.92 7.63 14.75
C PRO D 15 30.72 6.59 15.52
N PRO D 16 31.45 5.73 14.81
CA PRO D 16 32.33 4.77 15.51
C PRO D 16 33.61 5.39 16.04
N THR D 17 33.94 6.60 15.62
CA THR D 17 35.14 7.28 16.09
C THR D 17 34.86 7.93 17.43
N CYS D 18 35.68 7.62 18.42
CA CYS D 18 35.44 8.13 19.76
C CYS D 18 36.76 8.27 20.50
N VAL D 19 36.71 9.03 21.59
CA VAL D 19 37.81 9.12 22.54
C VAL D 19 37.21 8.77 23.89
N GLN D 20 38.01 8.21 24.78
CA GLN D 20 37.51 7.82 26.09
C GLN D 20 37.85 8.89 27.11
N GLN D 21 36.97 9.05 28.10
CA GLN D 21 37.04 10.28 28.88
C GLN D 21 38.11 10.20 29.95
N GLU D 22 38.42 9.01 30.49
CA GLU D 22 39.63 8.86 31.29
C GLU D 22 40.84 9.33 30.51
N ALA D 23 40.99 8.87 29.27
CA ALA D 23 42.07 9.33 28.42
C ALA D 23 41.99 10.84 28.21
N LEU D 24 40.79 11.39 28.22
CA LEU D 24 40.60 12.83 28.05
C LEU D 24 40.82 13.56 29.35
N GLU D 25 40.59 12.91 30.50
CA GLU D 25 41.05 13.47 31.77
C GLU D 25 42.56 13.62 31.81
N ALA D 26 43.28 12.55 31.46
CA ALA D 26 44.73 12.59 31.42
C ALA D 26 45.21 13.67 30.46
N HIS D 27 44.58 13.74 29.28
CA HIS D 27 44.96 14.75 28.30
C HIS D 27 44.64 16.15 28.80
N ASP D 28 43.45 16.35 29.34
CA ASP D 28 43.11 17.65 29.87
C ASP D 28 43.80 17.84 31.21
N GLY D 29 43.63 19.01 31.83
CA GLY D 29 44.25 19.23 33.11
C GLY D 29 43.36 18.83 34.27
N ALA D 30 42.76 17.65 34.20
CA ALA D 30 41.78 17.23 35.20
C ALA D 30 42.32 16.13 36.08
N SER D 31 42.03 16.23 37.38
CA SER D 31 42.19 15.13 38.32
C SER D 31 41.41 13.91 37.83
N LYS D 32 41.91 12.73 38.16
CA LYS D 32 41.18 11.51 37.83
C LYS D 32 39.79 11.51 38.46
N GLY D 33 38.81 11.07 37.66
CA GLY D 33 37.42 10.96 38.08
C GLY D 33 36.52 12.15 37.82
N LYS D 34 37.06 13.30 37.38
CA LYS D 34 36.16 14.44 37.21
C LYS D 34 35.33 14.31 35.94
N TYR D 35 35.77 13.51 34.96
CA TYR D 35 34.93 13.20 33.80
C TYR D 35 34.24 11.85 33.94
N THR D 36 34.96 10.81 34.35
CA THR D 36 34.35 9.48 34.44
C THR D 36 33.35 9.40 35.59
N ILE D 37 33.67 9.96 36.75
CA ILE D 37 32.75 9.99 37.89
C ILE D 37 32.13 11.37 38.09
N GLY D 38 32.90 12.44 37.88
CA GLY D 38 32.36 13.78 38.09
C GLY D 38 31.18 14.08 37.21
N LEU D 39 31.34 13.89 35.89
CA LEU D 39 30.24 14.01 34.94
C LEU D 39 29.51 12.71 34.70
N GLY D 40 30.08 11.59 35.17
CA GLY D 40 29.43 10.30 35.02
C GLY D 40 29.48 9.73 33.63
N GLN D 41 30.35 10.23 32.76
CA GLN D 41 30.43 9.78 31.38
C GLN D 41 31.70 8.95 31.19
N ASP D 42 31.65 7.96 30.32
CA ASP D 42 32.78 7.08 30.09
C ASP D 42 33.38 7.17 28.70
N CYS D 43 32.59 7.48 27.68
CA CYS D 43 33.08 7.52 26.31
C CYS D 43 32.38 8.62 25.54
N LEU D 44 33.11 9.28 24.65
CA LEU D 44 32.63 10.43 23.89
C LEU D 44 32.72 10.09 22.40
N ALA D 45 31.56 9.94 21.75
CA ALA D 45 31.52 9.80 20.31
C ALA D 45 31.44 11.17 19.64
N PHE D 46 32.00 11.27 18.43
CA PHE D 46 32.06 12.55 17.73
C PHE D 46 32.16 12.30 16.23
N CYS D 47 31.71 13.29 15.46
CA CYS D 47 31.73 13.20 14.00
C CYS D 47 33.10 13.58 13.45
N THR D 48 33.62 12.78 12.53
CA THR D 48 34.80 13.14 11.77
C THR D 48 34.37 14.05 10.62
N GLU D 49 35.29 14.36 9.71
CA GLU D 49 34.96 15.24 8.60
C GLU D 49 33.92 14.62 7.66
N LEU D 50 33.77 13.29 7.67
CA LEU D 50 32.88 12.62 6.74
C LEU D 50 31.44 12.52 7.23
N GLU D 51 31.19 12.72 8.52
CA GLU D 51 29.86 12.56 9.07
C GLU D 51 29.29 13.88 9.54
N ASP D 52 27.97 13.97 9.54
CA ASP D 52 27.24 15.16 9.97
C ASP D 52 25.82 14.73 10.30
N VAL D 53 24.95 15.71 10.55
CA VAL D 53 23.59 15.37 10.95
C VAL D 53 22.82 14.80 9.77
N ILE D 54 23.16 15.21 8.55
CA ILE D 54 22.55 14.57 7.38
C ILE D 54 23.03 13.14 7.24
N SER D 55 24.34 12.94 7.20
CA SER D 55 24.92 11.61 7.05
C SER D 55 24.31 10.63 8.05
N MET D 56 24.35 10.97 9.33
CA MET D 56 23.79 10.08 10.35
C MET D 56 22.30 9.83 10.14
N SER D 57 21.55 10.82 9.67
CA SER D 57 20.13 10.60 9.43
C SER D 57 19.91 9.51 8.39
N PHE D 58 20.64 9.57 7.27
CA PHE D 58 20.53 8.54 6.25
C PHE D 58 20.74 7.16 6.84
N ASN D 59 21.80 7.01 7.63
CA ASN D 59 22.10 5.71 8.24
C ASN D 59 20.95 5.21 9.10
N ALA D 60 20.35 6.10 9.89
CA ALA D 60 19.25 5.67 10.76
C ALA D 60 18.00 5.30 9.97
N VAL D 61 17.63 6.11 8.96
CA VAL D 61 16.48 5.79 8.12
C VAL D 61 16.71 4.48 7.38
N THR D 62 17.78 4.42 6.56
CA THR D 62 18.05 3.25 5.75
C THR D 62 18.06 2.00 6.60
N SER D 63 18.79 2.05 7.72
CA SER D 63 18.88 0.91 8.60
C SER D 63 17.53 0.58 9.23
N LEU D 64 16.64 1.55 9.44
CA LEU D 64 15.37 1.16 10.02
C LEU D 64 14.43 0.55 8.97
N LEU D 65 14.40 1.13 7.77
CA LEU D 65 13.50 0.64 6.74
C LEU D 65 13.97 -0.72 6.21
N GLU D 66 15.26 -0.87 6.01
CA GLU D 66 15.82 -2.16 5.56
C GLU D 66 15.67 -3.24 6.61
N LYS D 67 16.32 -3.06 7.75
CA LYS D 67 16.46 -4.17 8.68
C LYS D 67 15.06 -4.61 9.20
N TYR D 68 14.03 -3.71 9.17
CA TYR D 68 12.64 -4.08 9.50
C TYR D 68 11.77 -4.39 8.28
N LYS D 69 12.33 -4.29 7.07
CA LYS D 69 11.60 -4.46 5.80
C LYS D 69 10.30 -3.65 5.79
N ILE D 70 10.47 -2.35 5.62
CA ILE D 70 9.37 -1.41 5.45
C ILE D 70 9.51 -0.80 4.07
N ASP D 71 8.41 -0.74 3.34
CA ASP D 71 8.43 -0.15 2.02
C ASP D 71 8.45 1.36 2.15
N PRO D 72 9.42 2.04 1.57
CA PRO D 72 9.43 3.51 1.65
C PRO D 72 8.12 4.13 1.21
N LYS D 73 7.25 3.39 0.51
CA LYS D 73 6.06 4.03 -0.04
C LYS D 73 4.93 4.21 0.95
N GLN D 74 4.93 3.55 2.10
CA GLN D 74 3.92 4.01 3.03
C GLN D 74 4.52 4.50 4.32
N ILE D 75 5.46 5.41 4.13
CA ILE D 75 5.78 6.43 5.09
C ILE D 75 4.93 7.61 4.65
N GLY D 76 3.99 7.99 5.49
CA GLY D 76 3.12 9.08 5.15
C GLY D 76 3.56 10.40 5.71
N ARG D 77 4.40 10.36 6.73
CA ARG D 77 4.89 11.58 7.36
C ARG D 77 6.27 11.34 7.93
N LEU D 78 7.19 12.27 7.66
CA LEU D 78 8.56 12.18 8.13
C LEU D 78 8.96 13.53 8.73
N GLU D 79 9.34 13.54 10.00
CA GLU D 79 9.75 14.79 10.64
C GLU D 79 11.08 14.59 11.33
N VAL D 80 11.90 15.65 11.31
CA VAL D 80 13.25 15.63 11.86
C VAL D 80 13.33 16.64 12.98
N GLY D 81 13.90 16.23 14.11
CA GLY D 81 14.18 17.12 15.21
C GLY D 81 15.67 17.26 15.40
N SER D 82 16.15 18.50 15.46
CA SER D 82 17.58 18.76 15.54
C SER D 82 17.78 20.20 15.99
N GLU D 83 19.00 20.50 16.44
CA GLU D 83 19.39 21.90 16.63
C GLU D 83 20.62 22.27 15.83
N THR D 84 21.24 21.31 15.15
CA THR D 84 22.33 21.62 14.22
C THR D 84 21.75 22.21 12.94
N VAL D 85 22.14 23.44 12.65
CA VAL D 85 21.68 24.17 11.47
C VAL D 85 22.64 23.88 10.32
N ILE D 86 22.17 23.13 9.34
CA ILE D 86 22.90 23.02 8.08
C ILE D 86 22.59 24.19 7.18
N ASP D 87 21.30 24.43 6.97
CA ASP D 87 20.79 25.54 6.16
C ASP D 87 19.67 26.24 6.92
N LYS D 88 19.55 27.56 6.72
CA LYS D 88 18.57 28.37 7.44
C LYS D 88 17.21 28.42 6.77
N SER D 89 17.03 27.75 5.64
CA SER D 89 15.77 27.81 4.91
C SER D 89 15.37 26.41 4.45
N LYS D 90 16.34 25.68 3.91
CA LYS D 90 16.14 24.32 3.43
C LYS D 90 16.39 23.36 4.59
N SER D 91 15.35 22.62 4.96
CA SER D 91 15.36 21.81 6.17
C SER D 91 16.11 20.50 5.96
N ILE D 92 16.48 19.86 7.07
CA ILE D 92 17.08 18.54 7.02
C ILE D 92 16.12 17.54 6.38
N LYS D 93 14.82 17.71 6.60
CA LYS D 93 13.83 16.77 6.09
C LYS D 93 13.91 16.67 4.57
N THR D 94 14.09 17.80 3.89
CA THR D 94 14.16 17.76 2.43
C THR D 94 15.37 16.94 1.98
N PHE D 95 16.51 17.10 2.65
CA PHE D 95 17.68 16.27 2.34
C PHE D 95 17.35 14.78 2.38
N LEU D 96 16.48 14.37 3.31
CA LEU D 96 16.10 12.96 3.44
C LEU D 96 15.28 12.46 2.27
N MET D 97 14.67 13.36 1.48
CA MET D 97 13.77 12.87 0.45
C MET D 97 14.48 12.16 -0.70
N GLN D 98 15.81 12.21 -0.80
CA GLN D 98 16.38 11.38 -1.85
C GLN D 98 16.48 9.91 -1.48
N LEU D 99 16.20 9.55 -0.23
CA LEU D 99 16.00 8.15 0.09
C LEU D 99 14.67 7.66 -0.49
N PHE D 100 13.77 8.58 -0.84
CA PHE D 100 12.46 8.26 -1.37
C PHE D 100 12.29 8.67 -2.83
N GLU D 101 13.35 9.13 -3.48
CA GLU D 101 13.21 9.72 -4.81
C GLU D 101 12.90 8.61 -5.82
N LYS D 102 13.73 7.55 -5.83
CA LYS D 102 13.58 6.43 -6.74
C LYS D 102 12.44 5.51 -6.34
N CYS D 103 11.74 5.87 -5.27
CA CYS D 103 10.58 5.11 -4.81
C CYS D 103 9.29 5.75 -5.25
N GLY D 104 9.36 6.96 -5.82
CA GLY D 104 8.19 7.70 -6.23
C GLY D 104 7.33 8.24 -5.10
N ASN D 105 7.69 7.97 -3.85
CA ASN D 105 6.89 8.42 -2.72
C ASN D 105 7.25 9.87 -2.41
N THR D 106 6.37 10.79 -2.82
CA THR D 106 6.54 12.20 -2.53
C THR D 106 5.41 12.78 -1.70
N ASP D 107 4.38 12.00 -1.37
CA ASP D 107 3.24 12.51 -0.61
C ASP D 107 3.46 12.28 0.89
N VAL D 108 4.51 12.93 1.38
CA VAL D 108 4.94 12.85 2.77
C VAL D 108 4.75 14.20 3.40
N GLU D 109 4.16 14.23 4.59
CA GLU D 109 4.09 15.46 5.36
C GLU D 109 5.24 15.51 6.35
N GLY D 110 5.38 16.65 7.00
CA GLY D 110 6.39 16.76 8.03
C GLY D 110 7.47 17.75 7.65
N VAL D 111 8.08 18.34 8.67
CA VAL D 111 9.09 19.38 8.49
C VAL D 111 10.06 19.21 9.67
N ASP D 112 11.01 20.12 9.84
CA ASP D 112 11.87 20.11 11.02
C ASP D 112 11.14 20.76 12.20
N SER D 113 11.31 20.18 13.37
CA SER D 113 10.86 20.79 14.62
C SER D 113 12.10 21.22 15.39
N THR D 114 12.07 22.43 15.96
CA THR D 114 13.28 23.01 16.55
C THR D 114 12.99 23.73 17.86
N ASN D 115 13.68 23.30 18.93
CA ASN D 115 13.97 24.09 20.14
C ASN D 115 14.88 23.30 21.05
N ALA D 116 16.17 23.62 20.99
CA ALA D 116 17.22 22.95 21.77
C ALA D 116 17.05 21.44 21.63
N CYS D 117 17.12 20.68 22.73
CA CYS D 117 17.08 19.22 22.69
C CYS D 117 15.65 18.68 22.73
N TYR D 118 14.67 19.52 22.47
CA TYR D 118 13.26 19.14 22.55
C TYR D 118 12.60 18.93 21.20
N GLY D 119 13.23 19.41 20.12
CA GLY D 119 12.62 19.31 18.81
C GLY D 119 12.29 17.89 18.41
N GLY D 120 13.15 16.94 18.80
CA GLY D 120 12.86 15.54 18.52
C GLY D 120 11.59 15.05 19.19
N THR D 121 11.39 15.43 20.45
CA THR D 121 10.17 15.05 21.15
C THR D 121 8.96 15.70 20.50
N ALA D 122 9.06 16.98 20.13
CA ALA D 122 7.96 17.66 19.48
C ALA D 122 7.56 16.94 18.19
N ALA D 123 8.55 16.46 17.44
CA ALA D 123 8.25 15.71 16.22
C ALA D 123 7.55 14.41 16.56
N LEU D 124 8.10 13.67 17.54
CA LEU D 124 7.48 12.44 18.00
C LEU D 124 6.03 12.68 18.42
N LEU D 125 5.78 13.77 19.13
CA LEU D 125 4.41 14.07 19.57
C LEU D 125 3.53 14.38 18.37
N ASN D 126 4.02 15.25 17.48
CA ASN D 126 3.29 15.57 16.25
C ASN D 126 2.98 14.33 15.43
N CYS D 127 3.92 13.38 15.36
CA CYS D 127 3.74 12.23 14.49
C CYS D 127 2.69 11.28 15.03
N VAL D 128 2.75 10.97 16.33
CA VAL D 128 1.70 10.16 16.94
C VAL D 128 0.35 10.81 16.71
N ASN D 129 0.24 12.12 16.99
CA ASN D 129 -1.03 12.81 16.81
C ASN D 129 -1.48 12.83 15.35
N TRP D 130 -0.57 12.61 14.40
CA TRP D 130 -0.96 12.50 13.01
C TRP D 130 -1.62 11.16 12.73
N VAL D 131 -1.04 10.07 13.23
CA VAL D 131 -1.64 8.75 13.04
C VAL D 131 -3.05 8.72 13.60
N GLU D 132 -3.28 9.41 14.71
CA GLU D 132 -4.60 9.48 15.31
C GLU D 132 -5.44 10.62 14.75
N SER D 133 -4.99 11.29 13.71
CA SER D 133 -5.74 12.43 13.19
C SER D 133 -6.76 11.97 12.17
N ASN D 134 -7.77 12.81 12.00
CA ASN D 134 -8.68 12.60 10.88
C ASN D 134 -7.96 12.75 9.55
N SER D 135 -6.84 13.42 9.55
CA SER D 135 -6.01 13.55 8.38
C SER D 135 -5.13 12.32 8.08
N TRP D 136 -5.17 11.26 8.89
CA TRP D 136 -4.29 10.13 8.65
C TRP D 136 -4.74 9.35 7.41
N ASP D 137 -3.81 8.55 6.87
CA ASP D 137 -4.03 7.77 5.67
C ASP D 137 -3.52 6.32 5.78
N GLY D 138 -3.36 5.78 6.99
CA GLY D 138 -2.97 4.40 7.13
C GLY D 138 -1.49 4.14 7.01
N ARG D 139 -0.68 5.19 6.74
CA ARG D 139 0.76 5.07 6.52
C ARG D 139 1.57 5.17 7.80
N TYR D 140 2.80 4.67 7.71
CA TYR D 140 3.70 4.77 8.86
C TYR D 140 4.17 6.21 9.01
N GLY D 141 4.25 6.68 10.24
CA GLY D 141 4.98 7.89 10.53
C GLY D 141 6.44 7.57 10.82
N LEU D 142 7.30 8.51 10.48
CA LEU D 142 8.74 8.35 10.68
C LEU D 142 9.29 9.60 11.36
N VAL D 143 9.93 9.43 12.51
CA VAL D 143 10.46 10.52 13.32
C VAL D 143 11.96 10.32 13.48
N ILE D 144 12.73 11.40 13.28
CA ILE D 144 14.18 11.39 13.44
C ILE D 144 14.70 12.55 14.29
N CYS D 145 15.63 12.16 15.17
CA CYS D 145 16.39 13.02 16.06
C CYS D 145 17.86 12.87 15.70
N THR D 146 18.48 13.96 15.27
CA THR D 146 19.86 13.91 14.85
C THR D 146 20.57 15.16 15.35
N ASP D 147 21.77 14.99 15.89
CA ASP D 147 22.54 16.13 16.38
C ASP D 147 24.00 15.74 16.55
N SER D 148 24.87 16.75 16.46
CA SER D 148 26.27 16.62 16.82
C SER D 148 26.60 17.68 17.86
N ALA D 149 26.86 17.25 19.10
CA ALA D 149 27.17 18.15 20.19
C ALA D 149 28.69 18.35 20.23
N VAL D 150 29.13 19.59 20.02
CA VAL D 150 30.53 19.94 19.89
C VAL D 150 30.81 21.17 20.71
N TYR D 151 31.92 21.14 21.46
CA TYR D 151 32.35 22.26 22.29
C TYR D 151 33.84 22.53 22.11
N ALA D 152 34.17 23.81 21.98
CA ALA D 152 35.55 24.26 21.92
C ALA D 152 36.30 23.89 23.21
N GLU D 153 37.61 24.14 23.21
CA GLU D 153 38.47 23.72 24.32
C GLU D 153 38.08 24.52 25.55
N GLY D 154 37.18 23.94 26.34
CA GLY D 154 36.75 24.52 27.57
C GLY D 154 36.27 23.43 28.50
N PRO D 155 35.57 23.80 29.57
CA PRO D 155 35.08 22.79 30.52
C PRO D 155 33.84 22.06 30.06
N ALA D 156 33.31 22.37 28.87
CA ALA D 156 32.13 21.70 28.34
C ALA D 156 32.43 20.72 27.23
N ARG D 157 33.63 20.77 26.64
CA ARG D 157 34.00 19.80 25.61
C ARG D 157 33.81 18.33 26.00
N PRO D 158 34.08 17.91 27.24
CA PRO D 158 33.85 16.49 27.56
C PRO D 158 32.39 16.06 27.44
N THR D 159 31.44 17.00 27.52
CA THR D 159 30.01 16.69 27.45
C THR D 159 29.45 16.73 26.03
N GLY D 160 30.30 16.58 25.01
CA GLY D 160 29.85 16.55 23.62
C GLY D 160 29.19 15.24 23.26
N GLY D 161 28.79 15.14 22.00
CA GLY D 161 28.25 13.87 21.51
C GLY D 161 27.78 14.01 20.08
N ALA D 162 27.36 12.88 19.52
CA ALA D 162 26.76 12.86 18.18
C ALA D 162 26.03 11.55 17.97
N ALA D 163 24.81 11.62 17.43
CA ALA D 163 24.03 10.42 17.12
C ALA D 163 22.81 10.84 16.30
N ALA D 164 22.17 9.82 15.73
CA ALA D 164 20.91 9.97 15.02
C ALA D 164 20.01 8.81 15.41
N ILE D 165 18.72 9.08 15.55
CA ILE D 165 17.75 8.07 15.93
C ILE D 165 16.58 8.10 14.97
N ALA D 166 16.12 6.93 14.57
CA ALA D 166 14.93 6.79 13.75
C ALA D 166 13.85 6.08 14.56
N MET D 167 12.61 6.55 14.42
CA MET D 167 11.49 5.91 15.11
C MET D 167 10.30 5.84 14.17
N LEU D 168 9.77 4.63 14.02
CA LEU D 168 8.62 4.38 13.17
C LEU D 168 7.36 4.43 14.02
N ILE D 169 6.44 5.31 13.65
CA ILE D 169 5.21 5.51 14.41
C ILE D 169 4.05 4.88 13.65
N GLY D 170 3.25 4.11 14.35
CA GLY D 170 2.10 3.47 13.76
C GLY D 170 1.24 2.81 14.80
N PRO D 171 0.12 2.24 14.38
CA PRO D 171 -0.81 1.67 15.34
C PRO D 171 -0.32 0.31 15.79
N ASP D 172 -0.94 -0.13 16.89
CA ASP D 172 -0.70 -1.42 17.51
C ASP D 172 0.79 -1.58 17.81
N ALA D 173 1.27 -0.72 18.74
CA ALA D 173 2.70 -0.67 18.97
C ALA D 173 3.06 -1.42 20.25
N PRO D 174 4.26 -1.99 20.27
CA PRO D 174 4.79 -2.52 21.53
C PRO D 174 5.11 -1.43 22.53
N ILE D 175 5.26 -0.18 22.07
CA ILE D 175 5.60 0.96 22.89
C ILE D 175 4.50 1.99 22.70
N VAL D 176 3.44 1.86 23.45
CA VAL D 176 2.28 2.72 23.27
C VAL D 176 2.42 3.99 24.08
N PHE D 177 1.82 5.07 23.59
CA PHE D 177 1.79 6.35 24.28
C PHE D 177 0.61 6.35 25.25
N GLU D 178 0.88 6.70 26.49
CA GLU D 178 -0.21 6.92 27.44
C GLU D 178 -0.75 8.33 27.25
N SER D 179 -1.57 8.46 26.21
CA SER D 179 -2.19 9.73 25.90
C SER D 179 -2.80 10.35 27.15
N LYS D 180 -2.80 11.68 27.20
CA LYS D 180 -3.30 12.47 28.33
C LYS D 180 -2.44 12.35 29.59
N LEU D 181 -1.59 11.33 29.68
CA LEU D 181 -0.74 11.16 30.86
C LEU D 181 0.62 11.79 30.59
N ARG D 182 0.65 13.11 30.77
CA ARG D 182 1.83 13.90 30.46
C ARG D 182 1.70 15.27 31.12
N GLY D 183 2.82 15.99 31.15
CA GLY D 183 2.85 17.35 31.64
C GLY D 183 3.95 18.16 30.98
N SER D 184 3.63 19.37 30.54
CA SER D 184 4.57 20.23 29.84
C SER D 184 4.78 21.52 30.62
N HIS D 185 5.98 22.10 30.47
CA HIS D 185 6.29 23.40 31.04
C HIS D 185 7.14 24.17 30.04
N MET D 186 6.79 25.43 29.81
CA MET D 186 7.44 26.22 28.77
C MET D 186 7.52 27.67 29.21
N ALA D 187 8.68 28.31 29.01
CA ALA D 187 8.84 29.72 29.37
C ALA D 187 9.88 30.35 28.45
N HIS D 188 10.07 31.67 28.61
CA HIS D 188 11.10 32.42 27.88
C HIS D 188 12.27 32.63 28.83
N VAL D 189 13.35 31.88 28.63
CA VAL D 189 14.53 31.98 29.46
C VAL D 189 15.77 32.00 28.58
N TYR D 190 16.84 32.61 29.09
CA TYR D 190 18.11 32.70 28.37
C TYR D 190 19.18 31.85 29.03
N ASP D 191 18.92 30.57 29.22
CA ASP D 191 19.88 29.71 29.90
C ASP D 191 20.89 29.07 28.95
N PHE D 192 20.55 28.92 27.67
CA PHE D 192 21.45 28.29 26.71
C PHE D 192 20.87 28.53 25.33
N TYR D 193 21.70 29.02 24.41
CA TYR D 193 21.22 29.46 23.10
C TYR D 193 22.42 29.74 22.20
N LYS D 194 22.18 29.69 20.89
CA LYS D 194 23.19 29.90 19.86
C LYS D 194 22.89 31.19 19.11
N PRO D 195 23.27 32.34 19.68
CA PRO D 195 22.87 33.62 19.10
C PRO D 195 23.80 34.16 18.04
N ASN D 196 24.99 33.56 17.92
CA ASN D 196 25.98 33.92 16.93
C ASN D 196 25.82 32.92 15.79
N LEU D 197 25.21 33.36 14.69
CA LEU D 197 24.90 32.42 13.63
C LEU D 197 26.15 32.01 12.87
N ALA D 198 27.24 32.77 13.01
CA ALA D 198 28.50 32.39 12.38
C ALA D 198 29.20 31.27 13.14
N SER D 199 29.11 31.27 14.46
CA SER D 199 29.78 30.27 15.29
C SER D 199 28.84 29.13 15.60
N GLU D 200 29.39 27.92 15.64
CA GLU D 200 28.68 26.68 15.96
C GLU D 200 28.58 26.44 17.45
N TYR D 201 29.15 27.31 18.28
CA TYR D 201 29.19 27.13 19.72
C TYR D 201 28.15 27.99 20.41
N PRO D 202 27.51 27.46 21.45
CA PRO D 202 26.49 28.23 22.17
C PRO D 202 27.10 29.00 23.32
N VAL D 203 26.43 30.11 23.67
CA VAL D 203 26.70 30.80 24.93
C VAL D 203 25.87 30.14 26.03
N VAL D 204 26.49 29.94 27.19
CA VAL D 204 25.85 29.27 28.31
C VAL D 204 25.81 30.24 29.49
N ASP D 205 24.65 30.35 30.13
CA ASP D 205 24.39 31.20 31.29
C ASP D 205 24.43 30.28 32.52
N GLY D 206 25.63 30.06 33.06
CA GLY D 206 25.92 29.07 34.07
C GLY D 206 24.94 28.74 35.19
N LYS D 207 24.61 29.67 36.08
CA LYS D 207 23.64 29.35 37.12
C LYS D 207 22.18 29.59 36.72
N LEU D 208 21.89 30.20 35.58
CA LEU D 208 20.48 30.22 35.18
C LEU D 208 20.05 28.88 34.61
N SER D 209 21.03 28.06 34.18
CA SER D 209 20.74 26.72 33.70
C SER D 209 20.06 25.86 34.77
N GLN D 210 20.70 25.74 35.95
CA GLN D 210 20.11 24.97 37.03
C GLN D 210 18.69 25.45 37.37
N THR D 211 18.52 26.76 37.62
CA THR D 211 17.21 27.27 37.98
C THR D 211 16.15 26.87 36.95
N CYS D 212 16.47 26.99 35.66
CA CYS D 212 15.48 26.71 34.62
C CYS D 212 15.19 25.21 34.51
N TYR D 213 16.25 24.39 34.46
CA TYR D 213 16.07 22.95 34.37
C TYR D 213 15.21 22.40 35.50
N LEU D 214 15.42 22.89 36.73
CA LEU D 214 14.62 22.43 37.86
C LEU D 214 13.18 22.91 37.78
N MET D 215 12.98 24.23 37.60
CA MET D 215 11.62 24.78 37.47
C MET D 215 10.80 24.01 36.44
N ALA D 216 11.43 23.58 35.34
CA ALA D 216 10.71 22.83 34.34
C ALA D 216 10.39 21.42 34.82
N LEU D 217 11.40 20.70 35.31
CA LEU D 217 11.17 19.36 35.83
C LEU D 217 10.19 19.39 36.99
N ASP D 218 10.26 20.42 37.82
CA ASP D 218 9.28 20.59 38.88
C ASP D 218 7.87 20.78 38.31
N SER D 219 7.66 21.85 37.53
CA SER D 219 6.34 22.16 37.01
C SER D 219 5.78 21.02 36.16
N CYS D 220 6.65 20.36 35.39
CA CYS D 220 6.19 19.23 34.57
C CYS D 220 5.73 18.08 35.45
N TYR D 221 6.51 17.74 36.47
CA TYR D 221 6.13 16.67 37.38
C TYR D 221 4.79 16.93 38.03
N LYS D 222 4.55 18.17 38.47
CA LYS D 222 3.27 18.51 39.09
C LYS D 222 2.12 18.29 38.12
N HIS D 223 2.31 18.72 36.87
CA HIS D 223 1.25 18.62 35.86
C HIS D 223 0.93 17.18 35.54
N LEU D 224 1.95 16.32 35.43
CA LEU D 224 1.70 14.90 35.23
C LEU D 224 0.97 14.31 36.43
N CYS D 225 1.44 14.65 37.64
CA CYS D 225 0.78 14.17 38.86
C CYS D 225 -0.66 14.67 38.96
N ASN D 226 -0.92 15.89 38.49
CA ASN D 226 -2.31 16.40 38.48
C ASN D 226 -3.20 15.64 37.55
N LYS D 227 -2.66 15.16 36.48
CA LYS D 227 -3.54 14.51 35.54
C LYS D 227 -3.65 13.02 35.77
N PHE D 228 -2.65 12.40 36.39
CA PHE D 228 -2.73 10.99 36.74
C PHE D 228 -3.88 10.68 37.68
N GLU D 229 -4.15 11.55 38.66
CA GLU D 229 -5.18 11.21 39.64
C GLU D 229 -6.56 11.38 39.03
N LYS D 230 -6.73 12.26 38.03
CA LYS D 230 -8.01 12.35 37.36
C LYS D 230 -8.20 11.22 36.34
N LEU D 231 -7.19 10.35 36.15
CA LEU D 231 -7.26 9.16 35.28
C LEU D 231 -7.61 7.87 36.05
N GLU D 232 -6.90 7.53 37.12
CA GLU D 232 -7.25 6.36 37.93
C GLU D 232 -7.55 6.71 39.39
N GLY D 233 -7.76 7.97 39.73
CA GLY D 233 -8.29 8.21 41.05
C GLY D 233 -7.25 8.19 42.17
N LYS D 234 -6.09 7.57 41.97
CA LYS D 234 -5.04 7.46 42.97
C LYS D 234 -4.00 8.57 42.87
N GLU D 235 -3.24 8.78 43.94
CA GLU D 235 -2.10 9.69 43.85
C GLU D 235 -0.91 9.04 43.17
N PHE D 236 -0.11 9.89 42.54
CA PHE D 236 1.07 9.45 41.82
C PHE D 236 2.33 9.59 42.66
N SER D 237 3.24 8.63 42.49
CA SER D 237 4.51 8.56 43.19
C SER D 237 5.51 7.95 42.24
N ILE D 238 6.80 8.00 42.63
CA ILE D 238 7.84 7.35 41.86
C ILE D 238 7.55 5.87 41.65
N ASN D 239 6.70 5.28 42.49
CA ASN D 239 6.41 3.85 42.40
C ASN D 239 5.23 3.51 41.51
N ASP D 240 4.47 4.51 41.03
CA ASP D 240 3.41 4.28 40.06
C ASP D 240 3.91 4.32 38.62
N ALA D 241 5.21 4.18 38.43
CA ALA D 241 5.83 3.99 37.12
C ALA D 241 7.02 3.08 37.35
N ASP D 242 7.32 2.22 36.39
CA ASP D 242 8.40 1.28 36.66
C ASP D 242 9.76 1.87 36.37
N TYR D 243 9.92 2.61 35.26
CA TYR D 243 11.24 3.07 34.87
C TYR D 243 11.14 4.52 34.41
N PHE D 244 12.18 5.30 34.72
CA PHE D 244 12.23 6.71 34.39
C PHE D 244 13.36 7.00 33.42
N VAL D 245 13.05 7.76 32.37
CA VAL D 245 14.00 8.07 31.31
C VAL D 245 14.10 9.59 31.21
N PHE D 246 15.32 10.10 31.11
CA PHE D 246 15.58 11.53 31.13
C PHE D 246 16.41 11.99 29.94
N HIS D 247 16.22 13.25 29.58
CA HIS D 247 17.21 13.98 28.80
C HIS D 247 18.59 13.80 29.44
N SER D 248 19.57 13.38 28.63
CA SER D 248 20.85 12.89 29.15
C SER D 248 22.05 13.62 28.55
N PRO D 249 22.19 14.93 28.82
CA PRO D 249 23.41 15.62 28.35
C PRO D 249 24.67 15.12 29.03
N TYR D 250 24.60 14.79 30.32
CA TYR D 250 25.63 14.01 30.98
C TYR D 250 24.96 13.29 32.14
N ASN D 251 25.62 12.24 32.64
CA ASN D 251 24.94 11.30 33.53
C ASN D 251 24.60 11.92 34.88
N LYS D 252 25.51 12.70 35.47
CA LYS D 252 25.22 13.19 36.83
C LYS D 252 24.04 14.13 36.84
N LEU D 253 23.74 14.76 35.71
CA LEU D 253 22.52 15.54 35.63
C LEU D 253 21.30 14.64 35.64
N VAL D 254 21.41 13.44 35.06
CA VAL D 254 20.31 12.51 35.11
C VAL D 254 20.10 11.99 36.53
N GLN D 255 21.21 11.72 37.23
CA GLN D 255 21.15 11.30 38.62
C GLN D 255 20.29 12.23 39.47
N LYS D 256 20.65 13.52 39.49
CA LYS D 256 19.90 14.49 40.28
C LYS D 256 18.50 14.72 39.73
N SER D 257 18.35 14.69 38.40
CA SER D 257 17.01 14.86 37.83
C SER D 257 16.05 13.86 38.45
N PHE D 258 16.51 12.63 38.62
CA PHE D 258 15.68 11.61 39.25
C PHE D 258 15.61 11.83 40.76
N ALA D 259 16.76 12.09 41.40
CA ALA D 259 16.77 12.45 42.81
C ALA D 259 15.83 13.62 43.08
N ARG D 260 15.76 14.57 42.16
CA ARG D 260 14.87 15.71 42.31
C ARG D 260 13.40 15.28 42.24
N LEU D 261 13.12 14.21 41.50
CA LEU D 261 11.75 13.70 41.46
C LEU D 261 11.32 13.21 42.83
N LEU D 262 12.24 12.65 43.62
CA LEU D 262 11.87 12.21 44.95
C LEU D 262 11.63 13.37 45.90
N TYR D 263 12.44 14.42 45.80
CA TYR D 263 12.21 15.58 46.64
C TYR D 263 10.81 16.15 46.43
N ASN D 264 10.33 16.11 45.18
CA ASN D 264 8.98 16.59 44.91
C ASN D 264 7.90 15.64 45.45
N ASP D 265 8.20 14.34 45.56
CA ASP D 265 7.24 13.46 46.22
C ASP D 265 7.29 13.62 47.73
N PHE D 266 8.44 13.98 48.28
CA PHE D 266 8.51 14.28 49.70
C PHE D 266 7.65 15.48 50.04
N LEU D 267 7.58 16.50 49.16
CA LEU D 267 6.83 17.69 49.52
C LEU D 267 5.33 17.46 49.64
N ARG D 268 4.81 16.29 49.21
CA ARG D 268 3.44 15.88 49.51
C ARG D 268 3.37 14.46 50.06
N ASN D 269 4.52 13.83 50.31
CA ASN D 269 4.64 12.53 50.98
C ASN D 269 3.67 11.48 50.44
N ALA D 270 3.98 11.02 49.24
CA ALA D 270 3.25 9.93 48.60
C ALA D 270 3.82 8.61 49.12
N SER D 271 3.21 7.50 48.71
CA SER D 271 3.62 6.16 49.14
C SER D 271 5.08 5.86 48.81
N SER D 272 5.75 6.80 48.16
CA SER D 272 7.16 6.67 47.79
C SER D 272 8.09 7.05 48.93
N ILE D 273 7.62 7.74 49.96
CA ILE D 273 8.47 8.23 51.03
C ILE D 273 8.46 7.22 52.16
N ASP D 274 9.59 6.56 52.37
CA ASP D 274 9.74 5.63 53.48
C ASP D 274 9.79 6.41 54.80
N GLU D 275 9.74 5.67 55.90
CA GLU D 275 9.75 6.34 57.18
C GLU D 275 11.11 6.95 57.53
N ALA D 276 12.22 6.29 57.17
CA ALA D 276 13.54 6.81 57.48
C ALA D 276 13.85 8.11 56.74
N ALA D 277 13.37 8.24 55.49
CA ALA D 277 13.65 9.41 54.66
C ALA D 277 12.70 10.60 54.84
N LYS D 278 11.54 10.41 55.47
CA LYS D 278 10.66 11.55 55.70
C LYS D 278 11.35 12.61 56.53
N GLU D 279 12.23 12.19 57.44
CA GLU D 279 13.03 13.07 58.30
C GLU D 279 14.40 13.45 57.77
N LYS D 280 15.06 12.65 56.92
CA LYS D 280 16.34 13.11 56.42
C LYS D 280 16.14 14.32 55.50
N PHE D 281 14.99 14.37 54.84
CA PHE D 281 14.59 15.53 54.05
C PHE D 281 14.10 16.67 54.93
N THR D 282 13.43 16.37 56.04
CA THR D 282 12.68 17.40 56.74
C THR D 282 13.51 18.61 57.21
N PRO D 283 14.83 18.53 57.44
CA PRO D 283 15.59 19.77 57.67
C PRO D 283 15.53 20.75 56.51
N TYR D 284 15.16 20.30 55.31
CA TYR D 284 15.18 21.14 54.12
C TYR D 284 13.79 21.52 53.62
N SER D 285 12.74 21.29 54.39
CA SER D 285 11.40 21.61 53.92
C SER D 285 10.92 23.01 54.27
N SER D 286 11.68 23.76 55.09
CA SER D 286 11.32 25.16 55.35
C SER D 286 11.98 26.12 54.37
N LEU D 287 12.64 25.61 53.35
CA LEU D 287 13.22 26.45 52.32
C LEU D 287 12.13 26.92 51.35
N SER D 288 12.25 28.15 50.88
CA SER D 288 11.42 28.54 49.75
C SER D 288 11.90 27.79 48.50
N LEU D 289 11.09 27.84 47.46
CA LEU D 289 11.45 27.12 46.24
C LEU D 289 12.61 27.80 45.53
N ASP D 290 12.85 29.08 45.81
CA ASP D 290 14.02 29.77 45.30
C ASP D 290 15.31 29.19 45.88
N GLU D 291 15.31 28.91 47.19
CA GLU D 291 16.50 28.36 47.83
C GLU D 291 16.71 26.90 47.47
N SER D 292 15.61 26.17 47.27
CA SER D 292 15.69 24.76 46.86
C SER D 292 16.59 24.58 45.64
N TYR D 293 16.50 25.49 44.66
CA TYR D 293 17.24 25.32 43.42
C TYR D 293 18.74 25.39 43.64
N GLN D 294 19.18 26.19 44.62
CA GLN D 294 20.60 26.47 44.82
C GLN D 294 21.18 25.81 46.07
N SER D 295 20.35 25.18 46.88
CA SER D 295 20.84 24.56 48.11
C SER D 295 21.63 23.33 47.72
N ARG D 296 22.95 23.45 47.71
CA ARG D 296 23.77 22.30 47.33
C ARG D 296 23.74 21.18 48.35
N ASP D 297 23.08 21.36 49.50
CA ASP D 297 22.94 20.26 50.45
C ASP D 297 21.71 19.40 50.21
N LEU D 298 20.57 20.01 49.86
CA LEU D 298 19.38 19.21 49.54
C LEU D 298 19.62 18.37 48.31
N GLU D 299 20.38 18.91 47.36
CA GLU D 299 20.85 18.12 46.22
C GLU D 299 21.71 16.95 46.70
N LYS D 300 22.66 17.22 47.61
CA LYS D 300 23.51 16.13 48.07
C LYS D 300 22.70 15.12 48.84
N VAL D 301 21.69 15.59 49.57
CA VAL D 301 20.86 14.67 50.34
C VAL D 301 19.96 13.85 49.41
N SER D 302 19.25 14.52 48.48
CA SER D 302 18.27 13.83 47.65
C SER D 302 18.90 12.73 46.80
N GLN D 303 20.08 12.98 46.23
CA GLN D 303 20.73 11.95 45.45
C GLN D 303 21.11 10.77 46.31
N GLN D 304 21.38 10.99 47.60
CA GLN D 304 21.81 9.89 48.48
C GLN D 304 20.64 8.95 48.84
N LEU D 305 19.41 9.49 49.05
CA LEU D 305 18.29 8.63 49.46
C LEU D 305 17.60 7.92 48.30
N ALA D 306 17.89 8.33 47.07
CA ALA D 306 17.30 7.76 45.87
C ALA D 306 18.21 6.75 45.18
N LYS D 307 19.42 6.50 45.70
CA LYS D 307 20.37 5.65 44.96
C LYS D 307 19.81 4.25 44.74
N THR D 308 19.08 3.72 45.72
CA THR D 308 18.48 2.40 45.55
C THR D 308 17.41 2.43 44.45
N TYR D 309 16.57 3.47 44.45
CA TYR D 309 15.60 3.64 43.36
C TYR D 309 16.29 3.88 42.02
N TYR D 310 17.36 4.70 42.02
CA TYR D 310 18.03 5.01 40.75
C TYR D 310 18.57 3.74 40.10
N ASP D 311 19.19 2.86 40.89
CA ASP D 311 19.74 1.63 40.33
C ASP D 311 18.66 0.73 39.76
N ALA D 312 17.41 0.91 40.20
CA ALA D 312 16.30 0.08 39.76
C ALA D 312 15.48 0.73 38.66
N LYS D 313 15.33 2.07 38.69
CA LYS D 313 14.44 2.75 37.77
C LYS D 313 15.13 3.70 36.81
N VAL D 314 16.46 3.83 36.84
CA VAL D 314 17.13 4.78 35.94
C VAL D 314 18.40 4.18 35.38
N GLN D 315 19.10 3.38 36.17
CA GLN D 315 20.40 2.86 35.74
C GLN D 315 20.32 2.12 34.41
N PRO D 316 19.28 1.33 34.10
CA PRO D 316 19.23 0.72 32.76
C PRO D 316 19.07 1.70 31.62
N THR D 317 18.59 2.92 31.90
CA THR D 317 18.37 3.94 30.88
C THR D 317 19.63 4.73 30.51
N THR D 318 20.82 4.28 30.89
CA THR D 318 22.02 5.11 30.79
C THR D 318 23.11 4.57 29.86
N LEU D 319 22.98 3.34 29.34
CA LEU D 319 24.11 2.70 28.66
C LEU D 319 24.69 3.57 27.54
N VAL D 320 23.94 3.84 26.47
CA VAL D 320 24.52 4.63 25.37
C VAL D 320 24.83 6.07 25.78
N PRO D 321 23.98 6.80 26.54
CA PRO D 321 24.36 8.17 26.89
C PRO D 321 25.68 8.25 27.63
N LYS D 322 25.98 7.25 28.45
CA LYS D 322 27.26 7.19 29.14
C LYS D 322 28.41 6.89 28.19
N GLN D 323 28.14 6.29 27.02
CA GLN D 323 29.17 5.86 26.10
C GLN D 323 29.14 6.57 24.73
N VAL D 324 28.18 7.47 24.52
CA VAL D 324 28.15 8.38 23.38
C VAL D 324 28.24 9.84 23.81
N GLY D 325 27.53 10.22 24.86
CA GLY D 325 27.57 11.61 25.24
C GLY D 325 26.26 12.33 25.06
N ASN D 326 26.30 13.66 24.96
CA ASN D 326 25.06 14.40 24.81
C ASN D 326 24.67 14.39 23.34
N MET D 327 23.49 13.87 23.07
CA MET D 327 22.98 13.74 21.72
C MET D 327 21.83 14.71 21.47
N TYR D 328 21.64 15.68 22.36
CA TYR D 328 20.64 16.72 22.19
C TYR D 328 19.26 16.12 21.98
N THR D 329 18.65 16.41 20.82
CA THR D 329 17.33 15.89 20.50
C THR D 329 17.27 14.36 20.63
N ALA D 330 18.39 13.67 20.45
CA ALA D 330 18.41 12.21 20.49
C ALA D 330 18.77 11.62 21.85
N SER D 331 19.20 12.43 22.82
CA SER D 331 19.64 11.89 24.10
C SER D 331 18.50 11.14 24.80
N LEU D 332 17.32 11.77 24.90
CA LEU D 332 16.17 11.16 25.56
C LEU D 332 15.84 9.81 24.95
N TYR D 333 16.01 9.67 23.65
CA TYR D 333 15.59 8.46 22.95
C TYR D 333 16.73 7.47 22.82
N ALA D 334 17.98 7.91 22.98
CA ALA D 334 19.03 6.95 23.23
C ALA D 334 18.87 6.34 24.61
N ALA D 335 18.38 7.13 25.57
CA ALA D 335 18.06 6.63 26.91
C ALA D 335 16.91 5.61 26.85
N PHE D 336 15.91 5.85 26.03
CA PHE D 336 14.87 4.83 25.85
C PHE D 336 15.41 3.60 25.13
N ALA D 337 16.23 3.80 24.09
CA ALA D 337 16.92 2.68 23.46
C ALA D 337 17.83 2.02 24.45
N SER D 338 18.31 2.83 25.40
CA SER D 338 19.23 2.41 26.43
C SER D 338 18.55 1.35 27.31
N LEU D 339 17.27 1.53 27.57
CA LEU D 339 16.45 0.62 28.36
C LEU D 339 15.99 -0.62 27.58
N VAL D 340 15.73 -0.48 26.27
CA VAL D 340 15.27 -1.64 25.50
C VAL D 340 16.37 -2.66 25.35
N HIS D 341 17.60 -2.21 25.03
CA HIS D 341 18.68 -3.18 24.85
C HIS D 341 18.97 -3.92 26.13
N ASN D 342 18.86 -3.24 27.27
CA ASN D 342 19.23 -3.95 28.48
C ASN D 342 18.07 -4.77 29.03
N LYS D 343 16.80 -4.42 28.81
CA LYS D 343 15.89 -5.38 29.42
C LYS D 343 14.65 -5.61 28.54
N HIS D 344 14.73 -5.61 27.20
CA HIS D 344 13.50 -5.95 26.48
C HIS D 344 12.85 -7.22 27.01
N SER D 345 13.65 -8.16 27.53
CA SER D 345 13.13 -9.48 27.81
C SER D 345 12.04 -9.44 28.86
N ASP D 346 12.05 -8.46 29.75
CA ASP D 346 11.12 -8.38 30.88
C ASP D 346 10.12 -7.24 30.81
N LEU D 347 10.16 -6.42 29.77
CA LEU D 347 9.60 -5.08 29.88
C LEU D 347 8.11 -5.06 29.58
N ALA D 348 7.52 -6.19 29.21
CA ALA D 348 6.08 -6.28 28.96
C ALA D 348 5.27 -5.84 30.17
N GLY D 349 4.27 -5.01 29.92
CA GLY D 349 3.36 -4.58 30.95
C GLY D 349 3.82 -3.37 31.73
N LYS D 350 5.05 -2.91 31.53
CA LYS D 350 5.60 -1.87 32.39
C LYS D 350 5.19 -0.47 31.90
N ARG D 351 5.35 0.51 32.80
CA ARG D 351 5.11 1.90 32.46
C ARG D 351 6.46 2.62 32.47
N VAL D 352 6.70 3.43 31.46
CA VAL D 352 7.95 4.18 31.34
C VAL D 352 7.60 5.66 31.27
N VAL D 353 8.17 6.44 32.19
CA VAL D 353 7.93 7.87 32.24
C VAL D 353 9.14 8.52 31.57
N MET D 354 8.88 9.47 30.67
CA MET D 354 9.91 10.02 29.81
C MET D 354 9.93 11.53 30.01
N PHE D 355 11.12 12.10 30.17
CA PHE D 355 11.27 13.53 30.42
C PHE D 355 12.15 14.15 29.35
N SER D 356 11.64 15.19 28.71
CA SER D 356 12.30 15.87 27.63
C SER D 356 12.55 17.32 28.02
N TYR D 357 13.74 17.82 27.72
CA TYR D 357 14.05 19.20 28.04
C TYR D 357 14.80 19.82 26.87
N GLY D 358 14.49 21.09 26.60
CA GLY D 358 15.32 21.90 25.75
C GLY D 358 15.46 23.29 26.34
N ALA D 359 16.69 23.81 26.37
CA ALA D 359 16.93 25.16 26.88
C ALA D 359 16.19 26.18 26.02
N GLY D 360 15.70 27.24 26.66
CA GLY D 360 14.90 28.20 25.94
C GLY D 360 13.67 28.82 26.62
N SER D 361 12.81 28.04 27.27
CA SER D 361 12.92 26.59 27.41
C SER D 361 11.60 25.88 27.13
N THR D 362 11.71 24.61 26.73
CA THR D 362 10.57 23.78 26.40
C THR D 362 10.76 22.42 27.07
N ALA D 363 9.70 21.90 27.67
CA ALA D 363 9.83 20.67 28.45
C ALA D 363 8.51 19.92 28.45
N THR D 364 8.61 18.59 28.54
CA THR D 364 7.44 17.75 28.65
C THR D 364 7.85 16.42 29.28
N MET D 365 7.10 15.99 30.29
CA MET D 365 7.23 14.63 30.80
C MET D 365 5.96 13.86 30.44
N PHE D 366 6.14 12.72 29.77
CA PHE D 366 5.03 11.93 29.28
C PHE D 366 5.26 10.46 29.62
N SER D 367 4.18 9.70 29.61
CA SER D 367 4.19 8.32 30.10
C SER D 367 3.97 7.34 28.97
N LEU D 368 4.68 6.21 29.03
CA LEU D 368 4.58 5.10 28.10
C LEU D 368 4.21 3.82 28.81
N ARG D 369 3.36 2.99 28.18
CA ARG D 369 3.18 1.60 28.59
C ARG D 369 3.58 0.69 27.45
N LEU D 370 4.36 -0.33 27.80
CA LEU D 370 4.91 -1.28 26.84
C LEU D 370 4.04 -2.52 26.80
N CYS D 371 3.85 -3.04 25.60
CA CYS D 371 3.00 -4.20 25.38
C CYS D 371 3.76 -5.33 24.71
N GLU D 372 3.41 -6.54 25.15
CA GLU D 372 3.53 -7.74 24.36
C GLU D 372 3.01 -7.58 22.92
N ASN D 373 3.91 -7.77 21.95
CA ASN D 373 3.60 -7.78 20.52
C ASN D 373 4.50 -8.82 19.84
N GLN D 374 4.51 -8.84 18.50
CA GLN D 374 5.28 -9.88 17.83
C GLN D 374 5.99 -9.27 16.62
N SER D 375 7.07 -9.92 16.17
CA SER D 375 7.96 -9.43 15.13
C SER D 375 7.20 -9.02 13.86
N PRO D 376 7.67 -7.98 13.15
CA PRO D 376 8.95 -7.34 13.50
C PRO D 376 8.85 -6.28 14.60
N PHE D 377 7.63 -5.89 14.95
CA PHE D 377 7.40 -4.76 15.86
C PHE D 377 7.21 -5.23 17.30
N SER D 378 8.22 -5.89 17.88
CA SER D 378 8.14 -6.17 19.30
C SER D 378 9.51 -6.01 19.94
N LEU D 379 9.47 -5.73 21.24
CA LEU D 379 10.63 -5.29 22.00
C LEU D 379 11.82 -6.22 21.83
N SER D 380 11.58 -7.52 21.67
CA SER D 380 12.71 -8.43 21.52
C SER D 380 13.41 -8.21 20.19
N ASN D 381 12.64 -7.95 19.14
CA ASN D 381 13.24 -7.77 17.84
C ASN D 381 13.87 -6.40 17.70
N ILE D 382 13.32 -5.40 18.40
CA ILE D 382 13.92 -4.07 18.38
C ILE D 382 15.34 -4.11 18.94
N ALA D 383 15.50 -4.71 20.13
CA ALA D 383 16.84 -4.84 20.71
C ALA D 383 17.78 -5.63 19.83
N SER D 384 17.27 -6.65 19.13
CA SER D 384 18.07 -7.40 18.17
C SER D 384 18.56 -6.51 17.03
N VAL D 385 17.64 -5.79 16.39
CA VAL D 385 17.97 -5.02 15.19
C VAL D 385 18.78 -3.78 15.52
N MET D 386 18.44 -3.06 16.58
CA MET D 386 19.27 -1.95 17.00
C MET D 386 20.69 -2.42 17.31
N ASP D 387 20.80 -3.61 17.89
CA ASP D 387 22.07 -4.26 18.17
C ASP D 387 23.03 -3.30 18.89
N VAL D 388 22.50 -2.61 19.92
CA VAL D 388 23.28 -1.60 20.62
C VAL D 388 24.57 -2.20 21.17
N GLY D 389 24.50 -3.41 21.72
CA GLY D 389 25.70 -4.07 22.21
C GLY D 389 26.72 -4.25 21.10
N GLY D 390 26.26 -4.66 19.92
CA GLY D 390 27.17 -4.80 18.80
C GLY D 390 27.62 -3.45 18.27
N LYS D 391 26.77 -2.43 18.40
CA LYS D 391 27.17 -1.08 17.99
C LYS D 391 28.30 -0.54 18.85
N LEU D 392 28.25 -0.81 20.16
CA LEU D 392 29.25 -0.29 21.07
C LEU D 392 30.58 -1.01 20.90
N LYS D 393 30.51 -2.30 20.58
CA LYS D 393 31.70 -3.14 20.53
C LYS D 393 32.56 -2.80 19.31
N ALA D 394 31.96 -2.13 18.32
CA ALA D 394 32.54 -1.77 17.03
C ALA D 394 33.09 -0.35 16.99
N ARG D 395 33.33 0.25 18.15
CA ARG D 395 33.92 1.58 18.17
C ARG D 395 35.40 1.47 17.91
N HIS D 396 36.01 2.58 17.51
CA HIS D 396 37.41 2.52 17.15
C HIS D 396 38.00 3.81 17.73
N GLU D 397 39.00 3.70 18.60
CA GLU D 397 39.38 4.84 19.45
C GLU D 397 40.39 5.80 18.84
N TYR D 398 40.16 7.09 19.07
CA TYR D 398 41.13 8.15 18.80
C TYR D 398 41.91 8.49 20.07
N ALA D 399 43.19 8.86 19.88
CA ALA D 399 43.96 9.44 20.98
C ALA D 399 43.54 10.89 21.21
N PRO D 400 43.54 11.36 22.44
CA PRO D 400 43.03 12.72 22.71
C PRO D 400 43.64 13.86 21.90
N GLU D 401 44.87 13.73 21.41
CA GLU D 401 45.44 14.79 20.58
C GLU D 401 45.01 14.60 19.15
N LYS D 402 44.68 13.35 18.87
CA LYS D 402 44.17 12.91 17.58
C LYS D 402 42.74 13.39 17.38
N PHE D 403 41.96 13.44 18.47
CA PHE D 403 40.60 13.97 18.51
C PHE D 403 40.56 15.50 18.41
N VAL D 404 41.55 16.19 19.00
CA VAL D 404 41.59 17.65 18.95
C VAL D 404 41.92 18.13 17.55
N GLU D 405 42.73 17.36 16.82
CA GLU D 405 43.01 17.68 15.44
C GLU D 405 41.75 17.58 14.59
N THR D 406 40.91 16.58 14.86
CA THR D 406 39.64 16.44 14.17
C THR D 406 38.68 17.58 14.53
N MET D 407 38.60 17.93 15.82
CA MET D 407 37.59 18.90 16.21
C MET D 407 37.91 20.29 15.71
N LYS D 408 39.17 20.54 15.40
CA LYS D 408 39.56 21.78 14.76
C LYS D 408 39.38 21.74 13.25
N LEU D 409 39.29 20.56 12.65
CA LEU D 409 38.97 20.49 11.23
C LEU D 409 37.51 20.79 10.95
N MET D 410 36.59 20.24 11.76
CA MET D 410 35.17 20.50 11.57
C MET D 410 34.85 21.98 11.74
N GLU D 411 35.57 22.59 12.67
CA GLU D 411 35.30 23.95 13.10
C GLU D 411 35.50 24.91 11.94
N HIS D 412 36.56 24.70 11.19
CA HIS D 412 36.82 25.48 10.00
C HIS D 412 36.01 25.00 8.81
N ARG D 413 35.38 23.84 8.93
CA ARG D 413 34.47 23.36 7.92
C ARG D 413 33.05 23.86 8.16
N TYR D 414 32.81 24.53 9.29
CA TYR D 414 31.47 24.96 9.64
C TYR D 414 31.07 26.14 8.77
N GLY D 415 29.97 25.99 8.03
CA GLY D 415 29.54 27.01 7.11
C GLY D 415 30.51 27.25 5.97
N ALA D 416 31.40 26.30 5.69
CA ALA D 416 32.42 26.47 4.67
C ALA D 416 31.95 25.86 3.36
N LYS D 417 32.45 26.42 2.26
CA LYS D 417 32.08 25.97 0.93
C LYS D 417 33.33 25.47 0.20
N GLU D 418 33.08 24.77 -0.90
CA GLU D 418 34.08 24.47 -1.93
C GLU D 418 35.30 23.77 -1.31
N PHE D 419 35.08 22.50 -0.98
CA PHE D 419 36.12 21.62 -0.48
C PHE D 419 35.67 20.18 -0.67
N VAL D 420 36.64 19.29 -0.70
CA VAL D 420 36.36 17.86 -0.72
C VAL D 420 37.02 17.25 0.50
N THR D 421 36.35 16.26 1.08
CA THR D 421 36.78 15.67 2.32
C THR D 421 37.87 14.64 2.07
N SER D 422 38.75 14.47 3.05
CA SER D 422 39.87 13.54 2.92
C SER D 422 39.47 12.19 3.49
N LYS D 423 39.13 11.28 2.59
CA LYS D 423 38.55 10.00 2.95
C LYS D 423 39.56 8.98 3.39
N GLU D 424 40.79 9.27 3.11
CA GLU D 424 41.87 8.36 3.42
C GLU D 424 42.06 8.22 4.91
N GLY D 425 42.10 6.97 5.43
CA GLY D 425 42.26 6.61 6.84
C GLY D 425 40.98 6.70 7.70
N ILE D 426 40.15 7.67 7.33
CA ILE D 426 38.91 7.95 8.07
C ILE D 426 37.75 7.06 7.60
N LEU D 427 37.53 6.97 6.28
CA LEU D 427 36.42 6.19 5.73
C LEU D 427 36.58 4.70 6.01
N ASP D 428 37.80 4.26 6.25
CA ASP D 428 38.04 2.87 6.62
C ASP D 428 37.33 2.51 7.91
N LEU D 429 37.25 3.45 8.85
CA LEU D 429 36.66 3.18 10.16
C LEU D 429 35.14 3.19 10.13
N LEU D 430 34.54 3.68 9.05
CA LEU D 430 33.10 3.67 8.90
C LEU D 430 32.64 2.28 8.50
N ALA D 431 31.49 1.87 9.00
CA ALA D 431 30.97 0.57 8.66
C ALA D 431 30.61 0.54 7.17
N PRO D 432 30.58 -0.64 6.56
CA PRO D 432 30.19 -0.70 5.15
C PRO D 432 28.73 -0.32 4.97
N GLY D 433 28.46 0.44 3.90
CA GLY D 433 27.12 0.90 3.61
C GLY D 433 26.71 2.17 4.33
N THR D 434 27.49 2.64 5.30
CA THR D 434 27.16 3.91 5.92
C THR D 434 27.38 5.06 4.94
N TYR D 435 26.56 6.09 5.09
CA TYR D 435 26.71 7.30 4.32
C TYR D 435 27.80 8.18 4.92
N TYR D 436 28.35 9.04 4.07
CA TYR D 436 29.46 9.90 4.44
C TYR D 436 29.43 11.09 3.50
N LEU D 437 29.97 12.20 3.99
CA LEU D 437 29.98 13.39 3.17
C LEU D 437 31.17 13.31 2.24
N LYS D 438 30.95 13.56 0.96
CA LYS D 438 32.07 13.60 0.05
C LYS D 438 32.62 15.01 -0.09
N GLU D 439 31.73 16.02 -0.13
CA GLU D 439 32.00 17.13 -1.04
C GLU D 439 30.94 18.18 -0.90
N VAL D 440 31.37 19.44 -0.87
CA VAL D 440 30.44 20.58 -0.99
C VAL D 440 30.99 21.60 -2.00
N ASP D 441 30.14 22.01 -2.95
CA ASP D 441 30.60 22.78 -4.10
C ASP D 441 30.64 24.29 -3.83
N SER D 442 30.96 25.04 -4.88
CA SER D 442 31.05 26.49 -4.83
C SER D 442 29.75 27.16 -4.41
N LEU D 443 28.63 26.43 -4.37
CA LEU D 443 27.34 27.00 -4.04
C LEU D 443 26.76 26.43 -2.76
N TYR D 444 27.60 25.83 -1.91
CA TYR D 444 27.26 25.19 -0.64
C TYR D 444 26.45 23.91 -0.80
N ARG D 445 26.09 23.51 -2.02
CA ARG D 445 25.36 22.26 -2.20
C ARG D 445 26.23 21.11 -1.71
N ARG D 446 25.59 20.14 -1.06
CA ARG D 446 26.30 19.08 -0.37
C ARG D 446 26.02 17.73 -1.03
N PHE D 447 27.04 16.90 -1.14
CA PHE D 447 26.93 15.62 -1.82
C PHE D 447 27.48 14.51 -0.94
N TYR D 448 26.73 13.44 -0.85
CA TYR D 448 27.01 12.33 0.05
C TYR D 448 27.15 11.05 -0.76
N GLY D 449 27.96 10.13 -0.22
CA GLY D 449 28.16 8.83 -0.80
C GLY D 449 27.80 7.74 0.21
N LYS D 450 28.05 6.50 -0.19
CA LYS D 450 27.77 5.36 0.66
C LYS D 450 28.84 4.31 0.41
N LYS D 451 29.12 3.50 1.41
CA LYS D 451 30.09 2.42 1.29
C LYS D 451 29.47 1.04 1.17
N1A ACO E . -4.09 -43.76 18.90
C2A ACO E . -4.45 -42.43 18.90
N3A ACO E . -3.62 -41.54 18.31
C4A ACO E . -2.48 -41.93 17.70
C5A ACO E . -2.14 -43.23 17.68
C6A ACO E . -2.97 -44.15 18.30
N6A ACO E . -2.96 -45.60 18.51
N7A ACO E . -0.97 -43.35 17.02
C8A ACO E . -0.59 -42.12 16.63
N9A ACO E . -1.53 -41.24 17.06
C1B ACO E . -1.59 -39.84 16.86
C2B ACO E . -0.41 -39.21 16.83
O2B ACO E . 0.00 -38.77 18.17
C3B ACO E . -0.73 -37.98 15.96
O3B ACO E . -1.44 -37.12 16.69
P3B ACO E . -1.05 -35.53 16.72
O7A ACO E . -0.88 -35.00 15.35
O8A ACO E . -2.21 -34.76 17.43
O9A ACO E . 0.27 -35.35 17.52
C4B ACO E . -1.70 -38.56 14.83
O4B ACO E . -2.23 -39.63 15.34
C5B ACO E . -0.96 -38.90 13.55
O5B ACO E . 0.19 -39.62 13.84
P1A ACO E . 1.51 -39.36 12.82
O1A ACO E . 2.55 -40.44 13.04
O2A ACO E . 2.10 -37.99 13.02
O3A ACO E . 0.93 -39.41 11.29
P2A ACO E . 1.43 -40.56 10.13
O4A ACO E . 2.88 -40.91 10.33
O5A ACO E . 0.55 -41.80 10.23
O6A ACO E . 1.16 -39.78 8.64
CBP ACO E . -0.45 -38.00 8.23
CCP ACO E . -0.16 -39.49 8.38
CDP ACO E . 0.51 -37.18 9.11
CEP ACO E . -1.90 -37.70 8.74
CAP ACO E . -0.30 -37.55 6.75
OAP ACO E . 0.98 -37.80 6.29
C9P ACO E . -1.34 -38.21 5.78
O9P ACO E . -1.95 -39.22 6.08
N8P ACO E . -1.62 -37.63 4.47
C7P ACO E . -0.95 -36.43 3.99
C6P ACO E . -1.73 -35.92 2.78
C5P ACO E . -2.81 -34.88 3.29
O5P ACO E . -3.91 -34.89 2.89
N4P ACO E . -2.38 -33.87 4.31
C3P ACO E . -3.32 -32.87 4.82
C2P ACO E . -2.57 -31.51 4.69
S1P ACO E . -3.56 -30.26 3.84
C ACO E . -3.73 -30.64 2.07
O ACO E . -4.29 -29.86 1.35
CH3 ACO E . -3.17 -31.92 1.49
N1A ACO F . -1.01 -24.22 -51.30
C2A ACO F . -2.02 -23.41 -50.82
N3A ACO F . -3.01 -23.95 -50.09
C4A ACO F . -3.02 -25.28 -49.83
C5A ACO F . -2.05 -26.07 -50.30
C6A ACO F . -1.03 -25.51 -51.05
N6A ACO F . 0.16 -26.05 -51.71
N7A ACO F . -2.29 -27.34 -49.90
C8A ACO F . -3.42 -27.33 -49.17
N9A ACO F . -3.88 -26.07 -49.15
C1B ACO F . -5.02 -25.59 -48.45
C2B ACO F . -6.13 -26.33 -48.54
O2B ACO F . -6.94 -25.84 -49.66
C3B ACO F . -6.84 -25.97 -47.21
O3B ACO F . -7.37 -24.77 -47.29
P3B ACO F . -8.98 -24.57 -47.44
O7A ACO F . -9.65 -24.93 -46.17
O8A ACO F . -9.50 -25.50 -48.58
O9A ACO F . -9.26 -23.07 -47.76
C4B ACO F . -5.66 -25.79 -46.14
O4B ACO F . -4.57 -25.66 -46.86
C5B ACO F . -5.57 -26.94 -45.15
O5B ACO F . -5.01 -28.09 -45.70
P1A ACO F . -5.86 -29.50 -45.38
O1A ACO F . -5.53 -30.51 -46.46
O2A ACO F . -7.32 -29.18 -45.38
O3A ACO F . -5.49 -30.16 -43.92
P2A ACO F . -3.92 -30.72 -43.47
O4A ACO F . -3.84 -32.23 -43.57
O5A ACO F . -2.86 -30.09 -44.34
O6A ACO F . -3.73 -30.25 -41.84
CBP ACO F . -5.29 -28.76 -40.82
CCP ACO F . -4.89 -30.21 -41.10
CDP ACO F . -6.67 -28.48 -41.44
CEP ACO F . -4.26 -27.78 -41.45
CAP ACO F . -5.42 -28.55 -39.29
OAP ACO F . -6.49 -29.33 -38.89
C9P ACO F . -4.12 -28.90 -38.49
O9P ACO F . -3.07 -29.14 -39.02
N8P ACO F . -4.10 -28.92 -37.03
C7P ACO F . -5.28 -28.64 -36.25
C6P ACO F . -5.20 -27.20 -35.72
C5P ACO F . -5.79 -27.30 -34.27
O5P ACO F . -5.14 -27.79 -33.44
N4P ACO F . -7.18 -26.81 -33.98
C3P ACO F . -7.69 -26.95 -32.61
C2P ACO F . -6.85 -26.06 -31.64
S1P ACO F . -7.26 -24.36 -32.07
C ACO F . -9.05 -24.21 -31.98
O ACO F . -9.77 -24.42 -32.92
CH3 ACO F . -9.60 -23.82 -30.64
P1 A3P G . 6.56 37.48 -17.20
O1P A3P G . 7.72 36.52 -17.03
O2P A3P G . 5.59 36.95 -18.17
O3P A3P G . 5.91 37.68 -15.88
P2 A3P G . 6.83 44.74 -17.88
O4P A3P G . 5.35 44.47 -17.83
O5P A3P G . 7.12 46.04 -17.17
O6P A3P G . 7.27 44.87 -19.31
O5' A3P G . 7.65 43.47 -17.15
C5' A3P G . 7.00 42.24 -17.04
C4' A3P G . 7.95 41.02 -17.33
O4' A3P G . 9.38 41.29 -16.77
C3' A3P G . 7.51 39.95 -16.74
O3' A3P G . 7.17 38.93 -17.73
C2' A3P G . 8.74 39.45 -15.73
O2' A3P G . 8.85 37.99 -15.51
C1' A3P G . 9.80 39.85 -16.31
N9 A3P G . 10.93 39.83 -15.34
C8 A3P G . 10.52 40.41 -14.19
N7 A3P G . 11.52 40.37 -13.34
C5 A3P G . 12.56 39.79 -13.95
C6 A3P G . 13.82 39.51 -13.51
N6 A3P G . 14.56 39.71 -12.29
N1 A3P G . 14.67 38.91 -14.30
C2 A3P G . 14.31 38.56 -15.56
N3 A3P G . 13.06 38.83 -16.00
C4 A3P G . 12.20 39.44 -15.19
#